data_1NEP
# 
_entry.id   1NEP 
# 
_audit_conform.dict_name       mmcif_pdbx.dic 
_audit_conform.dict_version    5.399 
_audit_conform.dict_location   http://mmcif.pdb.org/dictionaries/ascii/mmcif_pdbx.dic 
# 
loop_
_database_2.database_id 
_database_2.database_code 
_database_2.pdbx_database_accession 
_database_2.pdbx_DOI 
PDB   1NEP         pdb_00001nep 10.2210/pdb1nep/pdb 
RCSB  RCSB017809   ?            ?                   
WWPDB D_1000017809 ?            ?                   
# 
loop_
_pdbx_audit_revision_history.ordinal 
_pdbx_audit_revision_history.data_content_type 
_pdbx_audit_revision_history.major_revision 
_pdbx_audit_revision_history.minor_revision 
_pdbx_audit_revision_history.revision_date 
1 'Structure model' 1 0 2003-01-28 
2 'Structure model' 1 1 2008-04-28 
3 'Structure model' 1 2 2011-07-13 
4 'Structure model' 1 3 2011-11-16 
5 'Structure model' 1 4 2020-07-29 
6 'Structure model' 1 5 2024-11-20 
# 
loop_
_pdbx_audit_revision_details.ordinal 
_pdbx_audit_revision_details.revision_ordinal 
_pdbx_audit_revision_details.data_content_type 
_pdbx_audit_revision_details.provider 
_pdbx_audit_revision_details.type 
_pdbx_audit_revision_details.description 
_pdbx_audit_revision_details.details 
1 1 'Structure model' repository 'Initial release' ?                          ? 
2 5 'Structure model' repository Remediation       'Carbohydrate remediation' ? 
# 
loop_
_pdbx_audit_revision_group.ordinal 
_pdbx_audit_revision_group.revision_ordinal 
_pdbx_audit_revision_group.data_content_type 
_pdbx_audit_revision_group.group 
1  2 'Structure model' 'Version format compliance' 
2  3 'Structure model' 'Non-polymer description'   
3  3 'Structure model' 'Version format compliance' 
4  4 'Structure model' 'Atomic model'              
5  5 'Structure model' Advisory                    
6  5 'Structure model' 'Data collection'           
7  5 'Structure model' 'Derived calculations'      
8  5 'Structure model' 'Structure summary'         
9  6 'Structure model' Advisory                    
10 6 'Structure model' 'Data collection'           
11 6 'Structure model' 'Database references'       
12 6 'Structure model' 'Structure summary'         
# 
loop_
_pdbx_audit_revision_category.ordinal 
_pdbx_audit_revision_category.revision_ordinal 
_pdbx_audit_revision_category.data_content_type 
_pdbx_audit_revision_category.category 
1  5 'Structure model' chem_comp                    
2  5 'Structure model' entity                       
3  5 'Structure model' pdbx_chem_comp_identifier    
4  5 'Structure model' pdbx_entity_nonpoly          
5  5 'Structure model' pdbx_unobs_or_zero_occ_atoms 
6  5 'Structure model' struct_conn                  
7  5 'Structure model' struct_site                  
8  5 'Structure model' struct_site_gen              
9  6 'Structure model' chem_comp                    
10 6 'Structure model' chem_comp_atom               
11 6 'Structure model' chem_comp_bond               
12 6 'Structure model' database_2                   
13 6 'Structure model' pdbx_entry_details           
14 6 'Structure model' pdbx_modification_feature    
15 6 'Structure model' pdbx_unobs_or_zero_occ_atoms 
# 
loop_
_pdbx_audit_revision_item.ordinal 
_pdbx_audit_revision_item.revision_ordinal 
_pdbx_audit_revision_item.data_content_type 
_pdbx_audit_revision_item.item 
1 5 'Structure model' '_chem_comp.name'                     
2 5 'Structure model' '_chem_comp.type'                     
3 5 'Structure model' '_entity.pdbx_description'            
4 5 'Structure model' '_pdbx_entity_nonpoly.name'           
5 5 'Structure model' '_struct_conn.pdbx_leaving_atom_flag' 
6 5 'Structure model' '_struct_conn.pdbx_role'              
7 6 'Structure model' '_chem_comp.pdbx_synonyms'            
8 6 'Structure model' '_database_2.pdbx_DOI'                
9 6 'Structure model' '_database_2.pdbx_database_accession' 
# 
_pdbx_database_status.status_code                     REL 
_pdbx_database_status.entry_id                        1NEP 
_pdbx_database_status.recvd_initial_deposition_date   2002-12-11 
_pdbx_database_status.deposit_site                    RCSB 
_pdbx_database_status.process_site                    RCSB 
_pdbx_database_status.status_code_sf                  REL 
_pdbx_database_status.SG_entry                        . 
_pdbx_database_status.pdb_format_compatible           Y 
_pdbx_database_status.status_code_mr                  ? 
_pdbx_database_status.status_code_cs                  ? 
_pdbx_database_status.status_code_nmr_data            ? 
_pdbx_database_status.methods_development_category    ? 
# 
loop_
_audit_author.name 
_audit_author.pdbx_ordinal 
'Friedland, N.' 1 
'Liou, H.-L.'   2 
'Lobel, P.'     3 
'Stock, A.M.'   4 
# 
_citation.id                        primary 
_citation.title                     'Structure of a Cholesterol-binding Protein Deficient in Niemann-Pick Type C2 Disease' 
_citation.journal_abbrev            Proc.Natl.Acad.Sci.USA 
_citation.journal_volume            100 
_citation.page_first                2512 
_citation.page_last                 2517 
_citation.year                      2003 
_citation.journal_id_ASTM           PNASA6 
_citation.country                   US 
_citation.journal_id_ISSN           0027-8424 
_citation.journal_id_CSD            0040 
_citation.book_publisher            ? 
_citation.pdbx_database_id_PubMed   12591954 
_citation.pdbx_database_id_DOI      10.1073/pnas.0437840100 
# 
loop_
_citation_author.citation_id 
_citation_author.name 
_citation_author.ordinal 
_citation_author.identifier_ORCID 
primary 'Friedland, N.' 1 ? 
primary 'Liou, H.-L.'   2 ? 
primary 'Lobel, P.'     3 ? 
primary 'Stock, A.M.'   4 ? 
# 
loop_
_entity.id 
_entity.type 
_entity.src_method 
_entity.pdbx_description 
_entity.formula_weight 
_entity.pdbx_number_of_molecules 
_entity.pdbx_ec 
_entity.pdbx_mutation 
_entity.pdbx_fragment 
_entity.details 
1 polymer     nat 'Epididymal secretory protein E1'        14632.744 1   ? ? ? ? 
2 non-polymer man 2-acetamido-2-deoxy-beta-D-glucopyranose 221.208   1   ? ? ? ? 
3 non-polymer syn 'PHOSPHATE ION'                          94.971    1   ? ? ? ? 
4 water       nat water                                    18.015    101 ? ? ? ? 
# 
_entity_name_com.entity_id   1 
_entity_name_com.name        'EPV20, bNPC2' 
# 
_entity_poly.entity_id                      1 
_entity_poly.type                           'polypeptide(L)' 
_entity_poly.nstd_linkage                   no 
_entity_poly.nstd_monomer                   no 
_entity_poly.pdbx_seq_one_letter_code       
;EPVKFKDCGSWVGVIKEVNVSPCPTQPCKLHRGQSYSVNVTFTSNTQSQSSKAVVHGIVMGIPVPFPIPESDGCKSGIRC
PIEKDKTYNYVNKLPVKNEYPSIKVVVEWELTDDKNQRFFCWQIPIEVEA
;
_entity_poly.pdbx_seq_one_letter_code_can   
;EPVKFKDCGSWVGVIKEVNVSPCPTQPCKLHRGQSYSVNVTFTSNTQSQSSKAVVHGIVMGIPVPFPIPESDGCKSGIRC
PIEKDKTYNYVNKLPVKNEYPSIKVVVEWELTDDKNQRFFCWQIPIEVEA
;
_entity_poly.pdbx_strand_id                 A 
_entity_poly.pdbx_target_identifier         ? 
# 
loop_
_pdbx_entity_nonpoly.entity_id 
_pdbx_entity_nonpoly.name 
_pdbx_entity_nonpoly.comp_id 
2 2-acetamido-2-deoxy-beta-D-glucopyranose NAG 
3 'PHOSPHATE ION'                          PO4 
4 water                                    HOH 
# 
loop_
_entity_poly_seq.entity_id 
_entity_poly_seq.num 
_entity_poly_seq.mon_id 
_entity_poly_seq.hetero 
1 1   GLU n 
1 2   PRO n 
1 3   VAL n 
1 4   LYS n 
1 5   PHE n 
1 6   LYS n 
1 7   ASP n 
1 8   CYS n 
1 9   GLY n 
1 10  SER n 
1 11  TRP n 
1 12  VAL n 
1 13  GLY n 
1 14  VAL n 
1 15  ILE n 
1 16  LYS n 
1 17  GLU n 
1 18  VAL n 
1 19  ASN n 
1 20  VAL n 
1 21  SER n 
1 22  PRO n 
1 23  CYS n 
1 24  PRO n 
1 25  THR n 
1 26  GLN n 
1 27  PRO n 
1 28  CYS n 
1 29  LYS n 
1 30  LEU n 
1 31  HIS n 
1 32  ARG n 
1 33  GLY n 
1 34  GLN n 
1 35  SER n 
1 36  TYR n 
1 37  SER n 
1 38  VAL n 
1 39  ASN n 
1 40  VAL n 
1 41  THR n 
1 42  PHE n 
1 43  THR n 
1 44  SER n 
1 45  ASN n 
1 46  THR n 
1 47  GLN n 
1 48  SER n 
1 49  GLN n 
1 50  SER n 
1 51  SER n 
1 52  LYS n 
1 53  ALA n 
1 54  VAL n 
1 55  VAL n 
1 56  HIS n 
1 57  GLY n 
1 58  ILE n 
1 59  VAL n 
1 60  MET n 
1 61  GLY n 
1 62  ILE n 
1 63  PRO n 
1 64  VAL n 
1 65  PRO n 
1 66  PHE n 
1 67  PRO n 
1 68  ILE n 
1 69  PRO n 
1 70  GLU n 
1 71  SER n 
1 72  ASP n 
1 73  GLY n 
1 74  CYS n 
1 75  LYS n 
1 76  SER n 
1 77  GLY n 
1 78  ILE n 
1 79  ARG n 
1 80  CYS n 
1 81  PRO n 
1 82  ILE n 
1 83  GLU n 
1 84  LYS n 
1 85  ASP n 
1 86  LYS n 
1 87  THR n 
1 88  TYR n 
1 89  ASN n 
1 90  TYR n 
1 91  VAL n 
1 92  ASN n 
1 93  LYS n 
1 94  LEU n 
1 95  PRO n 
1 96  VAL n 
1 97  LYS n 
1 98  ASN n 
1 99  GLU n 
1 100 TYR n 
1 101 PRO n 
1 102 SER n 
1 103 ILE n 
1 104 LYS n 
1 105 VAL n 
1 106 VAL n 
1 107 VAL n 
1 108 GLU n 
1 109 TRP n 
1 110 GLU n 
1 111 LEU n 
1 112 THR n 
1 113 ASP n 
1 114 ASP n 
1 115 LYS n 
1 116 ASN n 
1 117 GLN n 
1 118 ARG n 
1 119 PHE n 
1 120 PHE n 
1 121 CYS n 
1 122 TRP n 
1 123 GLN n 
1 124 ILE n 
1 125 PRO n 
1 126 ILE n 
1 127 GLU n 
1 128 VAL n 
1 129 GLU n 
1 130 ALA n 
# 
_entity_src_nat.entity_id                  1 
_entity_src_nat.pdbx_src_id                1 
_entity_src_nat.pdbx_alt_source_flag       sample 
_entity_src_nat.pdbx_beg_seq_num           ? 
_entity_src_nat.pdbx_end_seq_num           ? 
_entity_src_nat.common_name                cattle 
_entity_src_nat.pdbx_organism_scientific   'Bos taurus' 
_entity_src_nat.pdbx_ncbi_taxonomy_id      9913 
_entity_src_nat.genus                      Bos 
_entity_src_nat.species                    ? 
_entity_src_nat.strain                     ? 
_entity_src_nat.tissue                     ? 
_entity_src_nat.tissue_fraction            ? 
_entity_src_nat.pdbx_secretion             ? 
_entity_src_nat.pdbx_fragment              ? 
_entity_src_nat.pdbx_variant               ? 
_entity_src_nat.pdbx_cell_line             ? 
_entity_src_nat.pdbx_atcc                  ? 
_entity_src_nat.pdbx_cellular_location     ? 
_entity_src_nat.pdbx_organ                 ? 
_entity_src_nat.pdbx_organelle             ? 
_entity_src_nat.pdbx_cell                  ? 
_entity_src_nat.pdbx_plasmid_name          ? 
_entity_src_nat.pdbx_plasmid_details       ? 
_entity_src_nat.details                    ? 
# 
loop_
_chem_comp.id 
_chem_comp.type 
_chem_comp.mon_nstd_flag 
_chem_comp.name 
_chem_comp.pdbx_synonyms 
_chem_comp.formula 
_chem_comp.formula_weight 
ALA 'L-peptide linking'          y ALANINE                                  ? 'C3 H7 N O2'     89.093  
ARG 'L-peptide linking'          y ARGININE                                 ? 'C6 H15 N4 O2 1' 175.209 
ASN 'L-peptide linking'          y ASPARAGINE                               ? 'C4 H8 N2 O3'    132.118 
ASP 'L-peptide linking'          y 'ASPARTIC ACID'                          ? 'C4 H7 N O4'     133.103 
CYS 'L-peptide linking'          y CYSTEINE                                 ? 'C3 H7 N O2 S'   121.158 
GLN 'L-peptide linking'          y GLUTAMINE                                ? 'C5 H10 N2 O3'   146.144 
GLU 'L-peptide linking'          y 'GLUTAMIC ACID'                          ? 'C5 H9 N O4'     147.129 
GLY 'peptide linking'            y GLYCINE                                  ? 'C2 H5 N O2'     75.067  
HIS 'L-peptide linking'          y HISTIDINE                                ? 'C6 H10 N3 O2 1' 156.162 
HOH non-polymer                  . WATER                                    ? 'H2 O'           18.015  
ILE 'L-peptide linking'          y ISOLEUCINE                               ? 'C6 H13 N O2'    131.173 
LEU 'L-peptide linking'          y LEUCINE                                  ? 'C6 H13 N O2'    131.173 
LYS 'L-peptide linking'          y LYSINE                                   ? 'C6 H15 N2 O2 1' 147.195 
MET 'L-peptide linking'          y METHIONINE                               ? 'C5 H11 N O2 S'  149.211 
NAG 'D-saccharide, beta linking' . 2-acetamido-2-deoxy-beta-D-glucopyranose 
;N-acetyl-beta-D-glucosamine; 2-acetamido-2-deoxy-beta-D-glucose; 2-acetamido-2-deoxy-D-glucose; 2-acetamido-2-deoxy-glucose; N-ACETYL-D-GLUCOSAMINE
;
'C8 H15 N O6'    221.208 
PHE 'L-peptide linking'          y PHENYLALANINE                            ? 'C9 H11 N O2'    165.189 
PO4 non-polymer                  . 'PHOSPHATE ION'                          ? 'O4 P -3'        94.971  
PRO 'L-peptide linking'          y PROLINE                                  ? 'C5 H9 N O2'     115.130 
SER 'L-peptide linking'          y SERINE                                   ? 'C3 H7 N O3'     105.093 
THR 'L-peptide linking'          y THREONINE                                ? 'C4 H9 N O3'     119.119 
TRP 'L-peptide linking'          y TRYPTOPHAN                               ? 'C11 H12 N2 O2'  204.225 
TYR 'L-peptide linking'          y TYROSINE                                 ? 'C9 H11 N O3'    181.189 
VAL 'L-peptide linking'          y VALINE                                   ? 'C5 H11 N O2'    117.146 
# 
loop_
_pdbx_chem_comp_identifier.comp_id 
_pdbx_chem_comp_identifier.type 
_pdbx_chem_comp_identifier.program 
_pdbx_chem_comp_identifier.program_version 
_pdbx_chem_comp_identifier.identifier 
NAG 'CONDENSED IUPAC CARBOHYDRATE SYMBOL' GMML     1.0 DGlcpNAcb                      
NAG 'COMMON NAME'                         GMML     1.0 N-acetyl-b-D-glucopyranosamine 
NAG 'IUPAC CARBOHYDRATE SYMBOL'           PDB-CARE 1.0 b-D-GlcpNAc                    
NAG 'SNFG CARBOHYDRATE SYMBOL'            GMML     1.0 GlcNAc                         
# 
loop_
_pdbx_poly_seq_scheme.asym_id 
_pdbx_poly_seq_scheme.entity_id 
_pdbx_poly_seq_scheme.seq_id 
_pdbx_poly_seq_scheme.mon_id 
_pdbx_poly_seq_scheme.ndb_seq_num 
_pdbx_poly_seq_scheme.pdb_seq_num 
_pdbx_poly_seq_scheme.auth_seq_num 
_pdbx_poly_seq_scheme.pdb_mon_id 
_pdbx_poly_seq_scheme.auth_mon_id 
_pdbx_poly_seq_scheme.pdb_strand_id 
_pdbx_poly_seq_scheme.pdb_ins_code 
_pdbx_poly_seq_scheme.hetero 
A 1 1   GLU 1   1   1   GLU GLU A . n 
A 1 2   PRO 2   2   2   PRO PRO A . n 
A 1 3   VAL 3   3   3   VAL VAL A . n 
A 1 4   LYS 4   4   4   LYS LYS A . n 
A 1 5   PHE 5   5   5   PHE PHE A . n 
A 1 6   LYS 6   6   6   LYS LYS A . n 
A 1 7   ASP 7   7   7   ASP ASP A . n 
A 1 8   CYS 8   8   8   CYS CYS A . n 
A 1 9   GLY 9   9   9   GLY GLY A . n 
A 1 10  SER 10  10  10  SER SER A . n 
A 1 11  TRP 11  11  11  TRP TRP A . n 
A 1 12  VAL 12  12  12  VAL VAL A . n 
A 1 13  GLY 13  13  13  GLY GLY A . n 
A 1 14  VAL 14  14  14  VAL VAL A . n 
A 1 15  ILE 15  15  15  ILE ILE A . n 
A 1 16  LYS 16  16  16  LYS LYS A . n 
A 1 17  GLU 17  17  17  GLU GLU A . n 
A 1 18  VAL 18  18  18  VAL VAL A . n 
A 1 19  ASN 19  19  19  ASN ASN A . n 
A 1 20  VAL 20  20  20  VAL VAL A . n 
A 1 21  SER 21  21  21  SER SER A . n 
A 1 22  PRO 22  22  22  PRO PRO A . n 
A 1 23  CYS 23  23  23  CYS CYS A . n 
A 1 24  PRO 24  24  24  PRO PRO A . n 
A 1 25  THR 25  25  25  THR THR A . n 
A 1 26  GLN 26  26  26  GLN GLN A . n 
A 1 27  PRO 27  27  27  PRO PRO A . n 
A 1 28  CYS 28  28  28  CYS CYS A . n 
A 1 29  LYS 29  29  29  LYS LYS A . n 
A 1 30  LEU 30  30  30  LEU LEU A . n 
A 1 31  HIS 31  31  31  HIS HIS A . n 
A 1 32  ARG 32  32  32  ARG ARG A . n 
A 1 33  GLY 33  33  33  GLY GLY A . n 
A 1 34  GLN 34  34  34  GLN GLN A . n 
A 1 35  SER 35  35  35  SER SER A . n 
A 1 36  TYR 36  36  36  TYR TYR A . n 
A 1 37  SER 37  37  37  SER SER A . n 
A 1 38  VAL 38  38  38  VAL VAL A . n 
A 1 39  ASN 39  39  39  ASN ASN A . n 
A 1 40  VAL 40  40  40  VAL VAL A . n 
A 1 41  THR 41  41  41  THR THR A . n 
A 1 42  PHE 42  42  42  PHE PHE A . n 
A 1 43  THR 43  43  43  THR THR A . n 
A 1 44  SER 44  44  44  SER SER A . n 
A 1 45  ASN 45  45  45  ASN ASN A . n 
A 1 46  THR 46  46  46  THR THR A . n 
A 1 47  GLN 47  47  47  GLN GLN A . n 
A 1 48  SER 48  48  48  SER SER A . n 
A 1 49  GLN 49  49  49  GLN GLN A . n 
A 1 50  SER 50  50  50  SER SER A . n 
A 1 51  SER 51  51  51  SER SER A . n 
A 1 52  LYS 52  52  52  LYS LYS A . n 
A 1 53  ALA 53  53  53  ALA ALA A . n 
A 1 54  VAL 54  54  54  VAL VAL A . n 
A 1 55  VAL 55  55  55  VAL VAL A . n 
A 1 56  HIS 56  56  56  HIS HIS A . n 
A 1 57  GLY 57  57  57  GLY GLY A . n 
A 1 58  ILE 58  58  58  ILE ILE A . n 
A 1 59  VAL 59  59  59  VAL VAL A . n 
A 1 60  MET 60  60  60  MET MET A . n 
A 1 61  GLY 61  61  61  GLY GLY A . n 
A 1 62  ILE 62  62  62  ILE ILE A . n 
A 1 63  PRO 63  63  63  PRO PRO A . n 
A 1 64  VAL 64  64  64  VAL VAL A . n 
A 1 65  PRO 65  65  65  PRO PRO A . n 
A 1 66  PHE 66  66  66  PHE PHE A . n 
A 1 67  PRO 67  67  67  PRO PRO A . n 
A 1 68  ILE 68  68  68  ILE ILE A . n 
A 1 69  PRO 69  69  69  PRO PRO A . n 
A 1 70  GLU 70  70  70  GLU GLU A . n 
A 1 71  SER 71  71  71  SER SER A . n 
A 1 72  ASP 72  72  72  ASP ASP A . n 
A 1 73  GLY 73  73  73  GLY GLY A . n 
A 1 74  CYS 74  74  74  CYS CYS A . n 
A 1 75  LYS 75  75  75  LYS LYS A . n 
A 1 76  SER 76  76  76  SER SER A . n 
A 1 77  GLY 77  77  77  GLY GLY A . n 
A 1 78  ILE 78  78  78  ILE ILE A . n 
A 1 79  ARG 79  79  79  ARG ARG A . n 
A 1 80  CYS 80  80  80  CYS CYS A . n 
A 1 81  PRO 81  81  81  PRO PRO A . n 
A 1 82  ILE 82  82  82  ILE ILE A . n 
A 1 83  GLU 83  83  83  GLU GLU A . n 
A 1 84  LYS 84  84  84  LYS LYS A . n 
A 1 85  ASP 85  85  85  ASP ASP A . n 
A 1 86  LYS 86  86  86  LYS LYS A . n 
A 1 87  THR 87  87  87  THR THR A . n 
A 1 88  TYR 88  88  88  TYR TYR A . n 
A 1 89  ASN 89  89  89  ASN ASN A . n 
A 1 90  TYR 90  90  90  TYR TYR A . n 
A 1 91  VAL 91  91  91  VAL VAL A . n 
A 1 92  ASN 92  92  92  ASN ASN A . n 
A 1 93  LYS 93  93  93  LYS LYS A . n 
A 1 94  LEU 94  94  94  LEU LEU A . n 
A 1 95  PRO 95  95  95  PRO PRO A . n 
A 1 96  VAL 96  96  96  VAL VAL A . n 
A 1 97  LYS 97  97  97  LYS LYS A . n 
A 1 98  ASN 98  98  98  ASN ASN A . n 
A 1 99  GLU 99  99  99  GLU GLU A . n 
A 1 100 TYR 100 100 100 TYR TYR A . n 
A 1 101 PRO 101 101 101 PRO PRO A . n 
A 1 102 SER 102 102 102 SER SER A . n 
A 1 103 ILE 103 103 103 ILE ILE A . n 
A 1 104 LYS 104 104 104 LYS LYS A . n 
A 1 105 VAL 105 105 105 VAL VAL A . n 
A 1 106 VAL 106 106 106 VAL VAL A . n 
A 1 107 VAL 107 107 107 VAL VAL A . n 
A 1 108 GLU 108 108 108 GLU GLU A . n 
A 1 109 TRP 109 109 109 TRP TRP A . n 
A 1 110 GLU 110 110 110 GLU GLU A . n 
A 1 111 LEU 111 111 111 LEU LEU A . n 
A 1 112 THR 112 112 112 THR THR A . n 
A 1 113 ASP 113 113 113 ASP ASP A . n 
A 1 114 ASP 114 114 114 ASP ASP A . n 
A 1 115 LYS 115 115 115 LYS LYS A . n 
A 1 116 ASN 116 116 116 ASN ASN A . n 
A 1 117 GLN 117 117 117 GLN GLN A . n 
A 1 118 ARG 118 118 118 ARG ARG A . n 
A 1 119 PHE 119 119 119 PHE PHE A . n 
A 1 120 PHE 120 120 120 PHE PHE A . n 
A 1 121 CYS 121 121 121 CYS CYS A . n 
A 1 122 TRP 122 122 122 TRP TRP A . n 
A 1 123 GLN 123 123 123 GLN GLN A . n 
A 1 124 ILE 124 124 124 ILE ILE A . n 
A 1 125 PRO 125 125 125 PRO PRO A . n 
A 1 126 ILE 126 126 126 ILE ILE A . n 
A 1 127 GLU 127 127 127 GLU GLU A . n 
A 1 128 VAL 128 128 128 VAL VAL A . n 
A 1 129 GLU 129 129 129 GLU GLU A . n 
A 1 130 ALA 130 130 130 ALA ALA A . n 
# 
loop_
_pdbx_nonpoly_scheme.asym_id 
_pdbx_nonpoly_scheme.entity_id 
_pdbx_nonpoly_scheme.mon_id 
_pdbx_nonpoly_scheme.ndb_seq_num 
_pdbx_nonpoly_scheme.pdb_seq_num 
_pdbx_nonpoly_scheme.auth_seq_num 
_pdbx_nonpoly_scheme.pdb_mon_id 
_pdbx_nonpoly_scheme.auth_mon_id 
_pdbx_nonpoly_scheme.pdb_strand_id 
_pdbx_nonpoly_scheme.pdb_ins_code 
B 2 NAG 1   402 402 NAG NAG A . 
C 3 PO4 1   401 401 PO4 PO4 A . 
D 4 HOH 1   201 201 HOH HOH A . 
D 4 HOH 2   202 202 HOH HOH A . 
D 4 HOH 3   203 203 HOH HOH A . 
D 4 HOH 4   204 204 HOH HOH A . 
D 4 HOH 5   205 205 HOH HOH A . 
D 4 HOH 6   206 206 HOH HOH A . 
D 4 HOH 7   207 207 HOH HOH A . 
D 4 HOH 8   208 208 HOH HOH A . 
D 4 HOH 9   209 209 HOH HOH A . 
D 4 HOH 10  210 210 HOH HOH A . 
D 4 HOH 11  211 211 HOH HOH A . 
D 4 HOH 12  212 212 HOH HOH A . 
D 4 HOH 13  213 213 HOH HOH A . 
D 4 HOH 14  214 214 HOH HOH A . 
D 4 HOH 15  215 215 HOH HOH A . 
D 4 HOH 16  216 216 HOH HOH A . 
D 4 HOH 17  217 217 HOH HOH A . 
D 4 HOH 18  218 218 HOH HOH A . 
D 4 HOH 19  219 219 HOH HOH A . 
D 4 HOH 20  220 220 HOH HOH A . 
D 4 HOH 21  221 221 HOH HOH A . 
D 4 HOH 22  222 222 HOH HOH A . 
D 4 HOH 23  223 223 HOH HOH A . 
D 4 HOH 24  224 224 HOH HOH A . 
D 4 HOH 25  225 225 HOH HOH A . 
D 4 HOH 26  226 226 HOH HOH A . 
D 4 HOH 27  227 227 HOH HOH A . 
D 4 HOH 28  228 228 HOH HOH A . 
D 4 HOH 29  229 229 HOH HOH A . 
D 4 HOH 30  230 230 HOH HOH A . 
D 4 HOH 31  231 231 HOH HOH A . 
D 4 HOH 32  232 232 HOH HOH A . 
D 4 HOH 33  233 233 HOH HOH A . 
D 4 HOH 34  234 234 HOH HOH A . 
D 4 HOH 35  235 235 HOH HOH A . 
D 4 HOH 36  236 236 HOH HOH A . 
D 4 HOH 37  237 237 HOH HOH A . 
D 4 HOH 38  238 238 HOH HOH A . 
D 4 HOH 39  240 240 HOH HOH A . 
D 4 HOH 40  241 241 HOH HOH A . 
D 4 HOH 41  242 242 HOH HOH A . 
D 4 HOH 42  243 243 HOH HOH A . 
D 4 HOH 43  244 244 HOH HOH A . 
D 4 HOH 44  245 245 HOH HOH A . 
D 4 HOH 45  246 246 HOH HOH A . 
D 4 HOH 46  247 247 HOH HOH A . 
D 4 HOH 47  248 248 HOH HOH A . 
D 4 HOH 48  249 249 HOH HOH A . 
D 4 HOH 49  250 250 HOH HOH A . 
D 4 HOH 50  251 251 HOH HOH A . 
D 4 HOH 51  252 252 HOH HOH A . 
D 4 HOH 52  253 253 HOH HOH A . 
D 4 HOH 53  254 254 HOH HOH A . 
D 4 HOH 54  255 255 HOH HOH A . 
D 4 HOH 55  256 256 HOH HOH A . 
D 4 HOH 56  257 257 HOH HOH A . 
D 4 HOH 57  258 258 HOH HOH A . 
D 4 HOH 58  259 259 HOH HOH A . 
D 4 HOH 59  260 260 HOH HOH A . 
D 4 HOH 60  261 261 HOH HOH A . 
D 4 HOH 61  262 262 HOH HOH A . 
D 4 HOH 62  263 263 HOH HOH A . 
D 4 HOH 63  264 264 HOH HOH A . 
D 4 HOH 64  265 265 HOH HOH A . 
D 4 HOH 65  266 266 HOH HOH A . 
D 4 HOH 66  267 267 HOH HOH A . 
D 4 HOH 67  268 268 HOH HOH A . 
D 4 HOH 68  269 269 HOH HOH A . 
D 4 HOH 69  270 270 HOH HOH A . 
D 4 HOH 70  271 271 HOH HOH A . 
D 4 HOH 71  272 272 HOH HOH A . 
D 4 HOH 72  273 273 HOH HOH A . 
D 4 HOH 73  274 274 HOH HOH A . 
D 4 HOH 74  275 275 HOH HOH A . 
D 4 HOH 75  276 276 HOH HOH A . 
D 4 HOH 76  277 277 HOH HOH A . 
D 4 HOH 77  278 278 HOH HOH A . 
D 4 HOH 78  279 279 HOH HOH A . 
D 4 HOH 79  280 280 HOH HOH A . 
D 4 HOH 80  281 281 HOH HOH A . 
D 4 HOH 81  282 282 HOH HOH A . 
D 4 HOH 82  283 283 HOH HOH A . 
D 4 HOH 83  284 284 HOH HOH A . 
D 4 HOH 84  285 285 HOH HOH A . 
D 4 HOH 85  286 286 HOH HOH A . 
D 4 HOH 86  287 287 HOH HOH A . 
D 4 HOH 87  288 288 HOH HOH A . 
D 4 HOH 88  289 289 HOH HOH A . 
D 4 HOH 89  290 290 HOH HOH A . 
D 4 HOH 90  291 291 HOH HOH A . 
D 4 HOH 91  292 292 HOH HOH A . 
D 4 HOH 92  293 293 HOH HOH A . 
D 4 HOH 93  294 294 HOH HOH A . 
D 4 HOH 94  295 295 HOH HOH A . 
D 4 HOH 95  296 296 HOH HOH A . 
D 4 HOH 96  297 297 HOH HOH A . 
D 4 HOH 97  298 298 HOH HOH A . 
D 4 HOH 98  299 299 HOH HOH A . 
D 4 HOH 99  300 300 HOH HOH A . 
D 4 HOH 100 301 301 HOH HOH A . 
D 4 HOH 101 302 302 HOH HOH A . 
# 
loop_
_pdbx_unobs_or_zero_occ_atoms.id 
_pdbx_unobs_or_zero_occ_atoms.PDB_model_num 
_pdbx_unobs_or_zero_occ_atoms.polymer_flag 
_pdbx_unobs_or_zero_occ_atoms.occupancy_flag 
_pdbx_unobs_or_zero_occ_atoms.auth_asym_id 
_pdbx_unobs_or_zero_occ_atoms.auth_comp_id 
_pdbx_unobs_or_zero_occ_atoms.auth_seq_id 
_pdbx_unobs_or_zero_occ_atoms.PDB_ins_code 
_pdbx_unobs_or_zero_occ_atoms.auth_atom_id 
_pdbx_unobs_or_zero_occ_atoms.label_alt_id 
_pdbx_unobs_or_zero_occ_atoms.label_asym_id 
_pdbx_unobs_or_zero_occ_atoms.label_comp_id 
_pdbx_unobs_or_zero_occ_atoms.label_seq_id 
_pdbx_unobs_or_zero_occ_atoms.label_atom_id 
1 1 Y 0 A GLN 34 ? OE1 ? A GLN 34 OE1 
2 1 Y 0 A GLN 34 ? NE2 ? A GLN 34 NE2 
3 1 Y 0 A ARG 79 ? NE  ? A ARG 79 NE  
4 1 Y 0 A ARG 79 ? CZ  ? A ARG 79 CZ  
5 1 Y 0 A ARG 79 ? NH1 ? A ARG 79 NH1 
6 1 Y 0 A ARG 79 ? NH2 ? A ARG 79 NH2 
7 1 Y 0 A LYS 93 ? CE  ? A LYS 93 CE  
8 1 Y 0 A LYS 93 ? NZ  ? A LYS 93 NZ  
# 
loop_
_software.name 
_software.classification 
_software.version 
_software.citation_id 
_software.pdbx_ordinal 
DENZO     'data reduction' . ? 1 
SCALEPACK 'data scaling'   . ? 2 
CNS       refinement       . ? 3 
CNS       phasing          . ? 4 
# 
_cell.entry_id           1NEP 
_cell.length_a           100.157 
_cell.length_b           100.157 
_cell.length_c           100.157 
_cell.angle_alpha        90.00 
_cell.angle_beta         90.00 
_cell.angle_gamma        90.00 
_cell.Z_PDB              24 
_cell.pdbx_unique_axis   ? 
# 
_symmetry.entry_id                         1NEP 
_symmetry.space_group_name_H-M             'I 2 3' 
_symmetry.pdbx_full_space_group_name_H-M   ? 
_symmetry.cell_setting                     ? 
_symmetry.Int_Tables_number                197 
# 
_exptl.entry_id          1NEP 
_exptl.method            'X-RAY DIFFRACTION' 
_exptl.crystals_number   1 
# 
_exptl_crystal.id                    1 
_exptl_crystal.density_meas          ? 
_exptl_crystal.density_Matthews      2.61 
_exptl_crystal.density_percent_sol   52.49 
_exptl_crystal.description           ? 
# 
_exptl_crystal_grow.crystal_id      1 
_exptl_crystal_grow.method          'VAPOR DIFFUSION, HANGING DROP' 
_exptl_crystal_grow.temp            298 
_exptl_crystal_grow.temp_details    ? 
_exptl_crystal_grow.pH              7.5 
_exptl_crystal_grow.pdbx_details    'Tris, Ammonium phosphate, pH 7.5, VAPOR DIFFUSION, HANGING DROP, temperature 298K' 
_exptl_crystal_grow.pdbx_pH_range   ? 
# 
_diffrn.id                     1 
_diffrn.ambient_temp           100 
_diffrn.ambient_temp_details   ? 
_diffrn.crystal_id             1 
# 
_diffrn_detector.diffrn_id              1 
_diffrn_detector.detector               ? 
_diffrn_detector.type                   ? 
_diffrn_detector.pdbx_collection_date   2002-01-01 
_diffrn_detector.details                ? 
# 
_diffrn_radiation.diffrn_id                        1 
_diffrn_radiation.wavelength_id                    1 
_diffrn_radiation.pdbx_monochromatic_or_laue_m_l   M 
_diffrn_radiation.monochromator                    ? 
_diffrn_radiation.pdbx_diffrn_protocol             'SINGLE WAVELENGTH' 
_diffrn_radiation.pdbx_scattering_type             x-ray 
# 
_diffrn_radiation_wavelength.id           1 
_diffrn_radiation_wavelength.wavelength   1.06287 
_diffrn_radiation_wavelength.wt           1.0 
# 
_diffrn_source.diffrn_id                   1 
_diffrn_source.source                      SYNCHROTRON 
_diffrn_source.type                        'NSLS BEAMLINE X4A' 
_diffrn_source.pdbx_synchrotron_site       NSLS 
_diffrn_source.pdbx_synchrotron_beamline   X4A 
_diffrn_source.pdbx_wavelength             ? 
_diffrn_source.pdbx_wavelength_list        1.06287 
# 
_reflns.entry_id                     1NEP 
_reflns.observed_criterion_sigma_I   ? 
_reflns.observed_criterion_sigma_F   ? 
_reflns.d_resolution_low             19.64 
_reflns.d_resolution_high            1.40 
_reflns.number_obs                   32967 
_reflns.number_all                   ? 
_reflns.percent_possible_obs         ? 
_reflns.pdbx_Rmerge_I_obs            ? 
_reflns.pdbx_Rsym_value              ? 
_reflns.pdbx_netI_over_sigmaI        ? 
_reflns.B_iso_Wilson_estimate        10.9 
_reflns.pdbx_redundancy              ? 
_reflns.R_free_details               ? 
_reflns.limit_h_max                  ? 
_reflns.limit_h_min                  ? 
_reflns.limit_k_max                  ? 
_reflns.limit_k_min                  ? 
_reflns.limit_l_max                  ? 
_reflns.limit_l_min                  ? 
_reflns.observed_criterion_F_max     ? 
_reflns.observed_criterion_F_min     ? 
_reflns.pdbx_ordinal                 1 
_reflns.pdbx_diffrn_id               1 
# 
_refine.entry_id                                 1NEP 
_refine.ls_number_reflns_obs                     18475 
_refine.ls_number_reflns_all                     18534 
_refine.pdbx_ls_sigma_I                          ? 
_refine.pdbx_ls_sigma_F                          0 
_refine.pdbx_data_cutoff_high_absF               ? 
_refine.pdbx_data_cutoff_low_absF                ? 
_refine.ls_d_res_low                             19.64 
_refine.ls_d_res_high                            1.70 
_refine.ls_percent_reflns_obs                    99.7 
_refine.ls_R_factor_obs                          0.1945 
_refine.ls_R_factor_all                          ? 
_refine.ls_R_factor_R_work                       0.1945 
_refine.ls_R_factor_R_free                       0.2123 
_refine.ls_R_factor_R_free_error                 0.007 
_refine.ls_R_factor_R_free_error_details         ? 
_refine.ls_percent_reflns_R_free                 4.9 
_refine.ls_number_reflns_R_free                  901 
_refine.ls_number_parameters                     ? 
_refine.ls_number_restraints                     ? 
_refine.occupancy_min                            ? 
_refine.occupancy_max                            ? 
_refine.correlation_coeff_Fo_to_Fc               ? 
_refine.correlation_coeff_Fo_to_Fc_free          ? 
_refine.B_iso_mean                               12.1 
_refine.aniso_B[1][1]                            ? 
_refine.aniso_B[2][2]                            ? 
_refine.aniso_B[3][3]                            ? 
_refine.aniso_B[1][2]                            ? 
_refine.aniso_B[1][3]                            ? 
_refine.aniso_B[2][3]                            ? 
_refine.solvent_model_details                    'FLAT MODEL' 
_refine.solvent_model_param_ksol                 0.420042 
_refine.solvent_model_param_bsol                 51.9511 
_refine.pdbx_solvent_vdw_probe_radii             ? 
_refine.pdbx_solvent_ion_probe_radii             ? 
_refine.pdbx_solvent_shrinkage_radii             ? 
_refine.pdbx_ls_cross_valid_method               THROUGHOUT 
_refine.details                                  ? 
_refine.pdbx_starting_model                      ? 
_refine.pdbx_method_to_determine_struct          SAD 
_refine.pdbx_isotropic_thermal_model             RESTRAINED 
_refine.pdbx_stereochemistry_target_values       ? 
_refine.pdbx_stereochem_target_val_spec_case     ? 
_refine.pdbx_R_Free_selection_details            RANDOM 
_refine.pdbx_overall_ESU_R_Free                  ? 
_refine.overall_SU_B                             ? 
_refine.ls_redundancy_reflns_obs                 ? 
_refine.B_iso_min                                ? 
_refine.B_iso_max                                ? 
_refine.overall_SU_R_Cruickshank_DPI             ? 
_refine.overall_SU_R_free                        ? 
_refine.overall_SU_ML                            ? 
_refine.pdbx_overall_ESU_R                       ? 
_refine.pdbx_data_cutoff_high_rms_absF           ? 
_refine.pdbx_refine_id                           'X-RAY DIFFRACTION' 
_refine.pdbx_diffrn_id                           1 
_refine.pdbx_TLS_residual_ADP_flag               ? 
_refine.pdbx_overall_phase_error                 ? 
_refine.pdbx_overall_SU_R_free_Cruickshank_DPI   ? 
_refine.pdbx_overall_SU_R_Blow_DPI               ? 
_refine.pdbx_overall_SU_R_free_Blow_DPI          ? 
# 
_refine_analyze.entry_id                        1NEP 
_refine_analyze.Luzzati_coordinate_error_obs    ? 
_refine_analyze.Luzzati_sigma_a_obs             ? 
_refine_analyze.Luzzati_d_res_low_obs           ? 
_refine_analyze.Luzzati_coordinate_error_free   0.21 
_refine_analyze.Luzzati_sigma_a_free            ? 
_refine_analyze.Luzzati_d_res_low_free          ? 
_refine_analyze.number_disordered_residues      ? 
_refine_analyze.occupancy_sum_hydrogen          ? 
_refine_analyze.occupancy_sum_non_hydrogen      ? 
_refine_analyze.pdbx_Luzzati_d_res_high_obs     ? 
_refine_analyze.pdbx_refine_id                  'X-RAY DIFFRACTION' 
# 
_refine_hist.pdbx_refine_id                   'X-RAY DIFFRACTION' 
_refine_hist.cycle_id                         LAST 
_refine_hist.pdbx_number_atoms_protein        1026 
_refine_hist.pdbx_number_atoms_nucleic_acid   0 
_refine_hist.pdbx_number_atoms_ligand         19 
_refine_hist.number_atoms_solvent             101 
_refine_hist.number_atoms_total               1146 
_refine_hist.d_res_high                       1.70 
_refine_hist.d_res_low                        19.64 
# 
loop_
_refine_ls_restr.type 
_refine_ls_restr.dev_ideal 
_refine_ls_restr.dev_ideal_target 
_refine_ls_restr.weight 
_refine_ls_restr.number 
_refine_ls_restr.pdbx_refine_id 
_refine_ls_restr.pdbx_restraint_function 
c_bond_d           0.010 ?    ? ? 'X-RAY DIFFRACTION' ? 
c_angle_deg        1.6   ?    ? ? 'X-RAY DIFFRACTION' ? 
c_dihedral_angle_d 27.2  ?    ? ? 'X-RAY DIFFRACTION' ? 
c_improper_angle_d 1.07  ?    ? ? 'X-RAY DIFFRACTION' ? 
c_mcbond_it        0.74  1.50 ? ? 'X-RAY DIFFRACTION' ? 
c_mcangle_it       1.14  2.00 ? ? 'X-RAY DIFFRACTION' ? 
c_scbond_it        1.55  2.00 ? ? 'X-RAY DIFFRACTION' ? 
c_scangle_it       2.12  2.50 ? ? 'X-RAY DIFFRACTION' ? 
# 
_refine_ls_shell.pdbx_total_number_of_bins_used   6 
_refine_ls_shell.d_res_high                       1.70 
_refine_ls_shell.d_res_low                        1.81 
_refine_ls_shell.number_reflns_R_work             2892 
_refine_ls_shell.R_factor_R_work                  0.197 
_refine_ls_shell.percent_reflns_obs               99.3 
_refine_ls_shell.R_factor_R_free                  0.216 
_refine_ls_shell.R_factor_R_free_error            0.018 
_refine_ls_shell.percent_reflns_R_free            4.9 
_refine_ls_shell.number_reflns_R_free             148 
_refine_ls_shell.number_reflns_obs                ? 
_refine_ls_shell.redundancy_reflns_obs            ? 
_refine_ls_shell.number_reflns_all                ? 
_refine_ls_shell.pdbx_refine_id                   'X-RAY DIFFRACTION' 
_refine_ls_shell.R_factor_all                     ? 
# 
loop_
_pdbx_xplor_file.serial_no 
_pdbx_xplor_file.param_file 
_pdbx_xplor_file.topol_file 
_pdbx_xplor_file.pdbx_refine_id 
1 PROTEIN_REP.PARAM PROTEIN.TOP       'X-RAY DIFFRACTION' 
2 WATER_REP.PARAM   NAG_XPLOR_TOP.TXT 'X-RAY DIFFRACTION' 
3 PO4.PARAM         ?                 'X-RAY DIFFRACTION' 
4 NAG_XPLOR_PAR.TXT ?                 'X-RAY DIFFRACTION' 
# 
_struct.entry_id                  1NEP 
_struct.title                     'Crystal Structure Analysis of the Bovine NPC2 (Niemann-Pick C2) Protein' 
_struct.pdbx_model_details        ? 
_struct.pdbx_CASP_flag            ? 
_struct.pdbx_model_type_details   ? 
# 
_struct_keywords.entry_id        1NEP 
_struct_keywords.pdbx_keywords   'LIPID BINDING PROTEIN' 
_struct_keywords.text            'NPC2, bNPC2, Niemann-Pick C2, LDL, cholesterol, LIPID BINDING PROTEIN' 
# 
loop_
_struct_asym.id 
_struct_asym.pdbx_blank_PDB_chainid_flag 
_struct_asym.pdbx_modified 
_struct_asym.entity_id 
_struct_asym.details 
A N N 1 ? 
B N N 2 ? 
C N N 3 ? 
D N N 4 ? 
# 
_struct_ref.id                         1 
_struct_ref.db_name                    UNP 
_struct_ref.db_code                    NPC2_BOVIN 
_struct_ref.pdbx_db_accession          P79345 
_struct_ref.entity_id                  1 
_struct_ref.pdbx_seq_one_letter_code   
;EPVKFKDCGSWVGVIKEVNVSPCPTQPCKLHRGQSYSVNVTFTSNTQSQSSKAVVHGIVMGIPVPFPIPESDGCKSGIRC
PIEKDKTYNYVNKLPVKNEYPSIKVVVEWELTDDKNQRFFCWQIPIEVEA
;
_struct_ref.pdbx_align_begin           20 
_struct_ref.pdbx_db_isoform            ? 
# 
_struct_ref_seq.align_id                      1 
_struct_ref_seq.ref_id                        1 
_struct_ref_seq.pdbx_PDB_id_code              1NEP 
_struct_ref_seq.pdbx_strand_id                A 
_struct_ref_seq.seq_align_beg                 1 
_struct_ref_seq.pdbx_seq_align_beg_ins_code   ? 
_struct_ref_seq.seq_align_end                 130 
_struct_ref_seq.pdbx_seq_align_end_ins_code   ? 
_struct_ref_seq.pdbx_db_accession             P79345 
_struct_ref_seq.db_align_beg                  20 
_struct_ref_seq.pdbx_db_align_beg_ins_code    ? 
_struct_ref_seq.db_align_end                  149 
_struct_ref_seq.pdbx_db_align_end_ins_code    ? 
_struct_ref_seq.pdbx_auth_seq_align_beg       1 
_struct_ref_seq.pdbx_auth_seq_align_end       130 
# 
_pdbx_struct_assembly.id                   1 
_pdbx_struct_assembly.details              author_defined_assembly 
_pdbx_struct_assembly.method_details       ? 
_pdbx_struct_assembly.oligomeric_details   monomeric 
_pdbx_struct_assembly.oligomeric_count     1 
# 
_pdbx_struct_assembly_gen.assembly_id       1 
_pdbx_struct_assembly_gen.oper_expression   1 
_pdbx_struct_assembly_gen.asym_id_list      A,B,C,D 
# 
_pdbx_struct_oper_list.id                   1 
_pdbx_struct_oper_list.type                 'identity operation' 
_pdbx_struct_oper_list.name                 1_555 
_pdbx_struct_oper_list.symmetry_operation   x,y,z 
_pdbx_struct_oper_list.matrix[1][1]         1.0000000000 
_pdbx_struct_oper_list.matrix[1][2]         0.0000000000 
_pdbx_struct_oper_list.matrix[1][3]         0.0000000000 
_pdbx_struct_oper_list.vector[1]            0.0000000000 
_pdbx_struct_oper_list.matrix[2][1]         0.0000000000 
_pdbx_struct_oper_list.matrix[2][2]         1.0000000000 
_pdbx_struct_oper_list.matrix[2][3]         0.0000000000 
_pdbx_struct_oper_list.vector[2]            0.0000000000 
_pdbx_struct_oper_list.matrix[3][1]         0.0000000000 
_pdbx_struct_oper_list.matrix[3][2]         0.0000000000 
_pdbx_struct_oper_list.matrix[3][3]         1.0000000000 
_pdbx_struct_oper_list.vector[3]            0.0000000000 
# 
_struct_biol.id                    1 
_struct_biol.pdbx_parent_biol_id   ? 
_struct_biol.details               ? 
# 
_struct_conf.conf_type_id            HELX_P 
_struct_conf.id                      HELX_P1 
_struct_conf.pdbx_PDB_helix_id       1 
_struct_conf.beg_label_comp_id       ASP 
_struct_conf.beg_label_asym_id       A 
_struct_conf.beg_label_seq_id        72 
_struct_conf.pdbx_beg_PDB_ins_code   ? 
_struct_conf.end_label_comp_id       SER 
_struct_conf.end_label_asym_id       A 
_struct_conf.end_label_seq_id        76 
_struct_conf.pdbx_end_PDB_ins_code   ? 
_struct_conf.beg_auth_comp_id        ASP 
_struct_conf.beg_auth_asym_id        A 
_struct_conf.beg_auth_seq_id         72 
_struct_conf.end_auth_comp_id        SER 
_struct_conf.end_auth_asym_id        A 
_struct_conf.end_auth_seq_id         76 
_struct_conf.pdbx_PDB_helix_class    5 
_struct_conf.details                 ? 
_struct_conf.pdbx_PDB_helix_length   5 
# 
_struct_conf_type.id          HELX_P 
_struct_conf_type.criteria    ? 
_struct_conf_type.reference   ? 
# 
loop_
_struct_conn.id 
_struct_conn.conn_type_id 
_struct_conn.pdbx_leaving_atom_flag 
_struct_conn.pdbx_PDB_id 
_struct_conn.ptnr1_label_asym_id 
_struct_conn.ptnr1_label_comp_id 
_struct_conn.ptnr1_label_seq_id 
_struct_conn.ptnr1_label_atom_id 
_struct_conn.pdbx_ptnr1_label_alt_id 
_struct_conn.pdbx_ptnr1_PDB_ins_code 
_struct_conn.pdbx_ptnr1_standard_comp_id 
_struct_conn.ptnr1_symmetry 
_struct_conn.ptnr2_label_asym_id 
_struct_conn.ptnr2_label_comp_id 
_struct_conn.ptnr2_label_seq_id 
_struct_conn.ptnr2_label_atom_id 
_struct_conn.pdbx_ptnr2_label_alt_id 
_struct_conn.pdbx_ptnr2_PDB_ins_code 
_struct_conn.ptnr1_auth_asym_id 
_struct_conn.ptnr1_auth_comp_id 
_struct_conn.ptnr1_auth_seq_id 
_struct_conn.ptnr2_auth_asym_id 
_struct_conn.ptnr2_auth_comp_id 
_struct_conn.ptnr2_auth_seq_id 
_struct_conn.ptnr2_symmetry 
_struct_conn.pdbx_ptnr3_label_atom_id 
_struct_conn.pdbx_ptnr3_label_seq_id 
_struct_conn.pdbx_ptnr3_label_comp_id 
_struct_conn.pdbx_ptnr3_label_asym_id 
_struct_conn.pdbx_ptnr3_label_alt_id 
_struct_conn.pdbx_ptnr3_PDB_ins_code 
_struct_conn.details 
_struct_conn.pdbx_dist_value 
_struct_conn.pdbx_value_order 
_struct_conn.pdbx_role 
disulf1 disulf ?   ? A CYS 8  SG  ? ? ? 1_555 A CYS 121 SG ? ? A CYS 8  A CYS 121 1_555 ? ? ? ? ? ? ? 2.052 ? ?               
disulf2 disulf ?   ? A CYS 23 SG  ? ? ? 1_555 A CYS 28  SG ? ? A CYS 23 A CYS 28  1_555 ? ? ? ? ? ? ? 2.042 ? ?               
disulf3 disulf ?   ? A CYS 74 SG  ? ? ? 1_555 A CYS 80  SG ? ? A CYS 74 A CYS 80  1_555 ? ? ? ? ? ? ? 2.032 ? ?               
covale1 covale one ? A ASN 39 ND2 ? ? ? 1_555 B NAG .   C1 ? ? A ASN 39 A NAG 402 1_555 ? ? ? ? ? ? ? 1.463 ? N-Glycosylation 
# 
loop_
_struct_conn_type.id 
_struct_conn_type.criteria 
_struct_conn_type.reference 
disulf ? ? 
covale ? ? 
# 
loop_
_pdbx_modification_feature.ordinal 
_pdbx_modification_feature.label_comp_id 
_pdbx_modification_feature.label_asym_id 
_pdbx_modification_feature.label_seq_id 
_pdbx_modification_feature.label_alt_id 
_pdbx_modification_feature.modified_residue_label_comp_id 
_pdbx_modification_feature.modified_residue_label_asym_id 
_pdbx_modification_feature.modified_residue_label_seq_id 
_pdbx_modification_feature.modified_residue_label_alt_id 
_pdbx_modification_feature.auth_comp_id 
_pdbx_modification_feature.auth_asym_id 
_pdbx_modification_feature.auth_seq_id 
_pdbx_modification_feature.PDB_ins_code 
_pdbx_modification_feature.symmetry 
_pdbx_modification_feature.modified_residue_auth_comp_id 
_pdbx_modification_feature.modified_residue_auth_asym_id 
_pdbx_modification_feature.modified_residue_auth_seq_id 
_pdbx_modification_feature.modified_residue_PDB_ins_code 
_pdbx_modification_feature.modified_residue_symmetry 
_pdbx_modification_feature.comp_id_linking_atom 
_pdbx_modification_feature.modified_residue_id_linking_atom 
_pdbx_modification_feature.modified_residue_id 
_pdbx_modification_feature.ref_pcm_id 
_pdbx_modification_feature.ref_comp_id 
_pdbx_modification_feature.type 
_pdbx_modification_feature.category 
1 NAG B .  ? ASN A 39  ? NAG A 402 ? 1_555 ASN A 39  ? 1_555 C1 ND2 ASN 1 NAG N-Glycosylation Carbohydrate       
2 CYS A 8  ? CYS A 121 ? CYS A 8   ? 1_555 CYS A 121 ? 1_555 SG SG  .   . .   None            'Disulfide bridge' 
3 CYS A 23 ? CYS A 28  ? CYS A 23  ? 1_555 CYS A 28  ? 1_555 SG SG  .   . .   None            'Disulfide bridge' 
4 CYS A 74 ? CYS A 80  ? CYS A 74  ? 1_555 CYS A 80  ? 1_555 SG SG  .   . .   None            'Disulfide bridge' 
# 
loop_
_struct_mon_prot_cis.pdbx_id 
_struct_mon_prot_cis.label_comp_id 
_struct_mon_prot_cis.label_seq_id 
_struct_mon_prot_cis.label_asym_id 
_struct_mon_prot_cis.label_alt_id 
_struct_mon_prot_cis.pdbx_PDB_ins_code 
_struct_mon_prot_cis.auth_comp_id 
_struct_mon_prot_cis.auth_seq_id 
_struct_mon_prot_cis.auth_asym_id 
_struct_mon_prot_cis.pdbx_label_comp_id_2 
_struct_mon_prot_cis.pdbx_label_seq_id_2 
_struct_mon_prot_cis.pdbx_label_asym_id_2 
_struct_mon_prot_cis.pdbx_PDB_ins_code_2 
_struct_mon_prot_cis.pdbx_auth_comp_id_2 
_struct_mon_prot_cis.pdbx_auth_seq_id_2 
_struct_mon_prot_cis.pdbx_auth_asym_id_2 
_struct_mon_prot_cis.pdbx_PDB_model_num 
_struct_mon_prot_cis.pdbx_omega_angle 
1 SER 21 A . ? SER 21 A PRO 22 A ? PRO 22 A 1 0.14  
2 GLN 26 A . ? GLN 26 A PRO 27 A ? PRO 27 A 1 -0.64 
3 CYS 80 A . ? CYS 80 A PRO 81 A ? PRO 81 A 1 0.42  
# 
loop_
_struct_sheet.id 
_struct_sheet.type 
_struct_sheet.number_strands 
_struct_sheet.details 
A ? 5 ? 
B ? 5 ? 
C ? 3 ? 
# 
loop_
_struct_sheet_order.sheet_id 
_struct_sheet_order.range_id_1 
_struct_sheet_order.range_id_2 
_struct_sheet_order.offset 
_struct_sheet_order.sense 
A 1 2 ? anti-parallel 
A 2 3 ? anti-parallel 
A 3 4 ? anti-parallel 
A 4 5 ? anti-parallel 
B 1 2 ? anti-parallel 
B 2 3 ? anti-parallel 
B 3 4 ? anti-parallel 
B 4 5 ? parallel      
C 1 2 ? anti-parallel 
C 2 3 ? anti-parallel 
# 
loop_
_struct_sheet_range.sheet_id 
_struct_sheet_range.id 
_struct_sheet_range.beg_label_comp_id 
_struct_sheet_range.beg_label_asym_id 
_struct_sheet_range.beg_label_seq_id 
_struct_sheet_range.pdbx_beg_PDB_ins_code 
_struct_sheet_range.end_label_comp_id 
_struct_sheet_range.end_label_asym_id 
_struct_sheet_range.end_label_seq_id 
_struct_sheet_range.pdbx_end_PDB_ins_code 
_struct_sheet_range.beg_auth_comp_id 
_struct_sheet_range.beg_auth_asym_id 
_struct_sheet_range.beg_auth_seq_id 
_struct_sheet_range.end_auth_comp_id 
_struct_sheet_range.end_auth_asym_id 
_struct_sheet_range.end_auth_seq_id 
A 1 ILE A 62  ? PRO A 65  ? ILE A 62  PRO A 65  
A 2 LYS A 52  ? VAL A 59  ? LYS A 52  VAL A 59  
A 3 LYS A 104 ? THR A 112 ? LYS A 104 THR A 112 
A 4 ARG A 118 ? GLU A 129 ? ARG A 118 GLU A 129 
A 5 LYS A 6   ? ASP A 7   ? LYS A 6   ASP A 7   
B 1 ILE A 62  ? PRO A 65  ? ILE A 62  PRO A 65  
B 2 LYS A 52  ? VAL A 59  ? LYS A 52  VAL A 59  
B 3 LYS A 104 ? THR A 112 ? LYS A 104 THR A 112 
B 4 ARG A 118 ? GLU A 129 ? ARG A 118 GLU A 129 
B 5 CYS A 28  ? HIS A 31  ? CYS A 28  HIS A 31  
C 1 GLY A 13  ? SER A 21  ? GLY A 13  SER A 21  
C 2 SER A 35  ? SER A 44  ? SER A 35  SER A 44  
C 3 THR A 87  ? PRO A 95  ? THR A 87  PRO A 95  
# 
loop_
_pdbx_struct_sheet_hbond.sheet_id 
_pdbx_struct_sheet_hbond.range_id_1 
_pdbx_struct_sheet_hbond.range_id_2 
_pdbx_struct_sheet_hbond.range_1_label_atom_id 
_pdbx_struct_sheet_hbond.range_1_label_comp_id 
_pdbx_struct_sheet_hbond.range_1_label_asym_id 
_pdbx_struct_sheet_hbond.range_1_label_seq_id 
_pdbx_struct_sheet_hbond.range_1_PDB_ins_code 
_pdbx_struct_sheet_hbond.range_1_auth_atom_id 
_pdbx_struct_sheet_hbond.range_1_auth_comp_id 
_pdbx_struct_sheet_hbond.range_1_auth_asym_id 
_pdbx_struct_sheet_hbond.range_1_auth_seq_id 
_pdbx_struct_sheet_hbond.range_2_label_atom_id 
_pdbx_struct_sheet_hbond.range_2_label_comp_id 
_pdbx_struct_sheet_hbond.range_2_label_asym_id 
_pdbx_struct_sheet_hbond.range_2_label_seq_id 
_pdbx_struct_sheet_hbond.range_2_PDB_ins_code 
_pdbx_struct_sheet_hbond.range_2_auth_atom_id 
_pdbx_struct_sheet_hbond.range_2_auth_comp_id 
_pdbx_struct_sheet_hbond.range_2_auth_asym_id 
_pdbx_struct_sheet_hbond.range_2_auth_seq_id 
A 1 2 O VAL A 64  ? O VAL A 64  N GLY A 57  ? N GLY A 57  
A 2 3 N ILE A 58  ? N ILE A 58  O VAL A 106 ? O VAL A 106 
A 3 4 N VAL A 107 ? N VAL A 107 O ILE A 124 ? O ILE A 124 
A 4 5 O GLN A 123 ? O GLN A 123 N LYS A 6   ? N LYS A 6   
B 1 2 O VAL A 64  ? O VAL A 64  N GLY A 57  ? N GLY A 57  
B 2 3 N ILE A 58  ? N ILE A 58  O VAL A 106 ? O VAL A 106 
B 3 4 N VAL A 107 ? N VAL A 107 O ILE A 124 ? O ILE A 124 
B 4 5 O GLU A 127 ? O GLU A 127 N CYS A 28  ? N CYS A 28  
C 1 2 N SER A 21  ? N SER A 21  O SER A 37  ? O SER A 37  
C 2 3 N PHE A 42  ? N PHE A 42  O TYR A 88  ? O TYR A 88  
# 
_pdbx_entry_details.entry_id                   1NEP 
_pdbx_entry_details.compound_details           ? 
_pdbx_entry_details.source_details             ? 
_pdbx_entry_details.nonpolymer_details         ? 
_pdbx_entry_details.sequence_details           ? 
_pdbx_entry_details.has_ligand_of_interest     ? 
_pdbx_entry_details.has_protein_modification   Y 
# 
loop_
_pdbx_validate_torsion.id 
_pdbx_validate_torsion.PDB_model_num 
_pdbx_validate_torsion.auth_comp_id 
_pdbx_validate_torsion.auth_asym_id 
_pdbx_validate_torsion.auth_seq_id 
_pdbx_validate_torsion.PDB_ins_code 
_pdbx_validate_torsion.label_alt_id 
_pdbx_validate_torsion.phi 
_pdbx_validate_torsion.psi 
1 1 CYS A 23  ? ? -159.05 60.10   
2 1 ASP A 113 ? ? -101.76 -168.74 
# 
_pdbx_struct_mod_residue.id               1 
_pdbx_struct_mod_residue.label_asym_id    A 
_pdbx_struct_mod_residue.label_comp_id    ASN 
_pdbx_struct_mod_residue.label_seq_id     39 
_pdbx_struct_mod_residue.auth_asym_id     A 
_pdbx_struct_mod_residue.auth_comp_id     ASN 
_pdbx_struct_mod_residue.auth_seq_id      39 
_pdbx_struct_mod_residue.PDB_ins_code     ? 
_pdbx_struct_mod_residue.parent_comp_id   ASN 
_pdbx_struct_mod_residue.details          'GLYCOSYLATION SITE' 
# 
_pdbx_struct_special_symmetry.id              1 
_pdbx_struct_special_symmetry.PDB_model_num   1 
_pdbx_struct_special_symmetry.auth_asym_id    A 
_pdbx_struct_special_symmetry.auth_comp_id    HOH 
_pdbx_struct_special_symmetry.auth_seq_id     292 
_pdbx_struct_special_symmetry.PDB_ins_code    ? 
_pdbx_struct_special_symmetry.label_asym_id   D 
_pdbx_struct_special_symmetry.label_comp_id   HOH 
_pdbx_struct_special_symmetry.label_seq_id    . 
# 
loop_
_chem_comp_atom.comp_id 
_chem_comp_atom.atom_id 
_chem_comp_atom.type_symbol 
_chem_comp_atom.pdbx_aromatic_flag 
_chem_comp_atom.pdbx_stereo_config 
_chem_comp_atom.pdbx_ordinal 
ALA N    N N N 1   
ALA CA   C N S 2   
ALA C    C N N 3   
ALA O    O N N 4   
ALA CB   C N N 5   
ALA OXT  O N N 6   
ALA H    H N N 7   
ALA H2   H N N 8   
ALA HA   H N N 9   
ALA HB1  H N N 10  
ALA HB2  H N N 11  
ALA HB3  H N N 12  
ALA HXT  H N N 13  
ARG N    N N N 14  
ARG CA   C N S 15  
ARG C    C N N 16  
ARG O    O N N 17  
ARG CB   C N N 18  
ARG CG   C N N 19  
ARG CD   C N N 20  
ARG NE   N N N 21  
ARG CZ   C N N 22  
ARG NH1  N N N 23  
ARG NH2  N N N 24  
ARG OXT  O N N 25  
ARG H    H N N 26  
ARG H2   H N N 27  
ARG HA   H N N 28  
ARG HB2  H N N 29  
ARG HB3  H N N 30  
ARG HG2  H N N 31  
ARG HG3  H N N 32  
ARG HD2  H N N 33  
ARG HD3  H N N 34  
ARG HE   H N N 35  
ARG HH11 H N N 36  
ARG HH12 H N N 37  
ARG HH21 H N N 38  
ARG HH22 H N N 39  
ARG HXT  H N N 40  
ASN N    N N N 41  
ASN CA   C N S 42  
ASN C    C N N 43  
ASN O    O N N 44  
ASN CB   C N N 45  
ASN CG   C N N 46  
ASN OD1  O N N 47  
ASN ND2  N N N 48  
ASN OXT  O N N 49  
ASN H    H N N 50  
ASN H2   H N N 51  
ASN HA   H N N 52  
ASN HB2  H N N 53  
ASN HB3  H N N 54  
ASN HD21 H N N 55  
ASN HD22 H N N 56  
ASN HXT  H N N 57  
ASP N    N N N 58  
ASP CA   C N S 59  
ASP C    C N N 60  
ASP O    O N N 61  
ASP CB   C N N 62  
ASP CG   C N N 63  
ASP OD1  O N N 64  
ASP OD2  O N N 65  
ASP OXT  O N N 66  
ASP H    H N N 67  
ASP H2   H N N 68  
ASP HA   H N N 69  
ASP HB2  H N N 70  
ASP HB3  H N N 71  
ASP HD2  H N N 72  
ASP HXT  H N N 73  
CYS N    N N N 74  
CYS CA   C N R 75  
CYS C    C N N 76  
CYS O    O N N 77  
CYS CB   C N N 78  
CYS SG   S N N 79  
CYS OXT  O N N 80  
CYS H    H N N 81  
CYS H2   H N N 82  
CYS HA   H N N 83  
CYS HB2  H N N 84  
CYS HB3  H N N 85  
CYS HG   H N N 86  
CYS HXT  H N N 87  
GLN N    N N N 88  
GLN CA   C N S 89  
GLN C    C N N 90  
GLN O    O N N 91  
GLN CB   C N N 92  
GLN CG   C N N 93  
GLN CD   C N N 94  
GLN OE1  O N N 95  
GLN NE2  N N N 96  
GLN OXT  O N N 97  
GLN H    H N N 98  
GLN H2   H N N 99  
GLN HA   H N N 100 
GLN HB2  H N N 101 
GLN HB3  H N N 102 
GLN HG2  H N N 103 
GLN HG3  H N N 104 
GLN HE21 H N N 105 
GLN HE22 H N N 106 
GLN HXT  H N N 107 
GLU N    N N N 108 
GLU CA   C N S 109 
GLU C    C N N 110 
GLU O    O N N 111 
GLU CB   C N N 112 
GLU CG   C N N 113 
GLU CD   C N N 114 
GLU OE1  O N N 115 
GLU OE2  O N N 116 
GLU OXT  O N N 117 
GLU H    H N N 118 
GLU H2   H N N 119 
GLU HA   H N N 120 
GLU HB2  H N N 121 
GLU HB3  H N N 122 
GLU HG2  H N N 123 
GLU HG3  H N N 124 
GLU HE2  H N N 125 
GLU HXT  H N N 126 
GLY N    N N N 127 
GLY CA   C N N 128 
GLY C    C N N 129 
GLY O    O N N 130 
GLY OXT  O N N 131 
GLY H    H N N 132 
GLY H2   H N N 133 
GLY HA2  H N N 134 
GLY HA3  H N N 135 
GLY HXT  H N N 136 
HIS N    N N N 137 
HIS CA   C N S 138 
HIS C    C N N 139 
HIS O    O N N 140 
HIS CB   C N N 141 
HIS CG   C Y N 142 
HIS ND1  N Y N 143 
HIS CD2  C Y N 144 
HIS CE1  C Y N 145 
HIS NE2  N Y N 146 
HIS OXT  O N N 147 
HIS H    H N N 148 
HIS H2   H N N 149 
HIS HA   H N N 150 
HIS HB2  H N N 151 
HIS HB3  H N N 152 
HIS HD1  H N N 153 
HIS HD2  H N N 154 
HIS HE1  H N N 155 
HIS HE2  H N N 156 
HIS HXT  H N N 157 
HOH O    O N N 158 
HOH H1   H N N 159 
HOH H2   H N N 160 
ILE N    N N N 161 
ILE CA   C N S 162 
ILE C    C N N 163 
ILE O    O N N 164 
ILE CB   C N S 165 
ILE CG1  C N N 166 
ILE CG2  C N N 167 
ILE CD1  C N N 168 
ILE OXT  O N N 169 
ILE H    H N N 170 
ILE H2   H N N 171 
ILE HA   H N N 172 
ILE HB   H N N 173 
ILE HG12 H N N 174 
ILE HG13 H N N 175 
ILE HG21 H N N 176 
ILE HG22 H N N 177 
ILE HG23 H N N 178 
ILE HD11 H N N 179 
ILE HD12 H N N 180 
ILE HD13 H N N 181 
ILE HXT  H N N 182 
LEU N    N N N 183 
LEU CA   C N S 184 
LEU C    C N N 185 
LEU O    O N N 186 
LEU CB   C N N 187 
LEU CG   C N N 188 
LEU CD1  C N N 189 
LEU CD2  C N N 190 
LEU OXT  O N N 191 
LEU H    H N N 192 
LEU H2   H N N 193 
LEU HA   H N N 194 
LEU HB2  H N N 195 
LEU HB3  H N N 196 
LEU HG   H N N 197 
LEU HD11 H N N 198 
LEU HD12 H N N 199 
LEU HD13 H N N 200 
LEU HD21 H N N 201 
LEU HD22 H N N 202 
LEU HD23 H N N 203 
LEU HXT  H N N 204 
LYS N    N N N 205 
LYS CA   C N S 206 
LYS C    C N N 207 
LYS O    O N N 208 
LYS CB   C N N 209 
LYS CG   C N N 210 
LYS CD   C N N 211 
LYS CE   C N N 212 
LYS NZ   N N N 213 
LYS OXT  O N N 214 
LYS H    H N N 215 
LYS H2   H N N 216 
LYS HA   H N N 217 
LYS HB2  H N N 218 
LYS HB3  H N N 219 
LYS HG2  H N N 220 
LYS HG3  H N N 221 
LYS HD2  H N N 222 
LYS HD3  H N N 223 
LYS HE2  H N N 224 
LYS HE3  H N N 225 
LYS HZ1  H N N 226 
LYS HZ2  H N N 227 
LYS HZ3  H N N 228 
LYS HXT  H N N 229 
MET N    N N N 230 
MET CA   C N S 231 
MET C    C N N 232 
MET O    O N N 233 
MET CB   C N N 234 
MET CG   C N N 235 
MET SD   S N N 236 
MET CE   C N N 237 
MET OXT  O N N 238 
MET H    H N N 239 
MET H2   H N N 240 
MET HA   H N N 241 
MET HB2  H N N 242 
MET HB3  H N N 243 
MET HG2  H N N 244 
MET HG3  H N N 245 
MET HE1  H N N 246 
MET HE2  H N N 247 
MET HE3  H N N 248 
MET HXT  H N N 249 
NAG C1   C N R 250 
NAG C2   C N R 251 
NAG C3   C N R 252 
NAG C4   C N S 253 
NAG C5   C N R 254 
NAG C6   C N N 255 
NAG C7   C N N 256 
NAG C8   C N N 257 
NAG N2   N N N 258 
NAG O1   O N N 259 
NAG O3   O N N 260 
NAG O4   O N N 261 
NAG O5   O N N 262 
NAG O6   O N N 263 
NAG O7   O N N 264 
NAG H1   H N N 265 
NAG H2   H N N 266 
NAG H3   H N N 267 
NAG H4   H N N 268 
NAG H5   H N N 269 
NAG H61  H N N 270 
NAG H62  H N N 271 
NAG H81  H N N 272 
NAG H82  H N N 273 
NAG H83  H N N 274 
NAG HN2  H N N 275 
NAG HO1  H N N 276 
NAG HO3  H N N 277 
NAG HO4  H N N 278 
NAG HO6  H N N 279 
PHE N    N N N 280 
PHE CA   C N S 281 
PHE C    C N N 282 
PHE O    O N N 283 
PHE CB   C N N 284 
PHE CG   C Y N 285 
PHE CD1  C Y N 286 
PHE CD2  C Y N 287 
PHE CE1  C Y N 288 
PHE CE2  C Y N 289 
PHE CZ   C Y N 290 
PHE OXT  O N N 291 
PHE H    H N N 292 
PHE H2   H N N 293 
PHE HA   H N N 294 
PHE HB2  H N N 295 
PHE HB3  H N N 296 
PHE HD1  H N N 297 
PHE HD2  H N N 298 
PHE HE1  H N N 299 
PHE HE2  H N N 300 
PHE HZ   H N N 301 
PHE HXT  H N N 302 
PO4 P    P N N 303 
PO4 O1   O N N 304 
PO4 O2   O N N 305 
PO4 O3   O N N 306 
PO4 O4   O N N 307 
PRO N    N N N 308 
PRO CA   C N S 309 
PRO C    C N N 310 
PRO O    O N N 311 
PRO CB   C N N 312 
PRO CG   C N N 313 
PRO CD   C N N 314 
PRO OXT  O N N 315 
PRO H    H N N 316 
PRO HA   H N N 317 
PRO HB2  H N N 318 
PRO HB3  H N N 319 
PRO HG2  H N N 320 
PRO HG3  H N N 321 
PRO HD2  H N N 322 
PRO HD3  H N N 323 
PRO HXT  H N N 324 
SER N    N N N 325 
SER CA   C N S 326 
SER C    C N N 327 
SER O    O N N 328 
SER CB   C N N 329 
SER OG   O N N 330 
SER OXT  O N N 331 
SER H    H N N 332 
SER H2   H N N 333 
SER HA   H N N 334 
SER HB2  H N N 335 
SER HB3  H N N 336 
SER HG   H N N 337 
SER HXT  H N N 338 
THR N    N N N 339 
THR CA   C N S 340 
THR C    C N N 341 
THR O    O N N 342 
THR CB   C N R 343 
THR OG1  O N N 344 
THR CG2  C N N 345 
THR OXT  O N N 346 
THR H    H N N 347 
THR H2   H N N 348 
THR HA   H N N 349 
THR HB   H N N 350 
THR HG1  H N N 351 
THR HG21 H N N 352 
THR HG22 H N N 353 
THR HG23 H N N 354 
THR HXT  H N N 355 
TRP N    N N N 356 
TRP CA   C N S 357 
TRP C    C N N 358 
TRP O    O N N 359 
TRP CB   C N N 360 
TRP CG   C Y N 361 
TRP CD1  C Y N 362 
TRP CD2  C Y N 363 
TRP NE1  N Y N 364 
TRP CE2  C Y N 365 
TRP CE3  C Y N 366 
TRP CZ2  C Y N 367 
TRP CZ3  C Y N 368 
TRP CH2  C Y N 369 
TRP OXT  O N N 370 
TRP H    H N N 371 
TRP H2   H N N 372 
TRP HA   H N N 373 
TRP HB2  H N N 374 
TRP HB3  H N N 375 
TRP HD1  H N N 376 
TRP HE1  H N N 377 
TRP HE3  H N N 378 
TRP HZ2  H N N 379 
TRP HZ3  H N N 380 
TRP HH2  H N N 381 
TRP HXT  H N N 382 
TYR N    N N N 383 
TYR CA   C N S 384 
TYR C    C N N 385 
TYR O    O N N 386 
TYR CB   C N N 387 
TYR CG   C Y N 388 
TYR CD1  C Y N 389 
TYR CD2  C Y N 390 
TYR CE1  C Y N 391 
TYR CE2  C Y N 392 
TYR CZ   C Y N 393 
TYR OH   O N N 394 
TYR OXT  O N N 395 
TYR H    H N N 396 
TYR H2   H N N 397 
TYR HA   H N N 398 
TYR HB2  H N N 399 
TYR HB3  H N N 400 
TYR HD1  H N N 401 
TYR HD2  H N N 402 
TYR HE1  H N N 403 
TYR HE2  H N N 404 
TYR HH   H N N 405 
TYR HXT  H N N 406 
VAL N    N N N 407 
VAL CA   C N S 408 
VAL C    C N N 409 
VAL O    O N N 410 
VAL CB   C N N 411 
VAL CG1  C N N 412 
VAL CG2  C N N 413 
VAL OXT  O N N 414 
VAL H    H N N 415 
VAL H2   H N N 416 
VAL HA   H N N 417 
VAL HB   H N N 418 
VAL HG11 H N N 419 
VAL HG12 H N N 420 
VAL HG13 H N N 421 
VAL HG21 H N N 422 
VAL HG22 H N N 423 
VAL HG23 H N N 424 
VAL HXT  H N N 425 
# 
loop_
_chem_comp_bond.comp_id 
_chem_comp_bond.atom_id_1 
_chem_comp_bond.atom_id_2 
_chem_comp_bond.value_order 
_chem_comp_bond.pdbx_aromatic_flag 
_chem_comp_bond.pdbx_stereo_config 
_chem_comp_bond.pdbx_ordinal 
ALA N   CA   sing N N 1   
ALA N   H    sing N N 2   
ALA N   H2   sing N N 3   
ALA CA  C    sing N N 4   
ALA CA  CB   sing N N 5   
ALA CA  HA   sing N N 6   
ALA C   O    doub N N 7   
ALA C   OXT  sing N N 8   
ALA CB  HB1  sing N N 9   
ALA CB  HB2  sing N N 10  
ALA CB  HB3  sing N N 11  
ALA OXT HXT  sing N N 12  
ARG N   CA   sing N N 13  
ARG N   H    sing N N 14  
ARG N   H2   sing N N 15  
ARG CA  C    sing N N 16  
ARG CA  CB   sing N N 17  
ARG CA  HA   sing N N 18  
ARG C   O    doub N N 19  
ARG C   OXT  sing N N 20  
ARG CB  CG   sing N N 21  
ARG CB  HB2  sing N N 22  
ARG CB  HB3  sing N N 23  
ARG CG  CD   sing N N 24  
ARG CG  HG2  sing N N 25  
ARG CG  HG3  sing N N 26  
ARG CD  NE   sing N N 27  
ARG CD  HD2  sing N N 28  
ARG CD  HD3  sing N N 29  
ARG NE  CZ   sing N N 30  
ARG NE  HE   sing N N 31  
ARG CZ  NH1  sing N N 32  
ARG CZ  NH2  doub N N 33  
ARG NH1 HH11 sing N N 34  
ARG NH1 HH12 sing N N 35  
ARG NH2 HH21 sing N N 36  
ARG NH2 HH22 sing N N 37  
ARG OXT HXT  sing N N 38  
ASN N   CA   sing N N 39  
ASN N   H    sing N N 40  
ASN N   H2   sing N N 41  
ASN CA  C    sing N N 42  
ASN CA  CB   sing N N 43  
ASN CA  HA   sing N N 44  
ASN C   O    doub N N 45  
ASN C   OXT  sing N N 46  
ASN CB  CG   sing N N 47  
ASN CB  HB2  sing N N 48  
ASN CB  HB3  sing N N 49  
ASN CG  OD1  doub N N 50  
ASN CG  ND2  sing N N 51  
ASN ND2 HD21 sing N N 52  
ASN ND2 HD22 sing N N 53  
ASN OXT HXT  sing N N 54  
ASP N   CA   sing N N 55  
ASP N   H    sing N N 56  
ASP N   H2   sing N N 57  
ASP CA  C    sing N N 58  
ASP CA  CB   sing N N 59  
ASP CA  HA   sing N N 60  
ASP C   O    doub N N 61  
ASP C   OXT  sing N N 62  
ASP CB  CG   sing N N 63  
ASP CB  HB2  sing N N 64  
ASP CB  HB3  sing N N 65  
ASP CG  OD1  doub N N 66  
ASP CG  OD2  sing N N 67  
ASP OD2 HD2  sing N N 68  
ASP OXT HXT  sing N N 69  
CYS N   CA   sing N N 70  
CYS N   H    sing N N 71  
CYS N   H2   sing N N 72  
CYS CA  C    sing N N 73  
CYS CA  CB   sing N N 74  
CYS CA  HA   sing N N 75  
CYS C   O    doub N N 76  
CYS C   OXT  sing N N 77  
CYS CB  SG   sing N N 78  
CYS CB  HB2  sing N N 79  
CYS CB  HB3  sing N N 80  
CYS SG  HG   sing N N 81  
CYS OXT HXT  sing N N 82  
GLN N   CA   sing N N 83  
GLN N   H    sing N N 84  
GLN N   H2   sing N N 85  
GLN CA  C    sing N N 86  
GLN CA  CB   sing N N 87  
GLN CA  HA   sing N N 88  
GLN C   O    doub N N 89  
GLN C   OXT  sing N N 90  
GLN CB  CG   sing N N 91  
GLN CB  HB2  sing N N 92  
GLN CB  HB3  sing N N 93  
GLN CG  CD   sing N N 94  
GLN CG  HG2  sing N N 95  
GLN CG  HG3  sing N N 96  
GLN CD  OE1  doub N N 97  
GLN CD  NE2  sing N N 98  
GLN NE2 HE21 sing N N 99  
GLN NE2 HE22 sing N N 100 
GLN OXT HXT  sing N N 101 
GLU N   CA   sing N N 102 
GLU N   H    sing N N 103 
GLU N   H2   sing N N 104 
GLU CA  C    sing N N 105 
GLU CA  CB   sing N N 106 
GLU CA  HA   sing N N 107 
GLU C   O    doub N N 108 
GLU C   OXT  sing N N 109 
GLU CB  CG   sing N N 110 
GLU CB  HB2  sing N N 111 
GLU CB  HB3  sing N N 112 
GLU CG  CD   sing N N 113 
GLU CG  HG2  sing N N 114 
GLU CG  HG3  sing N N 115 
GLU CD  OE1  doub N N 116 
GLU CD  OE2  sing N N 117 
GLU OE2 HE2  sing N N 118 
GLU OXT HXT  sing N N 119 
GLY N   CA   sing N N 120 
GLY N   H    sing N N 121 
GLY N   H2   sing N N 122 
GLY CA  C    sing N N 123 
GLY CA  HA2  sing N N 124 
GLY CA  HA3  sing N N 125 
GLY C   O    doub N N 126 
GLY C   OXT  sing N N 127 
GLY OXT HXT  sing N N 128 
HIS N   CA   sing N N 129 
HIS N   H    sing N N 130 
HIS N   H2   sing N N 131 
HIS CA  C    sing N N 132 
HIS CA  CB   sing N N 133 
HIS CA  HA   sing N N 134 
HIS C   O    doub N N 135 
HIS C   OXT  sing N N 136 
HIS CB  CG   sing N N 137 
HIS CB  HB2  sing N N 138 
HIS CB  HB3  sing N N 139 
HIS CG  ND1  sing Y N 140 
HIS CG  CD2  doub Y N 141 
HIS ND1 CE1  doub Y N 142 
HIS ND1 HD1  sing N N 143 
HIS CD2 NE2  sing Y N 144 
HIS CD2 HD2  sing N N 145 
HIS CE1 NE2  sing Y N 146 
HIS CE1 HE1  sing N N 147 
HIS NE2 HE2  sing N N 148 
HIS OXT HXT  sing N N 149 
HOH O   H1   sing N N 150 
HOH O   H2   sing N N 151 
ILE N   CA   sing N N 152 
ILE N   H    sing N N 153 
ILE N   H2   sing N N 154 
ILE CA  C    sing N N 155 
ILE CA  CB   sing N N 156 
ILE CA  HA   sing N N 157 
ILE C   O    doub N N 158 
ILE C   OXT  sing N N 159 
ILE CB  CG1  sing N N 160 
ILE CB  CG2  sing N N 161 
ILE CB  HB   sing N N 162 
ILE CG1 CD1  sing N N 163 
ILE CG1 HG12 sing N N 164 
ILE CG1 HG13 sing N N 165 
ILE CG2 HG21 sing N N 166 
ILE CG2 HG22 sing N N 167 
ILE CG2 HG23 sing N N 168 
ILE CD1 HD11 sing N N 169 
ILE CD1 HD12 sing N N 170 
ILE CD1 HD13 sing N N 171 
ILE OXT HXT  sing N N 172 
LEU N   CA   sing N N 173 
LEU N   H    sing N N 174 
LEU N   H2   sing N N 175 
LEU CA  C    sing N N 176 
LEU CA  CB   sing N N 177 
LEU CA  HA   sing N N 178 
LEU C   O    doub N N 179 
LEU C   OXT  sing N N 180 
LEU CB  CG   sing N N 181 
LEU CB  HB2  sing N N 182 
LEU CB  HB3  sing N N 183 
LEU CG  CD1  sing N N 184 
LEU CG  CD2  sing N N 185 
LEU CG  HG   sing N N 186 
LEU CD1 HD11 sing N N 187 
LEU CD1 HD12 sing N N 188 
LEU CD1 HD13 sing N N 189 
LEU CD2 HD21 sing N N 190 
LEU CD2 HD22 sing N N 191 
LEU CD2 HD23 sing N N 192 
LEU OXT HXT  sing N N 193 
LYS N   CA   sing N N 194 
LYS N   H    sing N N 195 
LYS N   H2   sing N N 196 
LYS CA  C    sing N N 197 
LYS CA  CB   sing N N 198 
LYS CA  HA   sing N N 199 
LYS C   O    doub N N 200 
LYS C   OXT  sing N N 201 
LYS CB  CG   sing N N 202 
LYS CB  HB2  sing N N 203 
LYS CB  HB3  sing N N 204 
LYS CG  CD   sing N N 205 
LYS CG  HG2  sing N N 206 
LYS CG  HG3  sing N N 207 
LYS CD  CE   sing N N 208 
LYS CD  HD2  sing N N 209 
LYS CD  HD3  sing N N 210 
LYS CE  NZ   sing N N 211 
LYS CE  HE2  sing N N 212 
LYS CE  HE3  sing N N 213 
LYS NZ  HZ1  sing N N 214 
LYS NZ  HZ2  sing N N 215 
LYS NZ  HZ3  sing N N 216 
LYS OXT HXT  sing N N 217 
MET N   CA   sing N N 218 
MET N   H    sing N N 219 
MET N   H2   sing N N 220 
MET CA  C    sing N N 221 
MET CA  CB   sing N N 222 
MET CA  HA   sing N N 223 
MET C   O    doub N N 224 
MET C   OXT  sing N N 225 
MET CB  CG   sing N N 226 
MET CB  HB2  sing N N 227 
MET CB  HB3  sing N N 228 
MET CG  SD   sing N N 229 
MET CG  HG2  sing N N 230 
MET CG  HG3  sing N N 231 
MET SD  CE   sing N N 232 
MET CE  HE1  sing N N 233 
MET CE  HE2  sing N N 234 
MET CE  HE3  sing N N 235 
MET OXT HXT  sing N N 236 
NAG C1  C2   sing N N 237 
NAG C1  O1   sing N N 238 
NAG C1  O5   sing N N 239 
NAG C1  H1   sing N N 240 
NAG C2  C3   sing N N 241 
NAG C2  N2   sing N N 242 
NAG C2  H2   sing N N 243 
NAG C3  C4   sing N N 244 
NAG C3  O3   sing N N 245 
NAG C3  H3   sing N N 246 
NAG C4  C5   sing N N 247 
NAG C4  O4   sing N N 248 
NAG C4  H4   sing N N 249 
NAG C5  C6   sing N N 250 
NAG C5  O5   sing N N 251 
NAG C5  H5   sing N N 252 
NAG C6  O6   sing N N 253 
NAG C6  H61  sing N N 254 
NAG C6  H62  sing N N 255 
NAG C7  C8   sing N N 256 
NAG C7  N2   sing N N 257 
NAG C7  O7   doub N N 258 
NAG C8  H81  sing N N 259 
NAG C8  H82  sing N N 260 
NAG C8  H83  sing N N 261 
NAG N2  HN2  sing N N 262 
NAG O1  HO1  sing N N 263 
NAG O3  HO3  sing N N 264 
NAG O4  HO4  sing N N 265 
NAG O6  HO6  sing N N 266 
PHE N   CA   sing N N 267 
PHE N   H    sing N N 268 
PHE N   H2   sing N N 269 
PHE CA  C    sing N N 270 
PHE CA  CB   sing N N 271 
PHE CA  HA   sing N N 272 
PHE C   O    doub N N 273 
PHE C   OXT  sing N N 274 
PHE CB  CG   sing N N 275 
PHE CB  HB2  sing N N 276 
PHE CB  HB3  sing N N 277 
PHE CG  CD1  doub Y N 278 
PHE CG  CD2  sing Y N 279 
PHE CD1 CE1  sing Y N 280 
PHE CD1 HD1  sing N N 281 
PHE CD2 CE2  doub Y N 282 
PHE CD2 HD2  sing N N 283 
PHE CE1 CZ   doub Y N 284 
PHE CE1 HE1  sing N N 285 
PHE CE2 CZ   sing Y N 286 
PHE CE2 HE2  sing N N 287 
PHE CZ  HZ   sing N N 288 
PHE OXT HXT  sing N N 289 
PO4 P   O1   doub N N 290 
PO4 P   O2   sing N N 291 
PO4 P   O3   sing N N 292 
PO4 P   O4   sing N N 293 
PRO N   CA   sing N N 294 
PRO N   CD   sing N N 295 
PRO N   H    sing N N 296 
PRO CA  C    sing N N 297 
PRO CA  CB   sing N N 298 
PRO CA  HA   sing N N 299 
PRO C   O    doub N N 300 
PRO C   OXT  sing N N 301 
PRO CB  CG   sing N N 302 
PRO CB  HB2  sing N N 303 
PRO CB  HB3  sing N N 304 
PRO CG  CD   sing N N 305 
PRO CG  HG2  sing N N 306 
PRO CG  HG3  sing N N 307 
PRO CD  HD2  sing N N 308 
PRO CD  HD3  sing N N 309 
PRO OXT HXT  sing N N 310 
SER N   CA   sing N N 311 
SER N   H    sing N N 312 
SER N   H2   sing N N 313 
SER CA  C    sing N N 314 
SER CA  CB   sing N N 315 
SER CA  HA   sing N N 316 
SER C   O    doub N N 317 
SER C   OXT  sing N N 318 
SER CB  OG   sing N N 319 
SER CB  HB2  sing N N 320 
SER CB  HB3  sing N N 321 
SER OG  HG   sing N N 322 
SER OXT HXT  sing N N 323 
THR N   CA   sing N N 324 
THR N   H    sing N N 325 
THR N   H2   sing N N 326 
THR CA  C    sing N N 327 
THR CA  CB   sing N N 328 
THR CA  HA   sing N N 329 
THR C   O    doub N N 330 
THR C   OXT  sing N N 331 
THR CB  OG1  sing N N 332 
THR CB  CG2  sing N N 333 
THR CB  HB   sing N N 334 
THR OG1 HG1  sing N N 335 
THR CG2 HG21 sing N N 336 
THR CG2 HG22 sing N N 337 
THR CG2 HG23 sing N N 338 
THR OXT HXT  sing N N 339 
TRP N   CA   sing N N 340 
TRP N   H    sing N N 341 
TRP N   H2   sing N N 342 
TRP CA  C    sing N N 343 
TRP CA  CB   sing N N 344 
TRP CA  HA   sing N N 345 
TRP C   O    doub N N 346 
TRP C   OXT  sing N N 347 
TRP CB  CG   sing N N 348 
TRP CB  HB2  sing N N 349 
TRP CB  HB3  sing N N 350 
TRP CG  CD1  doub Y N 351 
TRP CG  CD2  sing Y N 352 
TRP CD1 NE1  sing Y N 353 
TRP CD1 HD1  sing N N 354 
TRP CD2 CE2  doub Y N 355 
TRP CD2 CE3  sing Y N 356 
TRP NE1 CE2  sing Y N 357 
TRP NE1 HE1  sing N N 358 
TRP CE2 CZ2  sing Y N 359 
TRP CE3 CZ3  doub Y N 360 
TRP CE3 HE3  sing N N 361 
TRP CZ2 CH2  doub Y N 362 
TRP CZ2 HZ2  sing N N 363 
TRP CZ3 CH2  sing Y N 364 
TRP CZ3 HZ3  sing N N 365 
TRP CH2 HH2  sing N N 366 
TRP OXT HXT  sing N N 367 
TYR N   CA   sing N N 368 
TYR N   H    sing N N 369 
TYR N   H2   sing N N 370 
TYR CA  C    sing N N 371 
TYR CA  CB   sing N N 372 
TYR CA  HA   sing N N 373 
TYR C   O    doub N N 374 
TYR C   OXT  sing N N 375 
TYR CB  CG   sing N N 376 
TYR CB  HB2  sing N N 377 
TYR CB  HB3  sing N N 378 
TYR CG  CD1  doub Y N 379 
TYR CG  CD2  sing Y N 380 
TYR CD1 CE1  sing Y N 381 
TYR CD1 HD1  sing N N 382 
TYR CD2 CE2  doub Y N 383 
TYR CD2 HD2  sing N N 384 
TYR CE1 CZ   doub Y N 385 
TYR CE1 HE1  sing N N 386 
TYR CE2 CZ   sing Y N 387 
TYR CE2 HE2  sing N N 388 
TYR CZ  OH   sing N N 389 
TYR OH  HH   sing N N 390 
TYR OXT HXT  sing N N 391 
VAL N   CA   sing N N 392 
VAL N   H    sing N N 393 
VAL N   H2   sing N N 394 
VAL CA  C    sing N N 395 
VAL CA  CB   sing N N 396 
VAL CA  HA   sing N N 397 
VAL C   O    doub N N 398 
VAL C   OXT  sing N N 399 
VAL CB  CG1  sing N N 400 
VAL CB  CG2  sing N N 401 
VAL CB  HB   sing N N 402 
VAL CG1 HG11 sing N N 403 
VAL CG1 HG12 sing N N 404 
VAL CG1 HG13 sing N N 405 
VAL CG2 HG21 sing N N 406 
VAL CG2 HG22 sing N N 407 
VAL CG2 HG23 sing N N 408 
VAL OXT HXT  sing N N 409 
# 
_atom_sites.entry_id                    1NEP 
_atom_sites.fract_transf_matrix[1][1]   0.00392316 
_atom_sites.fract_transf_matrix[1][2]   0.00633466 
_atom_sites.fract_transf_matrix[1][3]   0.00664538 
_atom_sites.fract_transf_matrix[2][1]   0.00913126 
_atom_sites.fract_transf_matrix[2][2]   -0.00344279 
_atom_sites.fract_transf_matrix[2][3]   -0.00210891 
_atom_sites.fract_transf_matrix[3][1]   0.00095347 
_atom_sites.fract_transf_matrix[3][2]   0.00690648 
_atom_sites.fract_transf_matrix[3][3]   -0.00714644 
_atom_sites.fract_transf_vector[1]      0.478702 
_atom_sites.fract_transf_vector[2]      -0.220570 
_atom_sites.fract_transf_vector[3]      0.779656 
# 
loop_
_atom_type.symbol 
C 
N 
O 
P 
S 
# 
loop_
_atom_site.group_PDB 
_atom_site.id 
_atom_site.type_symbol 
_atom_site.label_atom_id 
_atom_site.label_alt_id 
_atom_site.label_comp_id 
_atom_site.label_asym_id 
_atom_site.label_entity_id 
_atom_site.label_seq_id 
_atom_site.pdbx_PDB_ins_code 
_atom_site.Cartn_x 
_atom_site.Cartn_y 
_atom_site.Cartn_z 
_atom_site.occupancy 
_atom_site.B_iso_or_equiv 
_atom_site.pdbx_formal_charge 
_atom_site.auth_seq_id 
_atom_site.auth_comp_id 
_atom_site.auth_asym_id 
_atom_site.auth_atom_id 
_atom_site.pdbx_PDB_model_num 
ATOM   1    N N   . GLU A 1 1   ? 6.091   2.273   11.587  1.00 9.00  ? 1   GLU A N   1 
ATOM   2    C CA  . GLU A 1 1   ? 6.563   3.671   11.749  1.00 8.90  ? 1   GLU A CA  1 
ATOM   3    C C   . GLU A 1 1   ? 6.262   4.466   10.485  1.00 8.75  ? 1   GLU A C   1 
ATOM   4    O O   . GLU A 1 1   ? 6.137   3.898   9.394   1.00 8.04  ? 1   GLU A O   1 
ATOM   5    C CB  . GLU A 1 1   ? 8.087   3.719   11.943  1.00 9.00  ? 1   GLU A CB  1 
ATOM   6    C CG  . GLU A 1 1   ? 8.625   3.156   13.249  1.00 11.28 ? 1   GLU A CG  1 
ATOM   7    C CD  . GLU A 1 1   ? 8.897   1.665   13.204  1.00 11.00 ? 1   GLU A CD  1 
ATOM   8    O OE1 . GLU A 1 1   ? 9.516   1.151   14.162  1.00 12.95 ? 1   GLU A OE1 1 
ATOM   9    O OE2 . GLU A 1 1   ? 8.508   0.987   12.233  1.00 11.46 ? 1   GLU A OE2 1 
ATOM   10   N N   . PRO A 1 2   ? 6.128   5.792   10.611  1.00 9.00  ? 2   PRO A N   1 
ATOM   11   C CA  . PRO A 1 2   ? 5.864   6.578   9.408   1.00 9.57  ? 2   PRO A CA  1 
ATOM   12   C C   . PRO A 1 2   ? 7.115   6.445   8.542   1.00 8.92  ? 2   PRO A C   1 
ATOM   13   O O   . PRO A 1 2   ? 8.245   6.489   9.051   1.00 8.97  ? 2   PRO A O   1 
ATOM   14   C CB  . PRO A 1 2   ? 5.705   8.003   9.935   1.00 10.14 ? 2   PRO A CB  1 
ATOM   15   C CG  . PRO A 1 2   ? 5.310   7.806   11.382  1.00 12.30 ? 2   PRO A CG  1 
ATOM   16   C CD  . PRO A 1 2   ? 6.126   6.631   11.823  1.00 10.37 ? 2   PRO A CD  1 
ATOM   17   N N   . VAL A 1 3   ? 6.928   6.294   7.238   1.00 8.11  ? 3   VAL A N   1 
ATOM   18   C CA  . VAL A 1 3   ? 8.055   6.170   6.324   1.00 7.68  ? 3   VAL A CA  1 
ATOM   19   C C   . VAL A 1 3   ? 8.044   7.231   5.223   1.00 7.79  ? 3   VAL A C   1 
ATOM   20   O O   . VAL A 1 3   ? 6.996   7.818   4.890   1.00 8.93  ? 3   VAL A O   1 
ATOM   21   C CB  . VAL A 1 3   ? 8.075   4.773   5.608   1.00 7.99  ? 3   VAL A CB  1 
ATOM   22   C CG1 . VAL A 1 3   ? 8.299   3.642   6.637   1.00 7.79  ? 3   VAL A CG1 1 
ATOM   23   C CG2 . VAL A 1 3   ? 6.783   4.569   4.779   1.00 8.16  ? 3   VAL A CG2 1 
ATOM   24   N N   . LYS A 1 4   ? 9.220   7.480   4.658   1.00 6.75  ? 4   LYS A N   1 
ATOM   25   C CA  . LYS A 1 4   ? 9.359   8.388   3.518   1.00 7.88  ? 4   LYS A CA  1 
ATOM   26   C C   . LYS A 1 4   ? 8.889   7.562   2.310   1.00 7.65  ? 4   LYS A C   1 
ATOM   27   O O   . LYS A 1 4   ? 9.092   6.341   2.268   1.00 7.65  ? 4   LYS A O   1 
ATOM   28   C CB  . LYS A 1 4   ? 10.829  8.790   3.338   1.00 8.95  ? 4   LYS A CB  1 
ATOM   29   C CG  . LYS A 1 4   ? 11.408  9.534   4.528   1.00 10.74 ? 4   LYS A CG  1 
ATOM   30   C CD  . LYS A 1 4   ? 10.720  10.864  4.743   1.00 13.48 ? 4   LYS A CD  1 
ATOM   31   C CE  . LYS A 1 4   ? 11.476  11.665  5.794   1.00 16.64 ? 4   LYS A CE  1 
ATOM   32   N NZ  . LYS A 1 4   ? 10.926  13.035  5.968   1.00 19.33 ? 4   LYS A NZ  1 
ATOM   33   N N   . PHE A 1 5   ? 8.257   8.202   1.331   1.00 7.34  ? 5   PHE A N   1 
ATOM   34   C CA  . PHE A 1 5   ? 7.741   7.464   0.177   1.00 7.39  ? 5   PHE A CA  1 
ATOM   35   C C   . PHE A 1 5   ? 7.671   8.390   -1.019  1.00 7.78  ? 5   PHE A C   1 
ATOM   36   O O   . PHE A 1 5   ? 7.865   9.600   -0.890  1.00 8.36  ? 5   PHE A O   1 
ATOM   37   C CB  . PHE A 1 5   ? 6.319   6.939   0.499   1.00 7.38  ? 5   PHE A CB  1 
ATOM   38   C CG  . PHE A 1 5   ? 5.294   8.037   0.755   1.00 8.59  ? 5   PHE A CG  1 
ATOM   39   C CD1 . PHE A 1 5   ? 4.601   8.628   -0.300  1.00 9.34  ? 5   PHE A CD1 1 
ATOM   40   C CD2 . PHE A 1 5   ? 5.051   8.501   2.050   1.00 9.26  ? 5   PHE A CD2 1 
ATOM   41   C CE1 . PHE A 1 5   ? 3.684   9.667   -0.070  1.00 9.90  ? 5   PHE A CE1 1 
ATOM   42   C CE2 . PHE A 1 5   ? 4.130   9.543   2.286   1.00 9.71  ? 5   PHE A CE2 1 
ATOM   43   C CZ  . PHE A 1 5   ? 3.451   10.123  1.225   1.00 9.69  ? 5   PHE A CZ  1 
ATOM   44   N N   . LYS A 1 6   ? 7.400   7.812   -2.185  1.00 7.41  ? 6   LYS A N   1 
ATOM   45   C CA  . LYS A 1 6   ? 7.227   8.585   -3.405  1.00 8.23  ? 6   LYS A CA  1 
ATOM   46   C C   . LYS A 1 6   ? 5.768   8.439   -3.852  1.00 8.20  ? 6   LYS A C   1 
ATOM   47   O O   . LYS A 1 6   ? 5.247   7.318   -3.948  1.00 7.95  ? 6   LYS A O   1 
ATOM   48   C CB  . LYS A 1 6   ? 8.152   8.075   -4.511  1.00 8.28  ? 6   LYS A CB  1 
ATOM   49   C CG  . LYS A 1 6   ? 7.992   8.826   -5.838  1.00 11.24 ? 6   LYS A CG  1 
ATOM   50   C CD  . LYS A 1 6   ? 8.851   8.222   -6.946  1.00 14.11 ? 6   LYS A CD  1 
ATOM   51   C CE  . LYS A 1 6   ? 10.315  8.191   -6.570  1.00 18.63 ? 6   LYS A CE  1 
ATOM   52   N NZ  . LYS A 1 6   ? 11.139  7.576   -7.653  1.00 20.78 ? 6   LYS A NZ  1 
ATOM   53   N N   . ASP A 1 7   ? 5.096   9.557   -4.100  1.00 7.54  ? 7   ASP A N   1 
ATOM   54   C CA  . ASP A 1 7   ? 3.720   9.474   -4.569  1.00 7.93  ? 7   ASP A CA  1 
ATOM   55   C C   . ASP A 1 7   ? 3.763   9.151   -6.059  1.00 8.22  ? 7   ASP A C   1 
ATOM   56   O O   . ASP A 1 7   ? 4.359   9.884   -6.865  1.00 8.57  ? 7   ASP A O   1 
ATOM   57   C CB  . ASP A 1 7   ? 2.977   10.788  -4.329  1.00 8.61  ? 7   ASP A CB  1 
ATOM   58   C CG  . ASP A 1 7   ? 1.508   10.654  -4.608  1.00 8.14  ? 7   ASP A CG  1 
ATOM   59   O OD1 . ASP A 1 7   ? 1.153   10.580  -5.813  1.00 8.78  ? 7   ASP A OD1 1 
ATOM   60   O OD2 . ASP A 1 7   ? 0.719   10.611  -3.642  1.00 8.99  ? 7   ASP A OD2 1 
ATOM   61   N N   . CYS A 1 8   ? 3.135   8.044   -6.428  1.00 7.46  ? 8   CYS A N   1 
ATOM   62   C CA  . CYS A 1 8   ? 3.144   7.604   -7.822  1.00 7.92  ? 8   CYS A CA  1 
ATOM   63   C C   . CYS A 1 8   ? 1.849   7.829   -8.568  1.00 7.97  ? 8   CYS A C   1 
ATOM   64   O O   . CYS A 1 8   ? 1.626   7.225   -9.622  1.00 9.29  ? 8   CYS A O   1 
ATOM   65   C CB  . CYS A 1 8   ? 3.546   6.125   -7.918  1.00 8.33  ? 8   CYS A CB  1 
ATOM   66   S SG  . CYS A 1 8   ? 2.803   4.994   -6.690  1.00 10.19 ? 8   CYS A SG  1 
ATOM   67   N N   . GLY A 1 9   ? 0.987   8.683   -8.032  1.00 7.79  ? 9   GLY A N   1 
ATOM   68   C CA  . GLY A 1 9   ? -0.236  9.001   -8.742  1.00 7.74  ? 9   GLY A CA  1 
ATOM   69   C C   . GLY A 1 9   ? -1.518  9.148   -7.955  1.00 8.13  ? 9   GLY A C   1 
ATOM   70   O O   . GLY A 1 9   ? -2.581  8.828   -8.485  1.00 8.36  ? 9   GLY A O   1 
ATOM   71   N N   . SER A 1 10  ? -1.455  9.635   -6.713  1.00 8.04  ? 10  SER A N   1 
ATOM   72   C CA  . SER A 1 10  ? -2.675  9.808   -5.917  1.00 7.79  ? 10  SER A CA  1 
ATOM   73   C C   . SER A 1 10  ? -3.496  10.888  -6.598  1.00 8.79  ? 10  SER A C   1 
ATOM   74   O O   . SER A 1 10  ? -3.074  12.057  -6.676  1.00 9.10  ? 10  SER A O   1 
ATOM   75   C CB  . SER A 1 10  ? -2.325  10.197  -4.484  1.00 7.13  ? 10  SER A CB  1 
ATOM   76   O OG  . SER A 1 10  ? -1.475  9.211   -3.900  1.00 7.63  ? 10  SER A OG  1 
ATOM   77   N N   . TRP A 1 11  ? -4.677  10.494  -7.068  1.00 7.64  ? 11  TRP A N   1 
ATOM   78   C CA  . TRP A 1 11  ? -5.529  11.371  -7.866  1.00 9.03  ? 11  TRP A CA  1 
ATOM   79   C C   . TRP A 1 11  ? -6.833  11.847  -7.253  1.00 8.42  ? 11  TRP A C   1 
ATOM   80   O O   . TRP A 1 11  ? -7.191  13.006  -7.403  1.00 9.33  ? 11  TRP A O   1 
ATOM   81   C CB  . TRP A 1 11  ? -5.820  10.665  -9.198  1.00 9.52  ? 11  TRP A CB  1 
ATOM   82   C CG  . TRP A 1 11  ? -6.396  11.572  -10.234 1.00 12.37 ? 11  TRP A CG  1 
ATOM   83   C CD1 . TRP A 1 11  ? -7.704  11.671  -10.620 1.00 13.22 ? 11  TRP A CD1 1 
ATOM   84   C CD2 . TRP A 1 11  ? -5.672  12.533  -10.995 1.00 14.54 ? 11  TRP A CD2 1 
ATOM   85   N NE1 . TRP A 1 11  ? -7.834  12.647  -11.585 1.00 13.95 ? 11  TRP A NE1 1 
ATOM   86   C CE2 . TRP A 1 11  ? -6.598  13.189  -11.833 1.00 16.03 ? 11  TRP A CE2 1 
ATOM   87   C CE3 . TRP A 1 11  ? -4.319  12.906  -11.050 1.00 16.15 ? 11  TRP A CE3 1 
ATOM   88   C CZ2 . TRP A 1 11  ? -6.213  14.203  -12.727 1.00 17.74 ? 11  TRP A CZ2 1 
ATOM   89   C CZ3 . TRP A 1 11  ? -3.935  13.913  -11.937 1.00 18.59 ? 11  TRP A CZ3 1 
ATOM   90   C CH2 . TRP A 1 11  ? -4.881  14.547  -12.763 1.00 18.73 ? 11  TRP A CH2 1 
ATOM   91   N N   . VAL A 1 12  ? -7.561  10.945  -6.600  1.00 7.65  ? 12  VAL A N   1 
ATOM   92   C CA  . VAL A 1 12  ? -8.823  11.305  -5.952  1.00 8.06  ? 12  VAL A CA  1 
ATOM   93   C C   . VAL A 1 12  ? -8.715  11.165  -4.435  1.00 7.75  ? 12  VAL A C   1 
ATOM   94   O O   . VAL A 1 12  ? -9.718  11.084  -3.723  1.00 8.43  ? 12  VAL A O   1 
ATOM   95   C CB  . VAL A 1 12  ? -10.032 10.473  -6.485  1.00 7.84  ? 12  VAL A CB  1 
ATOM   96   C CG1 . VAL A 1 12  ? -10.289 10.822  -7.950  1.00 9.42  ? 12  VAL A CG1 1 
ATOM   97   C CG2 . VAL A 1 12  ? -9.782  8.986   -6.335  1.00 8.47  ? 12  VAL A CG2 1 
ATOM   98   N N   . GLY A 1 13  ? -7.475  11.129  -3.951  1.00 7.42  ? 13  GLY A N   1 
ATOM   99   C CA  . GLY A 1 13  ? -7.205  11.054  -2.526  1.00 7.30  ? 13  GLY A CA  1 
ATOM   100  C C   . GLY A 1 13  ? -5.906  11.793  -2.261  1.00 7.25  ? 13  GLY A C   1 
ATOM   101  O O   . GLY A 1 13  ? -5.134  12.060  -3.183  1.00 7.75  ? 13  GLY A O   1 
ATOM   102  N N   . VAL A 1 14  ? -5.675  12.111  -0.992  1.00 7.43  ? 14  VAL A N   1 
ATOM   103  C CA  . VAL A 1 14  ? -4.492  12.829  -0.551  1.00 7.59  ? 14  VAL A CA  1 
ATOM   104  C C   . VAL A 1 14  ? -3.865  12.053  0.604   1.00 7.58  ? 14  VAL A C   1 
ATOM   105  O O   . VAL A 1 14  ? -4.491  11.859  1.651   1.00 7.50  ? 14  VAL A O   1 
ATOM   106  C CB  . VAL A 1 14  ? -4.879  14.254  -0.081  1.00 7.43  ? 14  VAL A CB  1 
ATOM   107  C CG1 . VAL A 1 14  ? -3.680  14.963  0.510   1.00 9.19  ? 14  VAL A CG1 1 
ATOM   108  C CG2 . VAL A 1 14  ? -5.442  15.065  -1.267  1.00 8.30  ? 14  VAL A CG2 1 
ATOM   109  N N   . ILE A 1 15  ? -2.627  11.614  0.416   1.00 7.00  ? 15  ILE A N   1 
ATOM   110  C CA  . ILE A 1 15  ? -1.943  10.861  1.461   1.00 7.63  ? 15  ILE A CA  1 
ATOM   111  C C   . ILE A 1 15  ? -1.477  11.749  2.615   1.00 7.77  ? 15  ILE A C   1 
ATOM   112  O O   . ILE A 1 15  ? -0.865  12.791  2.400   1.00 8.22  ? 15  ILE A O   1 
ATOM   113  C CB  . ILE A 1 15  ? -0.695  10.125  0.891   1.00 7.41  ? 15  ILE A CB  1 
ATOM   114  C CG1 . ILE A 1 15  ? -1.111  9.155   -0.225  1.00 7.49  ? 15  ILE A CG1 1 
ATOM   115  C CG2 . ILE A 1 15  ? 0.036   9.371   2.007   1.00 7.80  ? 15  ILE A CG2 1 
ATOM   116  C CD1 . ILE A 1 15  ? 0.095   8.520   -0.936  1.00 7.79  ? 15  ILE A CD1 1 
ATOM   117  N N   . LYS A 1 16  ? -1.776  11.308  3.831   1.00 7.63  ? 16  LYS A N   1 
ATOM   118  C CA  . LYS A 1 16  ? -1.354  12.015  5.042   1.00 9.10  ? 16  LYS A CA  1 
ATOM   119  C C   . LYS A 1 16  ? -0.198  11.277  5.726   1.00 9.34  ? 16  LYS A C   1 
ATOM   120  O O   . LYS A 1 16  ? 0.698   11.900  6.300   1.00 10.23 ? 16  LYS A O   1 
ATOM   121  C CB  . LYS A 1 16  ? -2.521  12.165  6.022   1.00 9.76  ? 16  LYS A CB  1 
ATOM   122  C CG  . LYS A 1 16  ? -3.702  12.952  5.467   1.00 12.75 ? 16  LYS A CG  1 
ATOM   123  C CD  . LYS A 1 16  ? -3.294  14.348  5.066   1.00 14.23 ? 16  LYS A CD  1 
ATOM   124  C CE  . LYS A 1 16  ? -4.496  15.177  4.620   1.00 14.61 ? 16  LYS A CE  1 
ATOM   125  N NZ  . LYS A 1 16  ? -5.464  15.427  5.729   1.00 15.67 ? 16  LYS A NZ  1 
ATOM   126  N N   . GLU A 1 17  ? -0.224  9.949   5.681   1.00 8.67  ? 17  GLU A N   1 
ATOM   127  C CA  . GLU A 1 17  ? 0.847   9.170   6.279   1.00 8.93  ? 17  GLU A CA  1 
ATOM   128  C C   . GLU A 1 17  ? 0.858   7.752   5.742   1.00 8.53  ? 17  GLU A C   1 
ATOM   129  O O   . GLU A 1 17  ? -0.190  7.179   5.482   1.00 8.08  ? 17  GLU A O   1 
ATOM   130  C CB  . GLU A 1 17  ? 0.674   9.098   7.807   1.00 9.93  ? 17  GLU A CB  1 
ATOM   131  C CG  . GLU A 1 17  ? 1.774   8.298   8.499   1.00 11.16 ? 17  GLU A CG  1 
ATOM   132  C CD  . GLU A 1 17  ? 1.549   8.121   9.993   1.00 12.95 ? 17  GLU A CD  1 
ATOM   133  O OE1 . GLU A 1 17  ? 0.702   8.828   10.577  1.00 13.52 ? 17  GLU A OE1 1 
ATOM   134  O OE2 . GLU A 1 17  ? 2.236   7.268   10.595  1.00 12.59 ? 17  GLU A OE2 1 
ATOM   135  N N   . VAL A 1 18  ? 2.055   7.209   5.537   1.00 7.95  ? 18  VAL A N   1 
ATOM   136  C CA  . VAL A 1 18  ? 2.212   5.807   5.153   1.00 7.73  ? 18  VAL A CA  1 
ATOM   137  C C   . VAL A 1 18  ? 2.991   5.216   6.339   1.00 7.73  ? 18  VAL A C   1 
ATOM   138  O O   . VAL A 1 18  ? 4.135   5.601   6.600   1.00 7.07  ? 18  VAL A O   1 
ATOM   139  C CB  . VAL A 1 18  ? 3.006   5.636   3.848   1.00 7.49  ? 18  VAL A CB  1 
ATOM   140  C CG1 . VAL A 1 18  ? 3.275   4.153   3.606   1.00 7.67  ? 18  VAL A CG1 1 
ATOM   141  C CG2 . VAL A 1 18  ? 2.209   6.242   2.678   1.00 8.33  ? 18  VAL A CG2 1 
ATOM   142  N N   . ASN A 1 19  ? 2.360   4.315   7.084   1.00 7.60  ? 19  ASN A N   1 
ATOM   143  C CA  . ASN A 1 19  ? 3.010   3.724   8.247   1.00 8.19  ? 19  ASN A CA  1 
ATOM   144  C C   . ASN A 1 19  ? 3.238   2.250   7.979   1.00 8.12  ? 19  ASN A C   1 
ATOM   145  O O   . ASN A 1 19  ? 2.281   1.495   7.788   1.00 8.39  ? 19  ASN A O   1 
ATOM   146  C CB  . ASN A 1 19  ? 2.131   3.918   9.496   1.00 9.68  ? 19  ASN A CB  1 
ATOM   147  C CG  . ASN A 1 19  ? 2.857   3.537   10.766  1.00 10.81 ? 19  ASN A CG  1 
ATOM   148  O OD1 . ASN A 1 19  ? 3.417   2.455   10.856  1.00 9.52  ? 19  ASN A OD1 1 
ATOM   149  N ND2 . ASN A 1 19  ? 2.868   4.442   11.750  1.00 14.56 ? 19  ASN A ND2 1 
ATOM   150  N N   . VAL A 1 20  ? 4.507   1.841   7.942   1.00 8.27  ? 20  VAL A N   1 
ATOM   151  C CA  . VAL A 1 20  ? 4.866   0.446   7.682   1.00 7.92  ? 20  VAL A CA  1 
ATOM   152  C C   . VAL A 1 20  ? 5.690   -0.043  8.864   1.00 8.09  ? 20  VAL A C   1 
ATOM   153  O O   . VAL A 1 20  ? 6.615   0.646   9.303   1.00 7.65  ? 20  VAL A O   1 
ATOM   154  C CB  . VAL A 1 20  ? 5.695   0.330   6.370   1.00 8.78  ? 20  VAL A CB  1 
ATOM   155  C CG1 . VAL A 1 20  ? 6.186   -1.109  6.155   1.00 7.45  ? 20  VAL A CG1 1 
ATOM   156  C CG2 . VAL A 1 20  ? 4.847   0.789   5.196   1.00 8.81  ? 20  VAL A CG2 1 
ATOM   157  N N   . SER A 1 21  ? 5.350   -1.221  9.377   1.00 7.49  ? 21  SER A N   1 
ATOM   158  C CA  . SER A 1 21  ? 6.058   -1.776  10.529  1.00 8.55  ? 21  SER A CA  1 
ATOM   159  C C   . SER A 1 21  ? 6.421   -3.220  10.251  1.00 8.31  ? 21  SER A C   1 
ATOM   160  O O   . SER A 1 21  ? 5.627   -3.975  9.701   1.00 8.21  ? 21  SER A O   1 
ATOM   161  C CB  . SER A 1 21  ? 5.164   -1.709  11.768  1.00 10.79 ? 21  SER A CB  1 
ATOM   162  O OG  . SER A 1 21  ? 4.726   -0.383  12.026  1.00 13.96 ? 21  SER A OG  1 
ATOM   163  N N   . PRO A 1 22  ? 7.638   -3.630  10.608  1.00 8.68  ? 22  PRO A N   1 
ATOM   164  C CA  . PRO A 1 22  ? 8.698   -2.852  11.253  1.00 8.85  ? 22  PRO A CA  1 
ATOM   165  C C   . PRO A 1 22  ? 9.532   -2.124  10.211  1.00 8.76  ? 22  PRO A C   1 
ATOM   166  O O   . PRO A 1 22  ? 10.003  -2.735  9.248   1.00 8.76  ? 22  PRO A O   1 
ATOM   167  C CB  . PRO A 1 22  ? 9.505   -3.920  11.978  1.00 8.29  ? 22  PRO A CB  1 
ATOM   168  C CG  . PRO A 1 22  ? 9.432   -5.087  11.030  1.00 10.12 ? 22  PRO A CG  1 
ATOM   169  C CD  . PRO A 1 22  ? 7.998   -5.057  10.518  1.00 9.12  ? 22  PRO A CD  1 
ATOM   170  N N   . CYS A 1 23  ? 9.704   -0.818  10.389  1.00 8.27  ? 23  CYS A N   1 
ATOM   171  C CA  . CYS A 1 23  ? 10.514  -0.047  9.462   1.00 7.88  ? 23  CYS A CA  1 
ATOM   172  C C   . CYS A 1 23  ? 11.009  1.255   10.076  1.00 7.93  ? 23  CYS A C   1 
ATOM   173  O O   . CYS A 1 23  ? 10.718  2.332   9.548   1.00 7.91  ? 23  CYS A O   1 
ATOM   174  C CB  . CYS A 1 23  ? 9.728   0.264   8.187   1.00 8.98  ? 23  CYS A CB  1 
ATOM   175  S SG  . CYS A 1 23  ? 10.807  0.827   6.825   1.00 9.49  ? 23  CYS A SG  1 
ATOM   176  N N   . PRO A 1 24  ? 11.784  1.184   11.177  1.00 8.27  ? 24  PRO A N   1 
ATOM   177  C CA  . PRO A 1 24  ? 12.295  2.397   11.826  1.00 9.13  ? 24  PRO A CA  1 
ATOM   178  C C   . PRO A 1 24  ? 13.235  3.204   10.954  1.00 8.52  ? 24  PRO A C   1 
ATOM   179  O O   . PRO A 1 24  ? 13.309  4.419   11.096  1.00 8.63  ? 24  PRO A O   1 
ATOM   180  C CB  . PRO A 1 24  ? 12.967  1.863   13.087  1.00 9.81  ? 24  PRO A CB  1 
ATOM   181  C CG  . PRO A 1 24  ? 13.362  0.503   12.724  1.00 10.10 ? 24  PRO A CG  1 
ATOM   182  C CD  . PRO A 1 24  ? 12.190  -0.013  11.931  1.00 8.80  ? 24  PRO A CD  1 
ATOM   183  N N   . THR A 1 25  ? 13.990  2.515   10.096  1.00 7.79  ? 25  THR A N   1 
ATOM   184  C CA  . THR A 1 25  ? 14.871  3.175   9.134   1.00 6.90  ? 25  THR A CA  1 
ATOM   185  C C   . THR A 1 25  ? 14.679  2.441   7.808   1.00 6.58  ? 25  THR A C   1 
ATOM   186  O O   . THR A 1 25  ? 14.222  1.281   7.773   1.00 6.47  ? 25  THR A O   1 
ATOM   187  C CB  . THR A 1 25  ? 16.364  3.148   9.522   1.00 6.56  ? 25  THR A CB  1 
ATOM   188  O OG1 . THR A 1 25  ? 16.836  1.797   9.522   1.00 7.35  ? 25  THR A OG1 1 
ATOM   189  C CG2 . THR A 1 25  ? 16.582  3.789   10.890  1.00 7.60  ? 25  THR A CG2 1 
ATOM   190  N N   . GLN A 1 26  ? 15.048  3.109   6.723   1.00 5.60  ? 26  GLN A N   1 
ATOM   191  C CA  . GLN A 1 26  ? 14.826  2.569   5.391   1.00 6.21  ? 26  GLN A CA  1 
ATOM   192  C C   . GLN A 1 26  ? 16.094  2.238   4.617   1.00 7.15  ? 26  GLN A C   1 
ATOM   193  O O   . GLN A 1 26  ? 17.160  2.749   4.934   1.00 6.65  ? 26  GLN A O   1 
ATOM   194  C CB  . GLN A 1 26  ? 13.936  3.575   4.625   1.00 6.67  ? 26  GLN A CB  1 
ATOM   195  C CG  . GLN A 1 26  ? 12.540  3.694   5.283   1.00 6.06  ? 26  GLN A CG  1 
ATOM   196  C CD  . GLN A 1 26  ? 11.656  4.802   4.724   1.00 7.05  ? 26  GLN A CD  1 
ATOM   197  O OE1 . GLN A 1 26  ? 11.446  5.833   5.370   1.00 8.02  ? 26  GLN A OE1 1 
ATOM   198  N NE2 . GLN A 1 26  ? 11.127  4.593   3.523   1.00 6.63  ? 26  GLN A NE2 1 
ATOM   199  N N   . PRO A 1 27  ? 16.007  1.324   3.635   1.00 7.86  ? 27  PRO A N   1 
ATOM   200  C CA  . PRO A 1 27  ? 14.820  0.576   3.211   1.00 7.06  ? 27  PRO A CA  1 
ATOM   201  C C   . PRO A 1 27  ? 14.334  -0.378  4.300   1.00 7.85  ? 27  PRO A C   1 
ATOM   202  O O   . PRO A 1 27  ? 15.116  -0.874  5.126   1.00 7.84  ? 27  PRO A O   1 
ATOM   203  C CB  . PRO A 1 27  ? 15.319  -0.209  1.996   1.00 7.24  ? 27  PRO A CB  1 
ATOM   204  C CG  . PRO A 1 27  ? 16.466  0.631   1.473   1.00 9.82  ? 27  PRO A CG  1 
ATOM   205  C CD  . PRO A 1 27  ? 17.150  1.033   2.751   1.00 7.87  ? 27  PRO A CD  1 
ATOM   206  N N   . CYS A 1 28  ? 13.034  -0.646  4.316   1.00 8.42  ? 28  CYS A N   1 
ATOM   207  C CA  . CYS A 1 28  ? 12.520  -1.612  5.270   1.00 8.93  ? 28  CYS A CA  1 
ATOM   208  C C   . CYS A 1 28  ? 13.102  -2.953  4.882   1.00 10.17 ? 28  CYS A C   1 
ATOM   209  O O   . CYS A 1 28  ? 13.404  -3.219  3.710   1.00 9.71  ? 28  CYS A O   1 
ATOM   210  C CB  . CYS A 1 28  ? 11.002  -1.742  5.183   1.00 9.56  ? 28  CYS A CB  1 
ATOM   211  S SG  . CYS A 1 28  ? 10.093  -0.177  5.196   1.00 10.43 ? 28  CYS A SG  1 
ATOM   212  N N   . LYS A 1 29  ? 13.256  -3.811  5.864   1.00 11.76 ? 29  LYS A N   1 
ATOM   213  C CA  . LYS A 1 29  ? 13.754  -5.126  5.586   1.00 14.99 ? 29  LYS A CA  1 
ATOM   214  C C   . LYS A 1 29  ? 12.982  -6.072  6.491   1.00 15.52 ? 29  LYS A C   1 
ATOM   215  O O   . LYS A 1 29  ? 12.594  -5.720  7.603   1.00 17.64 ? 29  LYS A O   1 
ATOM   216  C CB  . LYS A 1 29  ? 15.257  -5.173  5.823   1.00 15.41 ? 29  LYS A CB  1 
ATOM   217  C CG  . LYS A 1 29  ? 15.706  -4.593  7.133   1.00 16.00 ? 29  LYS A CG  1 
ATOM   218  C CD  . LYS A 1 29  ? 17.202  -4.417  7.114   1.00 18.12 ? 29  LYS A CD  1 
ATOM   219  C CE  . LYS A 1 29  ? 17.656  -3.696  8.345   1.00 16.93 ? 29  LYS A CE  1 
ATOM   220  N NZ  . LYS A 1 29  ? 17.209  -4.409  9.565   1.00 17.99 ? 29  LYS A NZ  1 
ATOM   221  N N   . LEU A 1 30  ? 12.710  -7.253  5.977   1.00 17.38 ? 30  LEU A N   1 
ATOM   222  C CA  . LEU A 1 30  ? 11.984  -8.250  6.732   1.00 16.95 ? 30  LEU A CA  1 
ATOM   223  C C   . LEU A 1 30  ? 12.258  -9.521  5.959   1.00 17.70 ? 30  LEU A C   1 
ATOM   224  O O   . LEU A 1 30  ? 12.398  -9.478  4.736   1.00 16.90 ? 30  LEU A O   1 
ATOM   225  C CB  . LEU A 1 30  ? 10.493  -7.904  6.717   1.00 16.87 ? 30  LEU A CB  1 
ATOM   226  C CG  . LEU A 1 30  ? 9.574   -8.639  7.689   1.00 17.42 ? 30  LEU A CG  1 
ATOM   227  C CD1 . LEU A 1 30  ? 10.018  -8.399  9.120   1.00 17.93 ? 30  LEU A CD1 1 
ATOM   228  C CD2 . LEU A 1 30  ? 8.156   -8.135  7.500   1.00 15.97 ? 30  LEU A CD2 1 
ATOM   229  N N   . HIS A 1 31  ? 12.348  -10.633 6.683   1.00 18.07 ? 31  HIS A N   1 
ATOM   230  C CA  . HIS A 1 31  ? 12.623  -11.938 6.095   1.00 18.48 ? 31  HIS A CA  1 
ATOM   231  C C   . HIS A 1 31  ? 11.418  -12.572 5.457   1.00 18.67 ? 31  HIS A C   1 
ATOM   232  O O   . HIS A 1 31  ? 10.265  -12.224 5.754   1.00 18.74 ? 31  HIS A O   1 
ATOM   233  C CB  . HIS A 1 31  ? 13.144  -12.885 7.191   1.00 19.98 ? 31  HIS A CB  1 
ATOM   234  C CG  . HIS A 1 31  ? 14.487  -12.511 7.720   1.00 20.17 ? 31  HIS A CG  1 
ATOM   235  N ND1 . HIS A 1 31  ? 15.660  -12.969 7.159   1.00 22.06 ? 31  HIS A ND1 1 
ATOM   236  C CD2 . HIS A 1 31  ? 14.848  -11.699 8.738   1.00 20.92 ? 31  HIS A CD2 1 
ATOM   237  C CE1 . HIS A 1 31  ? 16.685  -12.456 7.813   1.00 20.51 ? 31  HIS A CE1 1 
ATOM   238  N NE2 . HIS A 1 31  ? 16.221  -11.683 8.776   1.00 21.80 ? 31  HIS A NE2 1 
ATOM   239  N N   . ARG A 1 32  ? 11.677  -13.534 4.569   1.00 17.57 ? 32  ARG A N   1 
ATOM   240  C CA  . ARG A 1 32  ? 10.575  -14.251 3.950   1.00 17.75 ? 32  ARG A CA  1 
ATOM   241  C C   . ARG A 1 32  ? 9.841   -14.939 5.067   1.00 17.98 ? 32  ARG A C   1 
ATOM   242  O O   . ARG A 1 32  ? 10.480  -15.302 6.045   1.00 18.69 ? 32  ARG A O   1 
ATOM   243  C CB  . ARG A 1 32  ? 11.107  -15.329 2.978   1.00 17.52 ? 32  ARG A CB  1 
ATOM   244  C CG  . ARG A 1 32  ? 11.424  -14.877 1.605   1.00 17.11 ? 32  ARG A CG  1 
ATOM   245  C CD  . ARG A 1 32  ? 12.607  -15.659 1.073   1.00 15.71 ? 32  ARG A CD  1 
ATOM   246  N NE  . ARG A 1 32  ? 12.874  -15.280 -0.312  1.00 14.55 ? 32  ARG A NE  1 
ATOM   247  C CZ  . ARG A 1 32  ? 13.820  -15.828 -1.067  1.00 14.55 ? 32  ARG A CZ  1 
ATOM   248  N NH1 . ARG A 1 32  ? 14.596  -16.771 -0.557  1.00 16.14 ? 32  ARG A NH1 1 
ATOM   249  N NH2 . ARG A 1 32  ? 13.978  -15.468 -2.332  1.00 13.72 ? 32  ARG A NH2 1 
ATOM   250  N N   . GLY A 1 33  ? 8.534   -15.110 4.937   1.00 18.39 ? 33  GLY A N   1 
ATOM   251  C CA  . GLY A 1 33  ? 7.753   -15.774 5.966   1.00 19.07 ? 33  GLY A CA  1 
ATOM   252  C C   . GLY A 1 33  ? 7.170   -14.828 7.003   1.00 18.86 ? 33  GLY A C   1 
ATOM   253  O O   . GLY A 1 33  ? 6.365   -15.252 7.841   1.00 19.76 ? 33  GLY A O   1 
ATOM   254  N N   . GLN A 1 34  ? 7.575   -13.559 6.987   1.00 17.82 ? 34  GLN A N   1 
ATOM   255  C CA  . GLN A 1 34  ? 7.046   -12.568 7.935   1.00 17.80 ? 34  GLN A CA  1 
ATOM   256  C C   . GLN A 1 34  ? 6.270   -11.533 7.142   1.00 16.46 ? 34  GLN A C   1 
ATOM   257  O O   . GLN A 1 34  ? 6.440   -11.427 5.928   1.00 16.67 ? 34  GLN A O   1 
ATOM   258  C CB  . GLN A 1 34  ? 8.179   -11.878 8.695   1.00 18.76 ? 34  GLN A CB  1 
ATOM   259  C CG  . GLN A 1 34  ? 9.036   -12.810 9.551   1.00 20.85 ? 34  GLN A CG  1 
ATOM   260  C CD  . GLN A 1 34  ? 10.168  -12.071 10.245  1.00 22.11 ? 34  GLN A CD  1 
ATOM   261  O OE1 . GLN A 1 34  ? 11.036  -11.495 9.589   0.00 22.04 ? 34  GLN A OE1 1 
ATOM   262  N NE2 . GLN A 1 34  ? 10.162  -12.079 11.575  0.00 22.04 ? 34  GLN A NE2 1 
ATOM   263  N N   . SER A 1 35  ? 5.412   -10.775 7.817   1.00 13.72 ? 35  SER A N   1 
ATOM   264  C CA  . SER A 1 35  ? 4.633   -9.758  7.129   1.00 12.72 ? 35  SER A CA  1 
ATOM   265  C C   . SER A 1 35  ? 4.781   -8.377  7.722   1.00 11.13 ? 35  SER A C   1 
ATOM   266  O O   . SER A 1 35  ? 4.936   -8.203  8.935   1.00 11.34 ? 35  SER A O   1 
ATOM   267  C CB  . SER A 1 35  ? 3.135   -10.083 7.153   1.00 13.42 ? 35  SER A CB  1 
ATOM   268  O OG  . SER A 1 35  ? 2.828   -11.268 6.444   1.00 15.58 ? 35  SER A OG  1 
ATOM   269  N N   . TYR A 1 36  ? 4.739   -7.384  6.843   1.00 9.85  ? 36  TYR A N   1 
ATOM   270  C CA  . TYR A 1 36  ? 4.749   -5.999  7.286   1.00 8.62  ? 36  TYR A CA  1 
ATOM   271  C C   . TYR A 1 36  ? 3.303   -5.649  7.633   1.00 9.17  ? 36  TYR A C   1 
ATOM   272  O O   . TYR A 1 36  ? 2.362   -6.186  7.044   1.00 9.75  ? 36  TYR A O   1 
ATOM   273  C CB  . TYR A 1 36  ? 5.145   -5.056  6.143   1.00 8.04  ? 36  TYR A CB  1 
ATOM   274  C CG  . TYR A 1 36  ? 6.591   -5.099  5.739   1.00 7.83  ? 36  TYR A CG  1 
ATOM   275  C CD1 . TYR A 1 36  ? 7.561   -4.462  6.507   1.00 8.03  ? 36  TYR A CD1 1 
ATOM   276  C CD2 . TYR A 1 36  ? 6.993   -5.769  4.593   1.00 7.45  ? 36  TYR A CD2 1 
ATOM   277  C CE1 . TYR A 1 36  ? 8.899   -4.490  6.149   1.00 7.54  ? 36  TYR A CE1 1 
ATOM   278  C CE2 . TYR A 1 36  ? 8.323   -5.806  4.219   1.00 8.75  ? 36  TYR A CE2 1 
ATOM   279  C CZ  . TYR A 1 36  ? 9.275   -5.166  5.001   1.00 8.18  ? 36  TYR A CZ  1 
ATOM   280  O OH  . TYR A 1 36  ? 10.595  -5.203  4.640   1.00 9.63  ? 36  TYR A OH  1 
ATOM   281  N N   . SER A 1 37  ? 3.133   -4.750  8.590   1.00 9.12  ? 37  SER A N   1 
ATOM   282  C CA  . SER A 1 37  ? 1.819   -4.217  8.920   1.00 9.46  ? 37  SER A CA  1 
ATOM   283  C C   . SER A 1 37  ? 1.811   -2.852  8.229   1.00 9.44  ? 37  SER A C   1 
ATOM   284  O O   . SER A 1 37  ? 2.757   -2.065  8.361   1.00 10.85 ? 37  SER A O   1 
ATOM   285  C CB  . SER A 1 37  ? 1.659   -4.041  10.419  1.00 10.90 ? 37  SER A CB  1 
ATOM   286  O OG  . SER A 1 37  ? 1.613   -5.312  11.034  1.00 13.89 ? 37  SER A OG  1 
ATOM   287  N N   . VAL A 1 38  ? 0.755   -2.568  7.482   1.00 8.36  ? 38  VAL A N   1 
ATOM   288  C CA  . VAL A 1 38  ? 0.648   -1.321  6.736   1.00 9.25  ? 38  VAL A CA  1 
ATOM   289  C C   . VAL A 1 38  ? -0.601  -0.551  7.157   1.00 9.53  ? 38  VAL A C   1 
ATOM   290  O O   . VAL A 1 38  ? -1.686  -1.139  7.266   1.00 10.87 ? 38  VAL A O   1 
ATOM   291  C CB  . VAL A 1 38  ? 0.602   -1.649  5.228   1.00 9.91  ? 38  VAL A CB  1 
ATOM   292  C CG1 . VAL A 1 38  ? 0.379   -0.395  4.423   1.00 10.76 ? 38  VAL A CG1 1 
ATOM   293  C CG2 . VAL A 1 38  ? 1.901   -2.357  4.811   1.00 10.63 ? 38  VAL A CG2 1 
ATOM   294  N N   . ASN A 1 39  ? -0.443  0.750   7.389   1.00 9.22  ? 39  ASN A N   1 
ATOM   295  C CA  . ASN A 1 39  ? -1.541  1.629   7.802   1.00 9.23  ? 39  ASN A CA  1 
ATOM   296  C C   . ASN A 1 39  ? -1.359  2.931   7.033   1.00 8.55  ? 39  ASN A C   1 
ATOM   297  O O   . ASN A 1 39  ? -0.421  3.691   7.299   1.00 8.09  ? 39  ASN A O   1 
ATOM   298  C CB  . ASN A 1 39  ? -1.454  1.882   9.309   1.00 10.84 ? 39  ASN A CB  1 
ATOM   299  C CG  . ASN A 1 39  ? -2.653  2.631   9.864   1.00 14.14 ? 39  ASN A CG  1 
ATOM   300  O OD1 . ASN A 1 39  ? -3.417  3.260   9.130   1.00 13.67 ? 39  ASN A OD1 1 
ATOM   301  N ND2 . ASN A 1 39  ? -2.813  2.573   11.185  1.00 16.89 ? 39  ASN A ND2 1 
ATOM   302  N N   . VAL A 1 40  ? -2.251  3.172   6.077   1.00 8.32  ? 40  VAL A N   1 
ATOM   303  C CA  . VAL A 1 40  ? -2.181  4.365   5.243   1.00 8.36  ? 40  VAL A CA  1 
ATOM   304  C C   . VAL A 1 40  ? -3.291  5.340   5.608   1.00 8.63  ? 40  VAL A C   1 
ATOM   305  O O   . VAL A 1 40  ? -4.472  5.019   5.482   1.00 9.20  ? 40  VAL A O   1 
ATOM   306  C CB  . VAL A 1 40  ? -2.326  3.989   3.744   1.00 8.05  ? 40  VAL A CB  1 
ATOM   307  C CG1 . VAL A 1 40  ? -2.159  5.224   2.885   1.00 8.09  ? 40  VAL A CG1 1 
ATOM   308  C CG2 . VAL A 1 40  ? -1.297  2.920   3.356   1.00 8.61  ? 40  VAL A CG2 1 
ATOM   309  N N   . THR A 1 41  ? -2.909  6.522   6.072   1.00 8.76  ? 41  THR A N   1 
ATOM   310  C CA  . THR A 1 41  ? -3.895  7.546   6.405   1.00 8.52  ? 41  THR A CA  1 
ATOM   311  C C   . THR A 1 41  ? -4.046  8.428   5.168   1.00 8.42  ? 41  THR A C   1 
ATOM   312  O O   . THR A 1 41  ? -3.058  8.965   4.662   1.00 9.00  ? 41  THR A O   1 
ATOM   313  C CB  . THR A 1 41  ? -3.416  8.421   7.573   1.00 9.33  ? 41  THR A CB  1 
ATOM   314  O OG1 . THR A 1 41  ? -3.145  7.594   8.712   1.00 10.31 ? 41  THR A OG1 1 
ATOM   315  C CG2 . THR A 1 41  ? -4.501  9.444   7.952   1.00 10.79 ? 41  THR A CG2 1 
ATOM   316  N N   . PHE A 1 42  ? -5.265  8.564   4.658   1.00 8.04  ? 42  PHE A N   1 
ATOM   317  C CA  . PHE A 1 42  ? -5.477  9.417   3.491   1.00 7.67  ? 42  PHE A CA  1 
ATOM   318  C C   . PHE A 1 42  ? -6.843  10.064  3.574   1.00 7.91  ? 42  PHE A C   1 
ATOM   319  O O   . PHE A 1 42  ? -7.743  9.563   4.246   1.00 8.11  ? 42  PHE A O   1 
ATOM   320  C CB  . PHE A 1 42  ? -5.366  8.622   2.173   1.00 7.66  ? 42  PHE A CB  1 
ATOM   321  C CG  . PHE A 1 42  ? -6.533  7.715   1.895   1.00 6.56  ? 42  PHE A CG  1 
ATOM   322  C CD1 . PHE A 1 42  ? -6.646  6.483   2.523   1.00 7.74  ? 42  PHE A CD1 1 
ATOM   323  C CD2 . PHE A 1 42  ? -7.523  8.098   0.993   1.00 6.99  ? 42  PHE A CD2 1 
ATOM   324  C CE1 . PHE A 1 42  ? -7.719  5.638   2.264   1.00 8.39  ? 42  PHE A CE1 1 
ATOM   325  C CE2 . PHE A 1 42  ? -8.601  7.252   0.731   1.00 8.04  ? 42  PHE A CE2 1 
ATOM   326  C CZ  . PHE A 1 42  ? -8.698  6.027   1.365   1.00 7.54  ? 42  PHE A CZ  1 
ATOM   327  N N   . THR A 1 43  ? -6.988  11.188  2.886   1.00 8.28  ? 43  THR A N   1 
ATOM   328  C CA  . THR A 1 43  ? -8.257  11.907  2.853   1.00 8.18  ? 43  THR A CA  1 
ATOM   329  C C   . THR A 1 43  ? -8.833  11.749  1.449   1.00 8.84  ? 43  THR A C   1 
ATOM   330  O O   . THR A 1 43  ? -8.147  11.987  0.459   1.00 8.87  ? 43  THR A O   1 
ATOM   331  C CB  . THR A 1 43  ? -8.037  13.390  3.175   1.00 8.80  ? 43  THR A CB  1 
ATOM   332  O OG1 . THR A 1 43  ? -7.431  13.505  4.469   1.00 9.46  ? 43  THR A OG1 1 
ATOM   333  C CG2 . THR A 1 43  ? -9.361  14.147  3.164   1.00 9.25  ? 43  THR A CG2 1 
ATOM   334  N N   . SER A 1 44  ? -10.086 11.328  1.358   1.00 8.73  ? 44  SER A N   1 
ATOM   335  C CA  . SER A 1 44  ? -10.707 11.162  0.055   1.00 8.80  ? 44  SER A CA  1 
ATOM   336  C C   . SER A 1 44  ? -11.179 12.485  -0.527  1.00 9.87  ? 44  SER A C   1 
ATOM   337  O O   . SER A 1 44  ? -11.622 13.366  0.214   1.00 10.01 ? 44  SER A O   1 
ATOM   338  C CB  . SER A 1 44  ? -11.922 10.244  0.157   1.00 9.35  ? 44  SER A CB  1 
ATOM   339  O OG  . SER A 1 44  ? -12.536 10.152  -1.113  1.00 9.15  ? 44  SER A OG  1 
ATOM   340  N N   . ASN A 1 45  ? -11.081 12.629  -1.846  1.00 10.45 ? 45  ASN A N   1 
ATOM   341  C CA  . ASN A 1 45  ? -11.613 13.817  -2.500  1.00 11.29 ? 45  ASN A CA  1 
ATOM   342  C C   . ASN A 1 45  ? -12.817 13.403  -3.355  1.00 11.03 ? 45  ASN A C   1 
ATOM   343  O O   . ASN A 1 45  ? -13.224 14.123  -4.264  1.00 11.85 ? 45  ASN A O   1 
ATOM   344  C CB  . ASN A 1 45  ? -10.575 14.511  -3.387  1.00 12.80 ? 45  ASN A CB  1 
ATOM   345  C CG  . ASN A 1 45  ? -11.056 15.865  -3.868  1.00 13.91 ? 45  ASN A CG  1 
ATOM   346  O OD1 . ASN A 1 45  ? -11.694 16.598  -3.109  1.00 15.14 ? 45  ASN A OD1 1 
ATOM   347  N ND2 . ASN A 1 45  ? -10.761 16.203  -5.120  1.00 15.78 ? 45  ASN A ND2 1 
ATOM   348  N N   . THR A 1 46  ? -13.391 12.241  -3.059  1.00 11.08 ? 46  THR A N   1 
ATOM   349  C CA  . THR A 1 46  ? -14.553 11.770  -3.810  1.00 11.23 ? 46  THR A CA  1 
ATOM   350  C C   . THR A 1 46  ? -15.411 10.801  -3.004  1.00 11.16 ? 46  THR A C   1 
ATOM   351  O O   . THR A 1 46  ? -14.980 10.220  -2.007  1.00 12.15 ? 46  THR A O   1 
ATOM   352  C CB  . THR A 1 46  ? -14.103 11.031  -5.100  1.00 11.67 ? 46  THR A CB  1 
ATOM   353  O OG1 . THR A 1 46  ? -15.243 10.769  -5.939  1.00 12.46 ? 46  THR A OG1 1 
ATOM   354  C CG2 . THR A 1 46  ? -13.442 9.693   -4.736  1.00 12.28 ? 46  THR A CG2 1 
ATOM   355  N N   . GLN A 1 47  ? -16.644 10.631  -3.457  1.00 11.84 ? 47  GLN A N   1 
ATOM   356  C CA  . GLN A 1 47  ? -17.536 9.662   -2.858  1.00 11.74 ? 47  GLN A CA  1 
ATOM   357  C C   . GLN A 1 47  ? -17.282 8.382   -3.666  1.00 10.80 ? 47  GLN A C   1 
ATOM   358  O O   . GLN A 1 47  ? -16.955 8.442   -4.857  1.00 11.03 ? 47  GLN A O   1 
ATOM   359  C CB  . GLN A 1 47  ? -18.993 10.117  -3.043  1.00 14.05 ? 47  GLN A CB  1 
ATOM   360  C CG  . GLN A 1 47  ? -20.058 9.194   -2.457  1.00 18.14 ? 47  GLN A CG  1 
ATOM   361  C CD  . GLN A 1 47  ? -20.306 7.956   -3.297  1.00 21.11 ? 47  GLN A CD  1 
ATOM   362  O OE1 . GLN A 1 47  ? -20.113 7.963   -4.516  1.00 23.58 ? 47  GLN A OE1 1 
ATOM   363  N NE2 . GLN A 1 47  ? -20.761 6.886   -2.651  1.00 23.59 ? 47  GLN A NE2 1 
ATOM   364  N N   . SER A 1 48  ? -17.401 7.229   -3.021  1.00 9.81  ? 48  SER A N   1 
ATOM   365  C CA  . SER A 1 48  ? -17.233 5.964   -3.730  1.00 9.79  ? 48  SER A CA  1 
ATOM   366  C C   . SER A 1 48  ? -17.899 4.844   -2.951  1.00 9.97  ? 48  SER A C   1 
ATOM   367  O O   . SER A 1 48  ? -17.737 4.736   -1.735  1.00 10.18 ? 48  SER A O   1 
ATOM   368  C CB  . SER A 1 48  ? -15.747 5.631   -3.921  1.00 9.44  ? 48  SER A CB  1 
ATOM   369  O OG  . SER A 1 48  ? -15.599 4.477   -4.737  1.00 9.13  ? 48  SER A OG  1 
ATOM   370  N N   . GLN A 1 49  ? -18.663 4.013   -3.649  1.00 10.44 ? 49  GLN A N   1 
ATOM   371  C CA  . GLN A 1 49  ? -19.317 2.887   -2.998  1.00 11.79 ? 49  GLN A CA  1 
ATOM   372  C C   . GLN A 1 49  ? -18.315 1.777   -2.663  1.00 11.53 ? 49  GLN A C   1 
ATOM   373  O O   . GLN A 1 49  ? -18.470 1.065   -1.656  1.00 12.39 ? 49  GLN A O   1 
ATOM   374  C CB  . GLN A 1 49  ? -20.405 2.299   -3.907  1.00 12.65 ? 49  GLN A CB  1 
ATOM   375  C CG  . GLN A 1 49  ? -21.592 3.220   -4.145  1.00 16.48 ? 49  GLN A CG  1 
ATOM   376  C CD  . GLN A 1 49  ? -22.349 3.526   -2.871  1.00 18.77 ? 49  GLN A CD  1 
ATOM   377  O OE1 . GLN A 1 49  ? -22.523 4.688   -2.503  1.00 21.64 ? 49  GLN A OE1 1 
ATOM   378  N NE2 . GLN A 1 49  ? -22.810 2.481   -2.190  1.00 19.95 ? 49  GLN A NE2 1 
ATOM   379  N N   . SER A 1 50  ? -17.280 1.658   -3.499  1.00 10.43 ? 50  SER A N   1 
ATOM   380  C CA  . SER A 1 50  ? -16.276 0.606   -3.374  1.00 10.32 ? 50  SER A CA  1 
ATOM   381  C C   . SER A 1 50  ? -14.851 1.117   -3.361  1.00 9.32  ? 50  SER A C   1 
ATOM   382  O O   . SER A 1 50  ? -14.587 2.283   -3.623  1.00 10.21 ? 50  SER A O   1 
ATOM   383  C CB  . SER A 1 50  ? -16.395 -0.354  -4.566  1.00 10.98 ? 50  SER A CB  1 
ATOM   384  O OG  . SER A 1 50  ? -15.899 0.255   -5.759  1.00 10.42 ? 50  SER A OG  1 
ATOM   385  N N   . SER A 1 51  ? -13.932 0.212   -3.046  1.00 9.24  ? 51  SER A N   1 
ATOM   386  C CA  . SER A 1 51  ? -12.511 0.521   -3.120  1.00 8.12  ? 51  SER A CA  1 
ATOM   387  C C   . SER A 1 51  ? -11.785 -0.803  -3.256  1.00 8.54  ? 51  SER A C   1 
ATOM   388  O O   . SER A 1 51  ? -12.188 -1.807  -2.673  1.00 9.33  ? 51  SER A O   1 
ATOM   389  C CB  . SER A 1 51  ? -12.014 1.309   -1.903  1.00 8.27  ? 51  SER A CB  1 
ATOM   390  O OG  . SER A 1 51  ? -12.114 0.578   -0.691  1.00 8.47  ? 51  SER A OG  1 
ATOM   391  N N   . LYS A 1 52  ? -10.705 -0.792  -4.032  1.00 8.90  ? 52  LYS A N   1 
ATOM   392  C CA  . LYS A 1 52  ? -9.935  -1.991  -4.313  1.00 8.69  ? 52  LYS A CA  1 
ATOM   393  C C   . LYS A 1 52  ? -8.448  -1.689  -4.239  1.00 8.20  ? 52  LYS A C   1 
ATOM   394  O O   . LYS A 1 52  ? -7.965  -0.695  -4.797  1.00 8.24  ? 52  LYS A O   1 
ATOM   395  C CB  . LYS A 1 52  ? -10.297 -2.515  -5.711  1.00 10.73 ? 52  LYS A CB  1 
ATOM   396  C CG  . LYS A 1 52  ? -9.481  -3.728  -6.178  1.00 13.51 ? 52  LYS A CG  1 
ATOM   397  C CD  . LYS A 1 52  ? -10.000 -4.307  -7.497  1.00 16.55 ? 52  LYS A CD  1 
ATOM   398  C CE  . LYS A 1 52  ? -9.856  -3.323  -8.647  1.00 19.04 ? 52  LYS A CE  1 
ATOM   399  N NZ  . LYS A 1 52  ? -10.463 -3.841  -9.910  1.00 22.11 ? 52  LYS A NZ  1 
ATOM   400  N N   . ALA A 1 53  ? -7.730  -2.540  -3.520  1.00 8.40  ? 53  ALA A N   1 
ATOM   401  C CA  . ALA A 1 53  ? -6.297  -2.364  -3.381  1.00 8.31  ? 53  ALA A CA  1 
ATOM   402  C C   . ALA A 1 53  ? -5.548  -3.292  -4.306  1.00 8.23  ? 53  ALA A C   1 
ATOM   403  O O   . ALA A 1 53  ? -6.018  -4.385  -4.642  1.00 9.55  ? 53  ALA A O   1 
ATOM   404  C CB  . ALA A 1 53  ? -5.884  -2.642  -1.953  1.00 8.61  ? 53  ALA A CB  1 
ATOM   405  N N   . VAL A 1 54  ? -4.375  -2.848  -4.722  1.00 8.16  ? 54  VAL A N   1 
ATOM   406  C CA  . VAL A 1 54  ? -3.515  -3.669  -5.555  1.00 9.04  ? 54  VAL A CA  1 
ATOM   407  C C   . VAL A 1 54  ? -2.069  -3.288  -5.246  1.00 8.49  ? 54  VAL A C   1 
ATOM   408  O O   . VAL A 1 54  ? -1.727  -2.111  -5.050  1.00 8.81  ? 54  VAL A O   1 
ATOM   409  C CB  . VAL A 1 54  ? -3.863  -3.509  -7.069  1.00 10.18 ? 54  VAL A CB  1 
ATOM   410  C CG1 . VAL A 1 54  ? -3.498  -2.144  -7.539  1.00 10.52 ? 54  VAL A CG1 1 
ATOM   411  C CG2 . VAL A 1 54  ? -3.171  -4.593  -7.913  1.00 11.66 ? 54  VAL A CG2 1 
ATOM   412  N N   . VAL A 1 55  ? -1.232  -4.306  -5.158  1.00 8.15  ? 55  VAL A N   1 
ATOM   413  C CA  . VAL A 1 55  ? 0.173   -4.119  -4.826  1.00 7.99  ? 55  VAL A CA  1 
ATOM   414  C C   . VAL A 1 55  ? 1.070   -4.767  -5.866  1.00 7.79  ? 55  VAL A C   1 
ATOM   415  O O   . VAL A 1 55  ? 0.758   -5.847  -6.388  1.00 8.75  ? 55  VAL A O   1 
ATOM   416  C CB  . VAL A 1 55  ? 0.479   -4.758  -3.445  1.00 8.24  ? 55  VAL A CB  1 
ATOM   417  C CG1 . VAL A 1 55  ? 1.913   -4.414  -3.004  1.00 8.68  ? 55  VAL A CG1 1 
ATOM   418  C CG2 . VAL A 1 55  ? -0.542  -4.289  -2.412  1.00 8.65  ? 55  VAL A CG2 1 
ATOM   419  N N   . HIS A 1 56  ? 2.171   -4.101  -6.189  1.00 7.29  ? 56  HIS A N   1 
ATOM   420  C CA  . HIS A 1 56  ? 3.161   -4.667  -7.098  1.00 8.47  ? 56  HIS A CA  1 
ATOM   421  C C   . HIS A 1 56  ? 4.537   -4.477  -6.508  1.00 8.42  ? 56  HIS A C   1 
ATOM   422  O O   . HIS A 1 56  ? 4.789   -3.514  -5.791  1.00 8.97  ? 56  HIS A O   1 
ATOM   423  C CB  . HIS A 1 56  ? 3.165   -3.963  -8.451  1.00 9.81  ? 56  HIS A CB  1 
ATOM   424  C CG  . HIS A 1 56  ? 1.921   -4.173  -9.233  1.00 11.59 ? 56  HIS A CG  1 
ATOM   425  N ND1 . HIS A 1 56  ? 1.792   -5.154  -10.192 1.00 14.43 ? 56  HIS A ND1 1 
ATOM   426  C CD2 . HIS A 1 56  ? 0.727   -3.545  -9.168  1.00 11.84 ? 56  HIS A CD2 1 
ATOM   427  C CE1 . HIS A 1 56  ? 0.567   -5.119  -10.684 1.00 12.51 ? 56  HIS A CE1 1 
ATOM   428  N NE2 . HIS A 1 56  ? -0.099  -4.152  -10.079 1.00 14.41 ? 56  HIS A NE2 1 
ATOM   429  N N   . GLY A 1 57  ? 5.413   -5.431  -6.785  1.00 8.02  ? 57  GLY A N   1 
ATOM   430  C CA  . GLY A 1 57  ? 6.807   -5.325  -6.400  1.00 8.43  ? 57  GLY A CA  1 
ATOM   431  C C   . GLY A 1 57  ? 7.506   -5.025  -7.723  1.00 9.96  ? 57  GLY A C   1 
ATOM   432  O O   . GLY A 1 57  ? 7.362   -5.785  -8.694  1.00 11.05 ? 57  GLY A O   1 
ATOM   433  N N   . ILE A 1 58  ? 8.229   -3.912  -7.794  1.00 8.51  ? 58  ILE A N   1 
ATOM   434  C CA  . ILE A 1 58  ? 8.945   -3.531  -9.005  1.00 8.75  ? 58  ILE A CA  1 
ATOM   435  C C   . ILE A 1 58  ? 10.365  -4.016  -8.769  1.00 8.98  ? 58  ILE A C   1 
ATOM   436  O O   . ILE A 1 58  ? 11.106  -3.468  -7.942  1.00 9.06  ? 58  ILE A O   1 
ATOM   437  C CB  . ILE A 1 58  ? 8.897   -2.011  -9.219  1.00 9.70  ? 58  ILE A CB  1 
ATOM   438  C CG1 . ILE A 1 58  ? 7.430   -1.562  -9.240  1.00 10.95 ? 58  ILE A CG1 1 
ATOM   439  C CG2 . ILE A 1 58  ? 9.595   -1.657  -10.535 1.00 10.13 ? 58  ILE A CG2 1 
ATOM   440  C CD1 . ILE A 1 58  ? 7.217   -0.072  -9.256  1.00 13.18 ? 58  ILE A CD1 1 
ATOM   441  N N   . VAL A 1 59  ? 10.708  -5.082  -9.479  1.00 8.47  ? 59  VAL A N   1 
ATOM   442  C CA  . VAL A 1 59  ? 11.994  -5.757  -9.334  1.00 9.49  ? 59  VAL A CA  1 
ATOM   443  C C   . VAL A 1 59  ? 12.891  -5.372  -10.494 1.00 9.38  ? 59  VAL A C   1 
ATOM   444  O O   . VAL A 1 59  ? 12.602  -5.711  -11.637 1.00 9.18  ? 59  VAL A O   1 
ATOM   445  C CB  . VAL A 1 59  ? 11.771  -7.277  -9.310  1.00 9.39  ? 59  VAL A CB  1 
ATOM   446  C CG1 . VAL A 1 59  ? 13.086  -7.992  -9.040  1.00 9.95  ? 59  VAL A CG1 1 
ATOM   447  C CG2 . VAL A 1 59  ? 10.744  -7.640  -8.235  1.00 10.59 ? 59  VAL A CG2 1 
ATOM   448  N N   . MET A 1 60  ? 13.982  -4.676  -10.191 1.00 10.53 ? 60  MET A N   1 
ATOM   449  C CA  . MET A 1 60  ? 14.895  -4.197  -11.226 1.00 12.48 ? 60  MET A CA  1 
ATOM   450  C C   . MET A 1 60  ? 14.118  -3.523  -12.362 1.00 12.35 ? 60  MET A C   1 
ATOM   451  O O   . MET A 1 60  ? 14.390  -3.746  -13.542 1.00 12.86 ? 60  MET A O   1 
ATOM   452  C CB  . MET A 1 60  ? 15.759  -5.334  -11.776 1.00 14.19 ? 60  MET A CB  1 
ATOM   453  C CG  . MET A 1 60  ? 16.623  -5.991  -10.729 1.00 15.30 ? 60  MET A CG  1 
ATOM   454  S SD  . MET A 1 60  ? 17.672  -7.309  -11.397 1.00 20.50 ? 60  MET A SD  1 
ATOM   455  C CE  . MET A 1 60  ? 16.654  -8.019  -12.487 1.00 11.07 ? 60  MET A CE  1 
ATOM   456  N N   . GLY A 1 61  ? 13.129  -2.709  -11.988 1.00 12.31 ? 61  GLY A N   1 
ATOM   457  C CA  . GLY A 1 61  ? 12.343  -1.973  -12.961 1.00 11.68 ? 61  GLY A CA  1 
ATOM   458  C C   . GLY A 1 61  ? 11.213  -2.730  -13.625 1.00 11.73 ? 61  GLY A C   1 
ATOM   459  O O   . GLY A 1 61  ? 10.489  -2.168  -14.449 1.00 11.77 ? 61  GLY A O   1 
ATOM   460  N N   . ILE A 1 62  ? 11.042  -3.995  -13.251 1.00 10.82 ? 62  ILE A N   1 
ATOM   461  C CA  . ILE A 1 62  ? 10.009  -4.846  -13.831 1.00 10.43 ? 62  ILE A CA  1 
ATOM   462  C C   . ILE A 1 62  ? 8.915   -5.136  -12.801 1.00 10.29 ? 62  ILE A C   1 
ATOM   463  O O   . ILE A 1 62  ? 9.169   -5.742  -11.765 1.00 9.91  ? 62  ILE A O   1 
ATOM   464  C CB  . ILE A 1 62  ? 10.660  -6.169  -14.324 1.00 10.14 ? 62  ILE A CB  1 
ATOM   465  C CG1 . ILE A 1 62  ? 11.666  -5.855  -15.438 1.00 10.62 ? 62  ILE A CG1 1 
ATOM   466  C CG2 . ILE A 1 62  ? 9.587   -7.161  -14.801 1.00 10.15 ? 62  ILE A CG2 1 
ATOM   467  C CD1 . ILE A 1 62  ? 12.772  -6.889  -15.594 1.00 11.44 ? 62  ILE A CD1 1 
ATOM   468  N N   . PRO A 1 63  ? 7.678   -4.699  -13.068 1.00 10.88 ? 63  PRO A N   1 
ATOM   469  C CA  . PRO A 1 63  ? 6.596   -4.947  -12.114 1.00 11.15 ? 63  PRO A CA  1 
ATOM   470  C C   . PRO A 1 63  ? 6.127   -6.393  -12.041 1.00 11.07 ? 63  PRO A C   1 
ATOM   471  O O   . PRO A 1 63  ? 5.966   -7.070  -13.061 1.00 11.00 ? 63  PRO A O   1 
ATOM   472  C CB  . PRO A 1 63  ? 5.490   -4.011  -12.594 1.00 11.85 ? 63  PRO A CB  1 
ATOM   473  C CG  . PRO A 1 63  ? 5.717   -3.998  -14.091 1.00 13.80 ? 63  PRO A CG  1 
ATOM   474  C CD  . PRO A 1 63  ? 7.219   -3.857  -14.187 1.00 11.96 ? 63  PRO A CD  1 
ATOM   475  N N   . VAL A 1 64  ? 5.893   -6.835  -10.811 1.00 10.28 ? 64  VAL A N   1 
ATOM   476  C CA  . VAL A 1 64  ? 5.420   -8.184  -10.508 1.00 11.34 ? 64  VAL A CA  1 
ATOM   477  C C   . VAL A 1 64  ? 4.229   -8.021  -9.538  1.00 10.77 ? 64  VAL A C   1 
ATOM   478  O O   . VAL A 1 64  ? 4.315   -7.264  -8.581  1.00 10.58 ? 64  VAL A O   1 
ATOM   479  C CB  . VAL A 1 64  ? 6.536   -9.007  -9.785  1.00 11.46 ? 64  VAL A CB  1 
ATOM   480  C CG1 . VAL A 1 64  ? 6.014   -10.371 -9.399  1.00 14.14 ? 64  VAL A CG1 1 
ATOM   481  C CG2 . VAL A 1 64  ? 7.769   -9.148  -10.680 1.00 14.25 ? 64  VAL A CG2 1 
ATOM   482  N N   . PRO A 1 65  ? 3.101   -8.710  -9.779  1.00 11.66 ? 65  PRO A N   1 
ATOM   483  C CA  . PRO A 1 65  ? 1.977   -8.557  -8.842  1.00 12.37 ? 65  PRO A CA  1 
ATOM   484  C C   . PRO A 1 65  ? 2.343   -9.157  -7.472  1.00 13.39 ? 65  PRO A C   1 
ATOM   485  O O   . PRO A 1 65  ? 2.974   -10.216 -7.416  1.00 13.22 ? 65  PRO A O   1 
ATOM   486  C CB  . PRO A 1 65  ? 0.850   -9.340  -9.522  1.00 13.55 ? 65  PRO A CB  1 
ATOM   487  C CG  . PRO A 1 65  ? 1.189   -9.253  -10.972 1.00 14.86 ? 65  PRO A CG  1 
ATOM   488  C CD  . PRO A 1 65  ? 2.691   -9.456  -10.984 1.00 12.76 ? 65  PRO A CD  1 
ATOM   489  N N   . PHE A 1 66  ? 1.969   -8.483  -6.381  1.00 13.39 ? 66  PHE A N   1 
ATOM   490  C CA  . PHE A 1 66  ? 2.228   -8.927  -4.997  1.00 15.14 ? 66  PHE A CA  1 
ATOM   491  C C   . PHE A 1 66  ? 0.898   -9.146  -4.272  1.00 17.27 ? 66  PHE A C   1 
ATOM   492  O O   . PHE A 1 66  ? 0.222   -8.194  -3.893  1.00 16.97 ? 66  PHE A O   1 
ATOM   493  C CB  . PHE A 1 66  ? 3.008   -7.870  -4.216  1.00 15.84 ? 66  PHE A CB  1 
ATOM   494  C CG  . PHE A 1 66  ? 4.504   -8.019  -4.282  1.00 15.02 ? 66  PHE A CG  1 
ATOM   495  C CD1 . PHE A 1 66  ? 5.112   -8.766  -5.288  1.00 14.97 ? 66  PHE A CD1 1 
ATOM   496  C CD2 . PHE A 1 66  ? 5.306   -7.373  -3.348  1.00 14.74 ? 66  PHE A CD2 1 
ATOM   497  C CE1 . PHE A 1 66  ? 6.510   -8.860  -5.354  1.00 14.11 ? 66  PHE A CE1 1 
ATOM   498  C CE2 . PHE A 1 66  ? 6.692   -7.460  -3.405  1.00 14.72 ? 66  PHE A CE2 1 
ATOM   499  C CZ  . PHE A 1 66  ? 7.297   -8.206  -4.413  1.00 14.25 ? 66  PHE A CZ  1 
ATOM   500  N N   . PRO A 1 67  ? 0.521   -10.404 -4.036  1.00 18.66 ? 67  PRO A N   1 
ATOM   501  C CA  . PRO A 1 67  ? -0.751  -10.666 -3.349  1.00 19.20 ? 67  PRO A CA  1 
ATOM   502  C C   . PRO A 1 67  ? -0.828  -10.199 -1.904  1.00 19.97 ? 67  PRO A C   1 
ATOM   503  O O   . PRO A 1 67  ? 0.173   -10.172 -1.188  1.00 20.93 ? 67  PRO A O   1 
ATOM   504  C CB  . PRO A 1 67  ? -0.896  -12.182 -3.459  1.00 19.56 ? 67  PRO A CB  1 
ATOM   505  C CG  . PRO A 1 67  ? -0.123  -12.517 -4.708  1.00 19.92 ? 67  PRO A CG  1 
ATOM   506  C CD  . PRO A 1 67  ? 1.099   -11.647 -4.573  1.00 19.53 ? 67  PRO A CD  1 
ATOM   507  N N   . ILE A 1 68  ? -2.034  -9.821  -1.494  1.00 21.09 ? 68  ILE A N   1 
ATOM   508  C CA  . ILE A 1 68  ? -2.298  -9.405  -0.126  1.00 21.51 ? 68  ILE A CA  1 
ATOM   509  C C   . ILE A 1 68  ? -3.495  -10.226 0.351   1.00 22.25 ? 68  ILE A C   1 
ATOM   510  O O   . ILE A 1 68  ? -4.291  -10.702 -0.465  1.00 21.61 ? 68  ILE A O   1 
ATOM   511  C CB  . ILE A 1 68  ? -2.583  -7.887  -0.015  1.00 21.09 ? 68  ILE A CB  1 
ATOM   512  C CG1 . ILE A 1 68  ? -3.652  -7.450  -1.018  1.00 21.19 ? 68  ILE A CG1 1 
ATOM   513  C CG2 . ILE A 1 68  ? -1.288  -7.118  -0.234  1.00 20.80 ? 68  ILE A CG2 1 
ATOM   514  C CD1 . ILE A 1 68  ? -4.050  -5.985  -0.851  1.00 19.63 ? 68  ILE A CD1 1 
ATOM   515  N N   . PRO A 1 69  ? -3.628  -10.421 1.674   1.00 22.89 ? 69  PRO A N   1 
ATOM   516  C CA  . PRO A 1 69  ? -4.721  -11.197 2.273   1.00 22.97 ? 69  PRO A CA  1 
ATOM   517  C C   . PRO A 1 69  ? -6.146  -10.753 1.936   1.00 22.44 ? 69  PRO A C   1 
ATOM   518  O O   . PRO A 1 69  ? -7.063  -11.573 1.899   1.00 23.62 ? 69  PRO A O   1 
ATOM   519  C CB  . PRO A 1 69  ? -4.437  -11.088 3.773   1.00 23.76 ? 69  PRO A CB  1 
ATOM   520  C CG  . PRO A 1 69  ? -2.951  -10.898 3.838   1.00 24.64 ? 69  PRO A CG  1 
ATOM   521  C CD  . PRO A 1 69  ? -2.715  -9.921  2.719   1.00 23.48 ? 69  PRO A CD  1 
ATOM   522  N N   . GLU A 1 70  ? -6.330  -9.463  1.692   1.00 20.58 ? 70  GLU A N   1 
ATOM   523  C CA  . GLU A 1 70  ? -7.653  -8.922  1.398   1.00 18.00 ? 70  GLU A CA  1 
ATOM   524  C C   . GLU A 1 70  ? -7.474  -7.735  0.457   1.00 15.37 ? 70  GLU A C   1 
ATOM   525  O O   . GLU A 1 70  ? -6.710  -6.834  0.767   1.00 15.83 ? 70  GLU A O   1 
ATOM   526  C CB  . GLU A 1 70  ? -8.306  -8.477  2.714   1.00 17.97 ? 70  GLU A CB  1 
ATOM   527  C CG  . GLU A 1 70  ? -9.599  -7.697  2.549   1.00 18.66 ? 70  GLU A CG  1 
ATOM   528  C CD  . GLU A 1 70  ? -10.694 -8.524  1.910   1.00 18.33 ? 70  GLU A CD  1 
ATOM   529  O OE1 . GLU A 1 70  ? -11.233 -9.430  2.591   1.00 19.98 ? 70  GLU A OE1 1 
ATOM   530  O OE2 . GLU A 1 70  ? -11.016 -8.287  0.730   1.00 17.83 ? 70  GLU A OE2 1 
ATOM   531  N N   . SER A 1 71  ? -8.156  -7.752  -0.689  1.00 13.87 ? 71  SER A N   1 
ATOM   532  C CA  . SER A 1 71  ? -8.036  -6.652  -1.661  1.00 12.63 ? 71  SER A CA  1 
ATOM   533  C C   . SER A 1 71  ? -9.205  -5.663  -1.668  1.00 11.67 ? 71  SER A C   1 
ATOM   534  O O   . SER A 1 71  ? -9.158  -4.661  -2.391  1.00 10.94 ? 71  SER A O   1 
ATOM   535  C CB  . SER A 1 71  ? -7.853  -7.206  -3.082  1.00 14.12 ? 71  SER A CB  1 
ATOM   536  O OG  . SER A 1 71  ? -6.655  -7.956  -3.191  1.00 18.07 ? 71  SER A OG  1 
ATOM   537  N N   . ASP A 1 72  ? -10.255 -5.941  -0.898  1.00 10.45 ? 72  ASP A N   1 
ATOM   538  C CA  . ASP A 1 72  ? -11.416 -5.050  -0.827  1.00 10.36 ? 72  ASP A CA  1 
ATOM   539  C C   . ASP A 1 72  ? -11.091 -4.005  0.236   1.00 9.69  ? 72  ASP A C   1 
ATOM   540  O O   . ASP A 1 72  ? -10.973 -4.322  1.415   1.00 10.14 ? 72  ASP A O   1 
ATOM   541  C CB  . ASP A 1 72  ? -12.661 -5.849  -0.427  1.00 10.99 ? 72  ASP A CB  1 
ATOM   542  C CG  . ASP A 1 72  ? -13.931 -5.021  -0.450  1.00 12.55 ? 72  ASP A CG  1 
ATOM   543  O OD1 . ASP A 1 72  ? -13.860 -3.775  -0.355  1.00 12.05 ? 72  ASP A OD1 1 
ATOM   544  O OD2 . ASP A 1 72  ? -15.014 -5.642  -0.548  1.00 14.02 ? 72  ASP A OD2 1 
ATOM   545  N N   . GLY A 1 73  ? -10.936 -2.757  -0.188  1.00 9.78  ? 73  GLY A N   1 
ATOM   546  C CA  . GLY A 1 73  ? -10.619 -1.701  0.751   1.00 9.64  ? 73  GLY A CA  1 
ATOM   547  C C   . GLY A 1 73  ? -11.673 -1.511  1.820   1.00 9.74  ? 73  GLY A C   1 
ATOM   548  O O   . GLY A 1 73  ? -11.370 -1.100  2.940   1.00 9.83  ? 73  GLY A O   1 
ATOM   549  N N   . CYS A 1 74  ? -12.919 -1.824  1.471   1.00 10.78 ? 74  CYS A N   1 
ATOM   550  C CA  . CYS A 1 74  ? -14.048 -1.684  2.387   1.00 11.41 ? 74  CYS A CA  1 
ATOM   551  C C   . CYS A 1 74  ? -14.033 -2.742  3.485   1.00 11.70 ? 74  CYS A C   1 
ATOM   552  O O   . CYS A 1 74  ? -14.838 -2.691  4.423   1.00 12.70 ? 74  CYS A O   1 
ATOM   553  C CB  . CYS A 1 74  ? -15.360 -1.721  1.587   1.00 12.63 ? 74  CYS A CB  1 
ATOM   554  S SG  . CYS A 1 74  ? -15.522 -0.356  0.383   1.00 14.00 ? 74  CYS A SG  1 
ATOM   555  N N   . LYS A 1 75  ? -13.113 -3.697  3.364   1.00 11.39 ? 75  LYS A N   1 
ATOM   556  C CA  . LYS A 1 75  ? -12.918 -4.741  4.373   1.00 11.73 ? 75  LYS A CA  1 
ATOM   557  C C   . LYS A 1 75  ? -11.507 -4.590  4.931   1.00 11.74 ? 75  LYS A C   1 
ATOM   558  O O   . LYS A 1 75  ? -10.973 -5.509  5.567   1.00 12.73 ? 75  LYS A O   1 
ATOM   559  C CB  . LYS A 1 75  ? -13.076 -6.130  3.750   1.00 12.17 ? 75  LYS A CB  1 
ATOM   560  C CG  . LYS A 1 75  ? -14.496 -6.393  3.258   1.00 14.39 ? 75  LYS A CG  1 
ATOM   561  C CD  . LYS A 1 75  ? -14.665 -7.794  2.695   1.00 16.67 ? 75  LYS A CD  1 
ATOM   562  C CE  . LYS A 1 75  ? -16.111 -8.039  2.302   1.00 18.41 ? 75  LYS A CE  1 
ATOM   563  N NZ  . LYS A 1 75  ? -16.303 -9.419  1.785   1.00 20.97 ? 75  LYS A NZ  1 
ATOM   564  N N   . SER A 1 76  ? -10.912 -3.424  4.683   1.00 10.91 ? 76  SER A N   1 
ATOM   565  C CA  . SER A 1 76  ? -9.554  -3.130  5.130   1.00 10.95 ? 76  SER A CA  1 
ATOM   566  C C   . SER A 1 76  ? -9.473  -1.911  6.038   1.00 11.32 ? 76  SER A C   1 
ATOM   567  O O   . SER A 1 76  ? -8.543  -1.100  5.937   1.00 11.48 ? 76  SER A O   1 
ATOM   568  C CB  . SER A 1 76  ? -8.640  -2.930  3.913   1.00 10.21 ? 76  SER A CB  1 
ATOM   569  O OG  . SER A 1 76  ? -8.656  -4.068  3.079   1.00 12.06 ? 76  SER A OG  1 
ATOM   570  N N   . GLY A 1 77  ? -10.469 -1.756  6.910   1.00 11.00 ? 77  GLY A N   1 
ATOM   571  C CA  . GLY A 1 77  ? -10.457 -0.646  7.849   1.00 11.64 ? 77  GLY A CA  1 
ATOM   572  C C   . GLY A 1 77  ? -11.181 0.606   7.398   1.00 11.49 ? 77  GLY A C   1 
ATOM   573  O O   . GLY A 1 77  ? -11.265 1.586   8.134   1.00 12.21 ? 77  GLY A O   1 
ATOM   574  N N   . ILE A 1 78  ? -11.703 0.575   6.181   1.00 11.46 ? 78  ILE A N   1 
ATOM   575  C CA  . ILE A 1 78  ? -12.434 1.708   5.627   1.00 11.61 ? 78  ILE A CA  1 
ATOM   576  C C   . ILE A 1 78  ? -13.930 1.416   5.693   1.00 12.46 ? 78  ILE A C   1 
ATOM   577  O O   . ILE A 1 78  ? -14.396 0.382   5.202   1.00 11.92 ? 78  ILE A O   1 
ATOM   578  C CB  . ILE A 1 78  ? -12.044 1.942   4.145   1.00 11.17 ? 78  ILE A CB  1 
ATOM   579  C CG1 . ILE A 1 78  ? -10.551 2.268   4.033   1.00 11.53 ? 78  ILE A CG1 1 
ATOM   580  C CG2 . ILE A 1 78  ? -12.893 3.066   3.536   1.00 11.60 ? 78  ILE A CG2 1 
ATOM   581  C CD1 . ILE A 1 78  ? -10.061 2.363   2.580   1.00 10.63 ? 78  ILE A CD1 1 
ATOM   582  N N   . ARG A 1 79  ? -14.678 2.329   6.304   1.00 13.20 ? 79  ARG A N   1 
ATOM   583  C CA  . ARG A 1 79  ? -16.126 2.158   6.383   1.00 14.86 ? 79  ARG A CA  1 
ATOM   584  C C   . ARG A 1 79  ? -16.743 2.767   5.130   1.00 14.12 ? 79  ARG A C   1 
ATOM   585  O O   . ARG A 1 79  ? -16.789 3.983   4.972   1.00 15.37 ? 79  ARG A O   1 
ATOM   586  C CB  . ARG A 1 79  ? -16.700 2.855   7.612   1.00 16.19 ? 79  ARG A CB  1 
ATOM   587  C CG  . ARG A 1 79  ? -18.213 2.670   7.730   1.00 20.08 ? 79  ARG A CG  1 
ATOM   588  C CD  . ARG A 1 79  ? -18.812 3.561   8.801   1.00 22.75 ? 79  ARG A CD  1 
ATOM   589  N NE  . ARG A 1 79  ? -18.156 3.381   10.090  0.00 24.56 ? 79  ARG A NE  1 
ATOM   590  C CZ  . ARG A 1 79  ? -18.507 4.021   11.200  0.00 25.64 ? 79  ARG A CZ  1 
ATOM   591  N NH1 . ARG A 1 79  ? -19.512 4.885   11.180  0.00 26.28 ? 79  ARG A NH1 1 
ATOM   592  N NH2 . ARG A 1 79  ? -17.848 3.802   12.328  0.00 26.28 ? 79  ARG A NH2 1 
ATOM   593  N N   . CYS A 1 80  ? -17.214 1.912   4.237   1.00 13.59 ? 80  CYS A N   1 
ATOM   594  C CA  . CYS A 1 80  ? -17.812 2.390   3.006   1.00 13.25 ? 80  CYS A CA  1 
ATOM   595  C C   . CYS A 1 80  ? -19.313 2.573   3.191   1.00 13.40 ? 80  CYS A C   1 
ATOM   596  O O   . CYS A 1 80  ? -19.914 1.942   4.055   1.00 14.63 ? 80  CYS A O   1 
ATOM   597  C CB  . CYS A 1 80  ? -17.507 1.398   1.889   1.00 14.04 ? 80  CYS A CB  1 
ATOM   598  S SG  . CYS A 1 80  ? -15.716 1.292   1.556   1.00 16.06 ? 80  CYS A SG  1 
ATOM   599  N N   . PRO A 1 81  ? -19.940 3.430   2.376   1.00 13.35 ? 81  PRO A N   1 
ATOM   600  C CA  . PRO A 1 81  ? -19.346 4.224   1.296   1.00 12.77 ? 81  PRO A CA  1 
ATOM   601  C C   . PRO A 1 81  ? -18.330 5.267   1.733   1.00 12.35 ? 81  PRO A C   1 
ATOM   602  O O   . PRO A 1 81  ? -18.452 5.879   2.792   1.00 12.12 ? 81  PRO A O   1 
ATOM   603  C CB  . PRO A 1 81  ? -20.555 4.888   0.635   1.00 13.90 ? 81  PRO A CB  1 
ATOM   604  C CG  . PRO A 1 81  ? -21.715 3.985   1.008   1.00 15.18 ? 81  PRO A CG  1 
ATOM   605  C CD  . PRO A 1 81  ? -21.403 3.608   2.422   1.00 14.25 ? 81  PRO A CD  1 
ATOM   606  N N   . ILE A 1 82  ? -17.328 5.473   0.889   1.00 11.09 ? 82  ILE A N   1 
ATOM   607  C CA  . ILE A 1 82  ? -16.317 6.483   1.142   1.00 10.86 ? 82  ILE A CA  1 
ATOM   608  C C   . ILE A 1 82  ? -16.924 7.848   0.783   1.00 11.31 ? 82  ILE A C   1 
ATOM   609  O O   . ILE A 1 82  ? -17.635 7.977   -0.219  1.00 11.46 ? 82  ILE A O   1 
ATOM   610  C CB  . ILE A 1 82  ? -15.069 6.183   0.284   1.00 11.12 ? 82  ILE A CB  1 
ATOM   611  C CG1 . ILE A 1 82  ? -14.364 4.961   0.879   1.00 12.03 ? 82  ILE A CG1 1 
ATOM   612  C CG2 . ILE A 1 82  ? -14.130 7.381   0.238   1.00 11.27 ? 82  ILE A CG2 1 
ATOM   613  C CD1 . ILE A 1 82  ? -13.318 4.332   -0.015  1.00 12.02 ? 82  ILE A CD1 1 
ATOM   614  N N   . GLU A 1 83  ? -16.646 8.856   1.603   1.00 11.53 ? 83  GLU A N   1 
ATOM   615  C CA  . GLU A 1 83  ? -17.186 10.198  1.383   1.00 12.73 ? 83  GLU A CA  1 
ATOM   616  C C   . GLU A 1 83  ? -16.117 11.250  1.109   1.00 12.17 ? 83  GLU A C   1 
ATOM   617  O O   . GLU A 1 83  ? -14.985 11.151  1.579   1.00 12.62 ? 83  GLU A O   1 
ATOM   618  C CB  . GLU A 1 83  ? -18.013 10.640  2.597   1.00 14.74 ? 83  GLU A CB  1 
ATOM   619  C CG  . GLU A 1 83  ? -19.146 9.697   2.987   1.00 17.71 ? 83  GLU A CG  1 
ATOM   620  C CD  . GLU A 1 83  ? -20.168 9.479   1.880   1.00 20.48 ? 83  GLU A CD  1 
ATOM   621  O OE1 . GLU A 1 83  ? -20.291 10.341  0.983   1.00 22.29 ? 83  GLU A OE1 1 
ATOM   622  O OE2 . GLU A 1 83  ? -20.867 8.442   1.921   1.00 22.85 ? 83  GLU A OE2 1 
ATOM   623  N N   . LYS A 1 84  ? -16.484 12.269  0.350   1.00 12.06 ? 84  LYS A N   1 
ATOM   624  C CA  . LYS A 1 84  ? -15.560 13.335  0.024   1.00 12.14 ? 84  LYS A CA  1 
ATOM   625  C C   . LYS A 1 84  ? -15.119 14.109  1.270   1.00 11.81 ? 84  LYS A C   1 
ATOM   626  O O   . LYS A 1 84  ? -15.934 14.460  2.127   1.00 11.81 ? 84  LYS A O   1 
ATOM   627  C CB  . LYS A 1 84  ? -16.219 14.279  -0.985  1.00 13.24 ? 84  LYS A CB  1 
ATOM   628  C CG  . LYS A 1 84  ? -15.331 15.391  -1.513  1.00 15.20 ? 84  LYS A CG  1 
ATOM   629  C CD  . LYS A 1 84  ? -16.121 16.304  -2.462  1.00 17.91 ? 84  LYS A CD  1 
ATOM   630  C CE  . LYS A 1 84  ? -15.230 17.312  -3.171  1.00 19.71 ? 84  LYS A CE  1 
ATOM   631  N NZ  . LYS A 1 84  ? -14.434 16.657  -4.247  1.00 22.81 ? 84  LYS A NZ  1 
ATOM   632  N N   . ASP A 1 85  ? -13.815 14.368  1.342   1.00 12.58 ? 85  ASP A N   1 
ATOM   633  C CA  . ASP A 1 85  ? -13.167 15.110  2.415   1.00 13.22 ? 85  ASP A CA  1 
ATOM   634  C C   . ASP A 1 85  ? -13.110 14.431  3.774   1.00 12.95 ? 85  ASP A C   1 
ATOM   635  O O   . ASP A 1 85  ? -12.794 15.062  4.786   1.00 14.71 ? 85  ASP A O   1 
ATOM   636  C CB  . ASP A 1 85  ? -13.762 16.523  2.509   1.00 14.67 ? 85  ASP A CB  1 
ATOM   637  C CG  . ASP A 1 85  ? -13.337 17.392  1.341   1.00 17.12 ? 85  ASP A CG  1 
ATOM   638  O OD1 . ASP A 1 85  ? -12.121 17.393  1.024   1.00 17.98 ? 85  ASP A OD1 1 
ATOM   639  O OD2 . ASP A 1 85  ? -14.199 18.063  0.737   1.00 18.30 ? 85  ASP A OD2 1 
ATOM   640  N N   . LYS A 1 86  ? -13.408 13.140  3.799   1.00 12.49 ? 86  LYS A N   1 
ATOM   641  C CA  . LYS A 1 86  ? -13.306 12.363  5.029   1.00 12.49 ? 86  LYS A CA  1 
ATOM   642  C C   . LYS A 1 86  ? -11.938 11.666  5.019   1.00 12.00 ? 86  LYS A C   1 
ATOM   643  O O   . LYS A 1 86  ? -11.402 11.334  3.950   1.00 10.87 ? 86  LYS A O   1 
ATOM   644  C CB  . LYS A 1 86  ? -14.421 11.316  5.126   1.00 14.20 ? 86  LYS A CB  1 
ATOM   645  C CG  . LYS A 1 86  ? -15.789 11.878  5.493   1.00 17.78 ? 86  LYS A CG  1 
ATOM   646  C CD  . LYS A 1 86  ? -16.650 10.786  6.112   1.00 20.77 ? 86  LYS A CD  1 
ATOM   647  C CE  . LYS A 1 86  ? -18.043 11.291  6.464   1.00 22.80 ? 86  LYS A CE  1 
ATOM   648  N NZ  . LYS A 1 86  ? -18.858 11.615  5.258   1.00 24.94 ? 86  LYS A NZ  1 
ATOM   649  N N   . THR A 1 87  ? -11.379 11.459  6.205   1.00 11.30 ? 87  THR A N   1 
ATOM   650  C CA  . THR A 1 87  ? -10.081 10.817  6.359   1.00 11.24 ? 87  THR A CA  1 
ATOM   651  C C   . THR A 1 87  ? -10.260 9.371   6.785   1.00 10.99 ? 87  THR A C   1 
ATOM   652  O O   . THR A 1 87  ? -11.087 9.043   7.648   1.00 11.20 ? 87  THR A O   1 
ATOM   653  C CB  . THR A 1 87  ? -9.222  11.593  7.360   1.00 10.92 ? 87  THR A CB  1 
ATOM   654  O OG1 . THR A 1 87  ? -8.964  12.892  6.816   1.00 11.83 ? 87  THR A OG1 1 
ATOM   655  C CG2 . THR A 1 87  ? -7.892  10.871  7.604   1.00 11.46 ? 87  THR A CG2 1 
ATOM   656  N N   . TYR A 1 88  ? -9.482  8.505   6.155   1.00 10.06 ? 88  TYR A N   1 
ATOM   657  C CA  . TYR A 1 88  ? -9.548  7.078   6.384   1.00 10.24 ? 88  TYR A CA  1 
ATOM   658  C C   . TYR A 1 88  ? -8.192  6.472   6.692   1.00 10.36 ? 88  TYR A C   1 
ATOM   659  O O   . TYR A 1 88  ? -7.144  7.043   6.361   1.00 10.61 ? 88  TYR A O   1 
ATOM   660  C CB  . TYR A 1 88  ? -10.085 6.398   5.127   1.00 10.18 ? 88  TYR A CB  1 
ATOM   661  C CG  . TYR A 1 88  ? -11.478 6.824   4.762   1.00 10.59 ? 88  TYR A CG  1 
ATOM   662  C CD1 . TYR A 1 88  ? -12.579 6.199   5.343   1.00 11.22 ? 88  TYR A CD1 1 
ATOM   663  C CD2 . TYR A 1 88  ? -11.700 7.895   3.896   1.00 10.31 ? 88  TYR A CD2 1 
ATOM   664  C CE1 . TYR A 1 88  ? -13.870 6.627   5.080   1.00 11.45 ? 88  TYR A CE1 1 
ATOM   665  C CE2 . TYR A 1 88  ? -13.002 8.338   3.628   1.00 11.60 ? 88  TYR A CE2 1 
ATOM   666  C CZ  . TYR A 1 88  ? -14.071 7.694   4.230   1.00 12.13 ? 88  TYR A CZ  1 
ATOM   667  O OH  . TYR A 1 88  ? -15.346 8.135   4.010   1.00 12.26 ? 88  TYR A OH  1 
ATOM   668  N N   . ASN A 1 89  ? -8.236  5.312   7.334   1.00 10.83 ? 89  ASN A N   1 
ATOM   669  C CA  . ASN A 1 89  ? -7.041  4.545   7.643   1.00 11.30 ? 89  ASN A CA  1 
ATOM   670  C C   . ASN A 1 89  ? -7.166  3.174   7.012   1.00 10.66 ? 89  ASN A C   1 
ATOM   671  O O   . ASN A 1 89  ? -7.908  2.313   7.488   1.00 10.92 ? 89  ASN A O   1 
ATOM   672  C CB  . ASN A 1 89  ? -6.855  4.432   9.148   1.00 13.58 ? 89  ASN A CB  1 
ATOM   673  C CG  . ASN A 1 89  ? -6.181  5.640   9.708   1.00 15.60 ? 89  ASN A CG  1 
ATOM   674  O OD1 . ASN A 1 89  ? -4.949  5.735   9.693   1.00 19.79 ? 89  ASN A OD1 1 
ATOM   675  N ND2 . ASN A 1 89  ? -6.971  6.599   10.164  1.00 17.23 ? 89  ASN A ND2 1 
ATOM   676  N N   . TYR A 1 90  ? -6.465  2.995   5.899   1.00 10.20 ? 90  TYR A N   1 
ATOM   677  C CA  . TYR A 1 90  ? -6.438  1.731   5.179   1.00 9.73  ? 90  TYR A CA  1 
ATOM   678  C C   . TYR A 1 90  ? -5.404  0.853   5.875   1.00 10.23 ? 90  TYR A C   1 
ATOM   679  O O   . TYR A 1 90  ? -4.238  1.230   6.002   1.00 9.32  ? 90  TYR A O   1 
ATOM   680  C CB  . TYR A 1 90  ? -6.041  1.966   3.716   1.00 9.69  ? 90  TYR A CB  1 
ATOM   681  C CG  . TYR A 1 90  ? -5.717  0.700   2.975   1.00 8.83  ? 90  TYR A CG  1 
ATOM   682  C CD1 . TYR A 1 90  ? -4.414  0.187   2.966   1.00 9.63  ? 90  TYR A CD1 1 
ATOM   683  C CD2 . TYR A 1 90  ? -6.715  -0.026  2.311   1.00 9.28  ? 90  TYR A CD2 1 
ATOM   684  C CE1 . TYR A 1 90  ? -4.114  -1.010  2.321   1.00 8.86  ? 90  TYR A CE1 1 
ATOM   685  C CE2 . TYR A 1 90  ? -6.420  -1.229  1.661   1.00 8.93  ? 90  TYR A CE2 1 
ATOM   686  C CZ  . TYR A 1 90  ? -5.115  -1.714  1.673   1.00 8.92  ? 90  TYR A CZ  1 
ATOM   687  O OH  . TYR A 1 90  ? -4.824  -2.908  1.073   1.00 9.80  ? 90  TYR A OH  1 
ATOM   688  N N   . VAL A 1 91  ? -5.826  -0.329  6.296   1.00 10.08 ? 91  VAL A N   1 
ATOM   689  C CA  . VAL A 1 91  ? -4.948  -1.229  7.033   1.00 11.12 ? 91  VAL A CA  1 
ATOM   690  C C   . VAL A 1 91  ? -4.875  -2.604  6.395   1.00 11.13 ? 91  VAL A C   1 
ATOM   691  O O   . VAL A 1 91  ? -5.893  -3.182  6.022   1.00 11.49 ? 91  VAL A O   1 
ATOM   692  C CB  . VAL A 1 91  ? -5.465  -1.371  8.488   1.00 11.54 ? 91  VAL A CB  1 
ATOM   693  C CG1 . VAL A 1 91  ? -4.683  -2.431  9.255   1.00 13.17 ? 91  VAL A CG1 1 
ATOM   694  C CG2 . VAL A 1 91  ? -5.364  -0.044  9.197   1.00 11.48 ? 91  VAL A CG2 1 
ATOM   695  N N   . ASN A 1 92  ? -3.663  -3.128  6.267   1.00 10.36 ? 92  ASN A N   1 
ATOM   696  C CA  . ASN A 1 92  ? -3.487  -4.456  5.713   1.00 11.19 ? 92  ASN A CA  1 
ATOM   697  C C   . ASN A 1 92  ? -2.098  -4.956  6.097   1.00 11.20 ? 92  ASN A C   1 
ATOM   698  O O   . ASN A 1 92  ? -1.387  -4.312  6.874   1.00 10.58 ? 92  ASN A O   1 
ATOM   699  C CB  . ASN A 1 92  ? -3.648  -4.426  4.187   1.00 12.70 ? 92  ASN A CB  1 
ATOM   700  C CG  . ASN A 1 92  ? -4.311  -5.678  3.646   1.00 15.01 ? 92  ASN A CG  1 
ATOM   701  O OD1 . ASN A 1 92  ? -3.887  -6.796  3.920   1.00 16.59 ? 92  ASN A OD1 1 
ATOM   702  N ND2 . ASN A 1 92  ? -5.369  -5.491  2.876   1.00 18.32 ? 92  ASN A ND2 1 
ATOM   703  N N   . LYS A 1 93  ? -1.737  -6.120  5.573   1.00 11.29 ? 93  LYS A N   1 
ATOM   704  C CA  . LYS A 1 93  ? -0.427  -6.708  5.822   1.00 12.04 ? 93  LYS A CA  1 
ATOM   705  C C   . LYS A 1 93  ? 0.188   -7.074  4.484   1.00 12.27 ? 93  LYS A C   1 
ATOM   706  O O   . LYS A 1 93  ? -0.527  -7.263  3.486   1.00 12.01 ? 93  LYS A O   1 
ATOM   707  C CB  . LYS A 1 93  ? -0.545  -7.961  6.698   1.00 14.30 ? 93  LYS A CB  1 
ATOM   708  C CG  . LYS A 1 93  ? -1.002  -7.675  8.121   1.00 16.77 ? 93  LYS A CG  1 
ATOM   709  C CD  . LYS A 1 93  ? -1.195  -8.961  8.918   1.00 19.49 ? 93  LYS A CD  1 
ATOM   710  C CE  . LYS A 1 93  ? 0.107   -9.736  9.061   0.00 18.52 ? 93  LYS A CE  1 
ATOM   711  N NZ  . LYS A 1 93  ? -0.081  -10.993 9.838   0.00 18.73 ? 93  LYS A NZ  1 
ATOM   712  N N   . LEU A 1 94  ? 1.514   -7.144  4.452   1.00 11.46 ? 94  LEU A N   1 
ATOM   713  C CA  . LEU A 1 94  ? 2.209   -7.506  3.233   1.00 12.31 ? 94  LEU A CA  1 
ATOM   714  C C   . LEU A 1 94  ? 3.165   -8.638  3.542   1.00 12.60 ? 94  LEU A C   1 
ATOM   715  O O   . LEU A 1 94  ? 4.233   -8.441  4.120   1.00 11.31 ? 94  LEU A O   1 
ATOM   716  C CB  . LEU A 1 94  ? 2.987   -6.330  2.641   1.00 12.43 ? 94  LEU A CB  1 
ATOM   717  C CG  . LEU A 1 94  ? 3.709   -6.704  1.334   1.00 13.74 ? 94  LEU A CG  1 
ATOM   718  C CD1 . LEU A 1 94  ? 2.689   -6.966  0.226   1.00 15.26 ? 94  LEU A CD1 1 
ATOM   719  C CD2 . LEU A 1 94  ? 4.654   -5.593  0.924   1.00 15.01 ? 94  LEU A CD2 1 
ATOM   720  N N   . PRO A 1 95  ? 2.783   -9.859  3.171   1.00 14.14 ? 95  PRO A N   1 
ATOM   721  C CA  . PRO A 1 95  ? 3.674   -10.982 3.444   1.00 14.43 ? 95  PRO A CA  1 
ATOM   722  C C   . PRO A 1 95  ? 4.892   -10.944 2.511   1.00 14.12 ? 95  PRO A C   1 
ATOM   723  O O   . PRO A 1 95  ? 4.765   -10.617 1.335   1.00 15.60 ? 95  PRO A O   1 
ATOM   724  C CB  . PRO A 1 95  ? 2.787   -12.205 3.172   1.00 15.60 ? 95  PRO A CB  1 
ATOM   725  C CG  . PRO A 1 95  ? 1.399   -11.684 3.314   1.00 16.97 ? 95  PRO A CG  1 
ATOM   726  C CD  . PRO A 1 95  ? 1.475   -10.325 2.684   1.00 15.00 ? 95  PRO A CD  1 
ATOM   727  N N   . VAL A 1 96  ? 6.064   -11.227 3.058   1.00 13.84 ? 96  VAL A N   1 
ATOM   728  C CA  . VAL A 1 96  ? 7.282   -11.277 2.247   1.00 13.66 ? 96  VAL A CA  1 
ATOM   729  C C   . VAL A 1 96  ? 7.347   -12.762 1.875   1.00 13.87 ? 96  VAL A C   1 
ATOM   730  O O   . VAL A 1 96  ? 7.525   -13.614 2.748   1.00 14.56 ? 96  VAL A O   1 
ATOM   731  C CB  . VAL A 1 96  ? 8.516   -10.851 3.072   1.00 14.01 ? 96  VAL A CB  1 
ATOM   732  C CG1 . VAL A 1 96  ? 9.783   -10.896 2.210   1.00 13.29 ? 96  VAL A CG1 1 
ATOM   733  C CG2 . VAL A 1 96  ? 8.320   -9.424  3.587   1.00 13.95 ? 96  VAL A CG2 1 
ATOM   734  N N   . LYS A 1 97  ? 7.202   -13.068 0.593   1.00 13.52 ? 97  LYS A N   1 
ATOM   735  C CA  . LYS A 1 97  ? 7.157   -14.458 0.143   1.00 12.65 ? 97  LYS A CA  1 
ATOM   736  C C   . LYS A 1 97  ? 8.433   -15.078 -0.380  1.00 11.46 ? 97  LYS A C   1 
ATOM   737  O O   . LYS A 1 97  ? 9.362   -14.379 -0.782  1.00 11.30 ? 97  LYS A O   1 
ATOM   738  C CB  . LYS A 1 97  ? 6.056   -14.579 -0.895  1.00 14.00 ? 97  LYS A CB  1 
ATOM   739  C CG  . LYS A 1 97  ? 4.741   -14.070 -0.333  1.00 16.13 ? 97  LYS A CG  1 
ATOM   740  C CD  . LYS A 1 97  ? 3.553   -14.512 -1.132  1.00 19.26 ? 97  LYS A CD  1 
ATOM   741  C CE  . LYS A 1 97  ? 2.302   -14.381 -0.270  1.00 20.39 ? 97  LYS A CE  1 
ATOM   742  N NZ  . LYS A 1 97  ? 1.117   -14.927 -0.965  1.00 21.62 ? 97  LYS A NZ  1 
ATOM   743  N N   . ASN A 1 98  ? 8.465   -16.411 -0.356  1.00 10.24 ? 98  ASN A N   1 
ATOM   744  C CA  . ASN A 1 98  ? 9.616   -17.160 -0.836  1.00 10.27 ? 98  ASN A CA  1 
ATOM   745  C C   . ASN A 1 98  ? 9.859   -16.927 -2.326  1.00 9.11  ? 98  ASN A C   1 
ATOM   746  O O   . ASN A 1 98  ? 10.990  -17.062 -2.793  1.00 8.20  ? 98  ASN A O   1 
ATOM   747  C CB  . ASN A 1 98  ? 9.421   -18.658 -0.584  1.00 11.19 ? 98  ASN A CB  1 
ATOM   748  C CG  . ASN A 1 98  ? 9.705   -19.046 0.851   1.00 13.42 ? 98  ASN A CG  1 
ATOM   749  O OD1 . ASN A 1 98  ? 10.181  -18.241 1.642   1.00 14.17 ? 98  ASN A OD1 1 
ATOM   750  N ND2 . ASN A 1 98  ? 9.433   -20.303 1.187   1.00 14.88 ? 98  ASN A ND2 1 
ATOM   751  N N   . GLU A 1 99  ? 8.806   -16.564 -3.061  1.00 8.30  ? 99  GLU A N   1 
ATOM   752  C CA  . GLU A 1 99  ? 8.911   -16.306 -4.497  1.00 8.92  ? 99  GLU A CA  1 
ATOM   753  C C   . GLU A 1 99  ? 9.644   -14.997 -4.784  1.00 8.56  ? 99  GLU A C   1 
ATOM   754  O O   . GLU A 1 99  ? 10.132  -14.795 -5.892  1.00 8.54  ? 99  GLU A O   1 
ATOM   755  C CB  . GLU A 1 99  ? 7.522   -16.204 -5.157  1.00 8.70  ? 99  GLU A CB  1 
ATOM   756  C CG  . GLU A 1 99  ? 6.750   -17.513 -5.333  1.00 10.38 ? 99  GLU A CG  1 
ATOM   757  C CD  . GLU A 1 99  ? 6.079   -18.008 -4.065  1.00 10.61 ? 99  GLU A CD  1 
ATOM   758  O OE1 . GLU A 1 99  ? 6.012   -17.259 -3.057  1.00 13.14 ? 99  GLU A OE1 1 
ATOM   759  O OE2 . GLU A 1 99  ? 5.597   -19.161 -4.076  1.00 10.02 ? 99  GLU A OE2 1 
ATOM   760  N N   . TYR A 1 100 ? 9.729   -14.114 -3.801  1.00 8.21  ? 100 TYR A N   1 
ATOM   761  C CA  . TYR A 1 100 ? 10.362  -12.826 -4.045  1.00 8.57  ? 100 TYR A CA  1 
ATOM   762  C C   . TYR A 1 100 ? 11.868  -12.949 -3.952  1.00 8.24  ? 100 TYR A C   1 
ATOM   763  O O   . TYR A 1 100 ? 12.381  -13.512 -2.988  1.00 8.11  ? 100 TYR A O   1 
ATOM   764  C CB  . TYR A 1 100 ? 9.888   -11.789 -3.028  1.00 8.76  ? 100 TYR A CB  1 
ATOM   765  C CG  . TYR A 1 100 ? 8.383   -11.576 -2.954  1.00 9.37  ? 100 TYR A CG  1 
ATOM   766  C CD1 . TYR A 1 100 ? 7.536   -11.999 -3.973  1.00 10.42 ? 100 TYR A CD1 1 
ATOM   767  C CD2 . TYR A 1 100 ? 7.818   -10.941 -1.849  1.00 10.60 ? 100 TYR A CD2 1 
ATOM   768  C CE1 . TYR A 1 100 ? 6.147   -11.800 -3.890  1.00 11.81 ? 100 TYR A CE1 1 
ATOM   769  C CE2 . TYR A 1 100 ? 6.432   -10.734 -1.764  1.00 10.84 ? 100 TYR A CE2 1 
ATOM   770  C CZ  . TYR A 1 100 ? 5.614   -11.172 -2.786  1.00 11.72 ? 100 TYR A CZ  1 
ATOM   771  O OH  . TYR A 1 100 ? 4.239   -11.018 -2.721  1.00 13.28 ? 100 TYR A OH  1 
ATOM   772  N N   . PRO A 1 101 ? 12.601  -12.432 -4.950  1.00 7.90  ? 101 PRO A N   1 
ATOM   773  C CA  . PRO A 1 101 ? 14.066  -12.526 -4.898  1.00 7.64  ? 101 PRO A CA  1 
ATOM   774  C C   . PRO A 1 101 ? 14.585  -11.737 -3.702  1.00 8.49  ? 101 PRO A C   1 
ATOM   775  O O   . PRO A 1 101 ? 14.018  -10.696 -3.343  1.00 8.02  ? 101 PRO A O   1 
ATOM   776  C CB  . PRO A 1 101 ? 14.504  -11.942 -6.245  1.00 7.24  ? 101 PRO A CB  1 
ATOM   777  C CG  . PRO A 1 101 ? 13.403  -10.955 -6.580  1.00 7.00  ? 101 PRO A CG  1 
ATOM   778  C CD  . PRO A 1 101 ? 12.137  -11.667 -6.128  1.00 8.42  ? 101 PRO A CD  1 
ATOM   779  N N   . SER A 1 102 ? 15.663  -12.215 -3.090  1.00 8.00  ? 102 SER A N   1 
ATOM   780  C CA  . SER A 1 102 ? 16.204  -11.580 -1.890  1.00 9.92  ? 102 SER A CA  1 
ATOM   781  C C   . SER A 1 102 ? 17.114  -10.399 -2.186  1.00 9.43  ? 102 SER A C   1 
ATOM   782  O O   . SER A 1 102 ? 18.296  -10.383 -1.834  1.00 9.88  ? 102 SER A O   1 
ATOM   783  C CB  . SER A 1 102 ? 16.924  -12.633 -1.036  1.00 10.94 ? 102 SER A CB  1 
ATOM   784  O OG  . SER A 1 102 ? 17.945  -13.276 -1.777  1.00 11.92 ? 102 SER A OG  1 
ATOM   785  N N   . ILE A 1 103 ? 16.520  -9.388  -2.808  1.00 8.99  ? 103 ILE A N   1 
ATOM   786  C CA  . ILE A 1 103 ? 17.219  -8.170  -3.195  1.00 9.50  ? 103 ILE A CA  1 
ATOM   787  C C   . ILE A 1 103 ? 16.307  -6.976  -2.920  1.00 9.12  ? 103 ILE A C   1 
ATOM   788  O O   . ILE A 1 103 ? 15.225  -7.138  -2.360  1.00 8.98  ? 103 ILE A O   1 
ATOM   789  C CB  . ILE A 1 103 ? 17.555  -8.204  -4.705  1.00 9.14  ? 103 ILE A CB  1 
ATOM   790  C CG1 . ILE A 1 103 ? 16.266  -8.378  -5.528  1.00 9.87  ? 103 ILE A CG1 1 
ATOM   791  C CG2 . ILE A 1 103 ? 18.542  -9.348  -4.989  1.00 9.59  ? 103 ILE A CG2 1 
ATOM   792  C CD1 . ILE A 1 103 ? 16.473  -8.224  -7.033  1.00 11.76 ? 103 ILE A CD1 1 
ATOM   793  N N   . LYS A 1 104 ? 16.748  -5.781  -3.318  1.00 10.47 ? 104 LYS A N   1 
ATOM   794  C CA  . LYS A 1 104 ? 15.942  -4.571  -3.176  1.00 11.40 ? 104 LYS A CA  1 
ATOM   795  C C   . LYS A 1 104 ? 14.806  -4.665  -4.180  1.00 11.68 ? 104 LYS A C   1 
ATOM   796  O O   . LYS A 1 104 ? 15.019  -5.016  -5.345  1.00 12.62 ? 104 LYS A O   1 
ATOM   797  C CB  . LYS A 1 104 ? 16.758  -3.312  -3.496  1.00 13.22 ? 104 LYS A CB  1 
ATOM   798  C CG  . LYS A 1 104 ? 15.882  -2.055  -3.666  1.00 15.44 ? 104 LYS A CG  1 
ATOM   799  C CD  . LYS A 1 104 ? 16.583  -0.972  -4.451  1.00 17.88 ? 104 LYS A CD  1 
ATOM   800  C CE  . LYS A 1 104 ? 15.634  0.182   -4.787  1.00 19.32 ? 104 LYS A CE  1 
ATOM   801  N NZ  . LYS A 1 104 ? 16.332  1.245   -5.557  1.00 21.39 ? 104 LYS A NZ  1 
ATOM   802  N N   . VAL A 1 105 ? 13.605  -4.351  -3.710  1.00 10.71 ? 105 VAL A N   1 
ATOM   803  C CA  . VAL A 1 105 ? 12.369  -4.373  -4.492  1.00 12.04 ? 105 VAL A CA  1 
ATOM   804  C C   . VAL A 1 105 ? 11.614  -3.088  -4.141  1.00 11.19 ? 105 VAL A C   1 
ATOM   805  O O   . VAL A 1 105 ? 11.581  -2.676  -2.974  1.00 13.70 ? 105 VAL A O   1 
ATOM   806  C CB  . VAL A 1 105 ? 11.472  -5.586  -4.062  1.00 13.11 ? 105 VAL A CB  1 
ATOM   807  C CG1 . VAL A 1 105 ? 10.082  -5.501  -4.709  1.00 15.70 ? 105 VAL A CG1 1 
ATOM   808  C CG2 . VAL A 1 105 ? 12.146  -6.901  -4.438  1.00 15.09 ? 105 VAL A CG2 1 
ATOM   809  N N   . VAL A 1 106 ? 11.028  -2.424  -5.126  1.00 9.61  ? 106 VAL A N   1 
ATOM   810  C CA  . VAL A 1 106 ? 10.235  -1.243  -4.811  1.00 9.42  ? 106 VAL A CA  1 
ATOM   811  C C   . VAL A 1 106 ? 8.780   -1.696  -4.721  1.00 9.26  ? 106 VAL A C   1 
ATOM   812  O O   . VAL A 1 106 ? 8.238   -2.276  -5.665  1.00 9.83  ? 106 VAL A O   1 
ATOM   813  C CB  . VAL A 1 106 ? 10.356  -0.160  -5.882  1.00 9.59  ? 106 VAL A CB  1 
ATOM   814  C CG1 . VAL A 1 106 ? 9.346   0.945   -5.597  1.00 9.83  ? 106 VAL A CG1 1 
ATOM   815  C CG2 . VAL A 1 106 ? 11.788  0.395   -5.906  1.00 11.39 ? 106 VAL A CG2 1 
ATOM   816  N N   . VAL A 1 107 ? 8.157   -1.456  -3.580  1.00 7.36  ? 107 VAL A N   1 
ATOM   817  C CA  . VAL A 1 107 ? 6.765   -1.823  -3.386  1.00 7.84  ? 107 VAL A CA  1 
ATOM   818  C C   . VAL A 1 107 ? 5.863   -0.656  -3.753  1.00 8.10  ? 107 VAL A C   1 
ATOM   819  O O   . VAL A 1 107 ? 6.052   0.469   -3.265  1.00 8.03  ? 107 VAL A O   1 
ATOM   820  C CB  . VAL A 1 107 ? 6.497   -2.199  -1.916  1.00 8.04  ? 107 VAL A CB  1 
ATOM   821  C CG1 . VAL A 1 107 ? 4.993   -2.353  -1.669  1.00 8.81  ? 107 VAL A CG1 1 
ATOM   822  C CG2 . VAL A 1 107 ? 7.208   -3.488  -1.586  1.00 9.14  ? 107 VAL A CG2 1 
ATOM   823  N N   . GLU A 1 108 ? 4.908   -0.913  -4.644  1.00 7.30  ? 108 GLU A N   1 
ATOM   824  C CA  . GLU A 1 108 ? 3.925   0.092   -5.031  1.00 7.56  ? 108 GLU A CA  1 
ATOM   825  C C   . GLU A 1 108 ? 2.567   -0.364  -4.506  1.00 7.21  ? 108 GLU A C   1 
ATOM   826  O O   . GLU A 1 108 ? 2.120   -1.474  -4.816  1.00 8.00  ? 108 GLU A O   1 
ATOM   827  C CB  . GLU A 1 108 ? 3.830   0.263   -6.549  1.00 7.83  ? 108 GLU A CB  1 
ATOM   828  C CG  . GLU A 1 108 ? 2.735   1.274   -6.927  1.00 8.86  ? 108 GLU A CG  1 
ATOM   829  C CD  . GLU A 1 108 ? 2.619   1.533   -8.411  1.00 11.28 ? 108 GLU A CD  1 
ATOM   830  O OE1 . GLU A 1 108 ? 3.628   1.881   -9.054  1.00 12.75 ? 108 GLU A OE1 1 
ATOM   831  O OE2 . GLU A 1 108 ? 1.489   1.408   -8.932  1.00 13.88 ? 108 GLU A OE2 1 
ATOM   832  N N   . TRP A 1 109 ? 1.910   0.477   -3.719  1.00 6.96  ? 109 TRP A N   1 
ATOM   833  C CA  . TRP A 1 109 ? 0.594   0.146   -3.168  1.00 6.81  ? 109 TRP A CA  1 
ATOM   834  C C   . TRP A 1 109 ? -0.393  1.181   -3.669  1.00 6.90  ? 109 TRP A C   1 
ATOM   835  O O   . TRP A 1 109 ? -0.115  2.374   -3.621  1.00 6.48  ? 109 TRP A O   1 
ATOM   836  C CB  . TRP A 1 109 ? 0.607   0.201   -1.634  1.00 7.37  ? 109 TRP A CB  1 
ATOM   837  C CG  . TRP A 1 109 ? -0.379  -0.728  -0.975  1.00 7.66  ? 109 TRP A CG  1 
ATOM   838  C CD1 . TRP A 1 109 ? -1.742  -0.759  -1.128  1.00 8.25  ? 109 TRP A CD1 1 
ATOM   839  C CD2 . TRP A 1 109 ? -0.056  -1.767  -0.059  1.00 7.65  ? 109 TRP A CD2 1 
ATOM   840  N NE1 . TRP A 1 109 ? -2.282  -1.760  -0.352  1.00 7.77  ? 109 TRP A NE1 1 
ATOM   841  C CE2 . TRP A 1 109 ? -1.265  -2.395  0.315   1.00 8.67  ? 109 TRP A CE2 1 
ATOM   842  C CE3 . TRP A 1 109 ? 1.149   -2.236  0.485   1.00 8.64  ? 109 TRP A CE3 1 
ATOM   843  C CZ2 . TRP A 1 109 ? -1.302  -3.472  1.211   1.00 9.73  ? 109 TRP A CZ2 1 
ATOM   844  C CZ3 . TRP A 1 109 ? 1.112   -3.302  1.371   1.00 9.24  ? 109 TRP A CZ3 1 
ATOM   845  C CH2 . TRP A 1 109 ? -0.107  -3.908  1.727   1.00 9.72  ? 109 TRP A CH2 1 
ATOM   846  N N   . GLU A 1 110 ? -1.558  0.709   -4.113  1.00 6.85  ? 110 GLU A N   1 
ATOM   847  C CA  . GLU A 1 110 ? -2.607  1.580   -4.639  1.00 7.12  ? 110 GLU A CA  1 
ATOM   848  C C   . GLU A 1 110 ? -3.969  1.165   -4.133  1.00 6.82  ? 110 GLU A C   1 
ATOM   849  O O   . GLU A 1 110 ? -4.186  0.014   -3.750  1.00 6.49  ? 110 GLU A O   1 
ATOM   850  C CB  . GLU A 1 110 ? -2.653  1.494   -6.167  1.00 8.74  ? 110 GLU A CB  1 
ATOM   851  C CG  . GLU A 1 110 ? -1.365  1.886   -6.839  1.00 10.15 ? 110 GLU A CG  1 
ATOM   852  C CD  . GLU A 1 110 ? -1.438  1.688   -8.313  1.00 10.38 ? 110 GLU A CD  1 
ATOM   853  O OE1 . GLU A 1 110 ? -1.476  0.519   -8.755  1.00 11.75 ? 110 GLU A OE1 1 
ATOM   854  O OE2 . GLU A 1 110 ? -1.470  2.705   -9.017  1.00 11.44 ? 110 GLU A OE2 1 
ATOM   855  N N   . LEU A 1 111 ? -4.887  2.124   -4.156  1.00 6.26  ? 111 LEU A N   1 
ATOM   856  C CA  . LEU A 1 111 ? -6.282  1.903   -3.795  1.00 5.82  ? 111 LEU A CA  1 
ATOM   857  C C   . LEU A 1 111 ? -7.076  2.694   -4.828  1.00 6.09  ? 111 LEU A C   1 
ATOM   858  O O   . LEU A 1 111 ? -6.801  3.877   -5.036  1.00 6.71  ? 111 LEU A O   1 
ATOM   859  C CB  . LEU A 1 111 ? -6.585  2.432   -2.394  1.00 6.51  ? 111 LEU A CB  1 
ATOM   860  C CG  . LEU A 1 111 ? -7.991  2.108   -1.877  1.00 7.34  ? 111 LEU A CG  1 
ATOM   861  C CD1 . LEU A 1 111 ? -8.057  0.638   -1.505  1.00 7.64  ? 111 LEU A CD1 1 
ATOM   862  C CD2 . LEU A 1 111 ? -8.320  2.968   -0.672  1.00 6.77  ? 111 LEU A CD2 1 
ATOM   863  N N   . THR A 1 112 ? -8.026  2.044   -5.495  1.00 6.39  ? 112 THR A N   1 
ATOM   864  C CA  . THR A 1 112 ? -8.844  2.708   -6.513  1.00 7.20  ? 112 THR A CA  1 
ATOM   865  C C   . THR A 1 112 ? -10.318 2.763   -6.108  1.00 7.33  ? 112 THR A C   1 
ATOM   866  O O   . THR A 1 112 ? -10.784 1.976   -5.269  1.00 7.78  ? 112 THR A O   1 
ATOM   867  C CB  . THR A 1 112 ? -8.721  2.020   -7.889  1.00 7.56  ? 112 THR A CB  1 
ATOM   868  O OG1 . THR A 1 112 ? -9.013  0.631   -7.760  1.00 7.87  ? 112 THR A OG1 1 
ATOM   869  C CG2 . THR A 1 112 ? -7.315  2.188   -8.461  1.00 7.59  ? 112 THR A CG2 1 
ATOM   870  N N   . ASP A 1 113 ? -11.045 3.694   -6.731  1.00 7.42  ? 113 ASP A N   1 
ATOM   871  C CA  . ASP A 1 113 ? -12.462 3.940   -6.448  1.00 7.49  ? 113 ASP A CA  1 
ATOM   872  C C   . ASP A 1 113 ? -13.407 3.333   -7.488  1.00 8.32  ? 113 ASP A C   1 
ATOM   873  O O   . ASP A 1 113 ? -12.992 2.535   -8.328  1.00 7.77  ? 113 ASP A O   1 
ATOM   874  C CB  . ASP A 1 113 ? -12.708 5.452   -6.293  1.00 7.58  ? 113 ASP A CB  1 
ATOM   875  C CG  . ASP A 1 113 ? -12.692 6.207   -7.615  1.00 7.98  ? 113 ASP A CG  1 
ATOM   876  O OD1 . ASP A 1 113 ? -12.415 5.606   -8.680  1.00 8.14  ? 113 ASP A OD1 1 
ATOM   877  O OD2 . ASP A 1 113 ? -12.960 7.431   -7.568  1.00 10.32 ? 113 ASP A OD2 1 
ATOM   878  N N   . ASP A 1 114 ? -14.682 3.717   -7.415  1.00 8.85  ? 114 ASP A N   1 
ATOM   879  C CA  . ASP A 1 114 ? -15.702 3.193   -8.331  1.00 10.81 ? 114 ASP A CA  1 
ATOM   880  C C   . ASP A 1 114 ? -15.358 3.397   -9.794  1.00 9.53  ? 114 ASP A C   1 
ATOM   881  O O   . ASP A 1 114 ? -15.753 2.594   -10.638 1.00 11.57 ? 114 ASP A O   1 
ATOM   882  C CB  . ASP A 1 114 ? -17.072 3.865   -8.105  1.00 10.77 ? 114 ASP A CB  1 
ATOM   883  C CG  . ASP A 1 114 ? -17.751 3.443   -6.824  1.00 13.56 ? 114 ASP A CG  1 
ATOM   884  O OD1 . ASP A 1 114 ? -17.411 2.386   -6.257  1.00 13.62 ? 114 ASP A OD1 1 
ATOM   885  O OD2 . ASP A 1 114 ? -18.667 4.185   -6.386  1.00 13.90 ? 114 ASP A OD2 1 
ATOM   886  N N   . LYS A 1 115 ? -14.666 4.495   -10.087 1.00 10.07 ? 115 LYS A N   1 
ATOM   887  C CA  . LYS A 1 115 ? -14.283 4.839   -11.451 1.00 9.36  ? 115 LYS A CA  1 
ATOM   888  C C   . LYS A 1 115 ? -12.882 4.354   -11.794 1.00 8.26  ? 115 LYS A C   1 
ATOM   889  O O   . LYS A 1 115 ? -12.290 4.793   -12.777 1.00 8.06  ? 115 LYS A O   1 
ATOM   890  C CB  . LYS A 1 115 ? -14.355 6.353   -11.660 1.00 11.60 ? 115 LYS A CB  1 
ATOM   891  C CG  . LYS A 1 115 ? -15.716 6.960   -11.368 1.00 15.89 ? 115 LYS A CG  1 
ATOM   892  C CD  . LYS A 1 115 ? -15.781 8.402   -11.826 1.00 19.09 ? 115 LYS A CD  1 
ATOM   893  C CE  . LYS A 1 115 ? -17.162 8.992   -11.565 1.00 20.91 ? 115 LYS A CE  1 
ATOM   894  N NZ  . LYS A 1 115 ? -18.236 8.152   -12.168 1.00 22.59 ? 115 LYS A NZ  1 
ATOM   895  N N   . ASN A 1 116 ? -12.369 3.420   -10.991 1.00 7.21  ? 116 ASN A N   1 
ATOM   896  C CA  . ASN A 1 116 ? -11.029 2.862   -11.183 1.00 7.06  ? 116 ASN A CA  1 
ATOM   897  C C   . ASN A 1 116 ? -9.919  3.917   -11.083 1.00 6.62  ? 116 ASN A C   1 
ATOM   898  O O   . ASN A 1 116 ? -8.833  3.739   -11.645 1.00 6.53  ? 116 ASN A O   1 
ATOM   899  C CB  . ASN A 1 116 ? -10.940 2.118   -12.529 1.00 6.81  ? 116 ASN A CB  1 
ATOM   900  C CG  . ASN A 1 116 ? -9.708  1.230   -12.629 1.00 8.12  ? 116 ASN A CG  1 
ATOM   901  O OD1 . ASN A 1 116 ? -9.286  0.624   -11.639 1.00 8.38  ? 116 ASN A OD1 1 
ATOM   902  N ND2 . ASN A 1 116 ? -9.136  1.131   -13.830 1.00 7.95  ? 116 ASN A ND2 1 
ATOM   903  N N   . GLN A 1 117 ? -10.196 5.003   -10.368 1.00 6.98  ? 117 GLN A N   1 
ATOM   904  C CA  . GLN A 1 117 ? -9.230  6.081   -10.190 1.00 7.35  ? 117 GLN A CA  1 
ATOM   905  C C   . GLN A 1 117 ? -8.496  5.936   -8.861  1.00 7.29  ? 117 GLN A C   1 
ATOM   906  O O   . GLN A 1 117 ? -9.054  5.482   -7.854  1.00 7.42  ? 117 GLN A O   1 
ATOM   907  C CB  . GLN A 1 117 ? -9.911  7.449   -10.298 1.00 7.75  ? 117 GLN A CB  1 
ATOM   908  C CG  . GLN A 1 117 ? -10.348 7.746   -11.744 1.00 10.49 ? 117 GLN A CG  1 
ATOM   909  C CD  . GLN A 1 117 ? -10.934 9.131   -11.942 1.00 11.33 ? 117 GLN A CD  1 
ATOM   910  O OE1 . GLN A 1 117 ? -10.745 10.030  -11.126 1.00 12.93 ? 117 GLN A OE1 1 
ATOM   911  N NE2 . GLN A 1 117 ? -11.642 9.312   -13.049 1.00 13.09 ? 117 GLN A NE2 1 
ATOM   912  N N   . ARG A 1 118 ? -7.233  6.328   -8.874  1.00 6.91  ? 118 ARG A N   1 
ATOM   913  C CA  . ARG A 1 118 ? -6.388  6.173   -7.702  1.00 6.40  ? 118 ARG A CA  1 
ATOM   914  C C   . ARG A 1 118 ? -6.647  7.107   -6.542  1.00 6.79  ? 118 ARG A C   1 
ATOM   915  O O   . ARG A 1 118 ? -6.439  8.312   -6.673  1.00 7.71  ? 118 ARG A O   1 
ATOM   916  C CB  . ARG A 1 118 ? -4.909  6.323   -8.113  1.00 6.36  ? 118 ARG A CB  1 
ATOM   917  C CG  . ARG A 1 118 ? -4.416  5.293   -9.138  1.00 6.64  ? 118 ARG A CG  1 
ATOM   918  C CD  . ARG A 1 118 ? -3.001  5.586   -9.629  1.00 6.39  ? 118 ARG A CD  1 
ATOM   919  N NE  . ARG A 1 118 ? -2.920  6.826   -10.396 1.00 4.88  ? 118 ARG A NE  1 
ATOM   920  C CZ  . ARG A 1 118 ? -3.120  6.905   -11.706 1.00 6.42  ? 118 ARG A CZ  1 
ATOM   921  N NH1 . ARG A 1 118 ? -3.407  5.821   -12.420 1.00 5.68  ? 118 ARG A NH1 1 
ATOM   922  N NH2 . ARG A 1 118 ? -3.047  8.088   -12.305 1.00 6.59  ? 118 ARG A NH2 1 
ATOM   923  N N   . PHE A 1 119 ? -7.110  6.557   -5.418  1.00 6.34  ? 119 PHE A N   1 
ATOM   924  C CA  . PHE A 1 119 ? -7.240  7.326   -4.175  1.00 6.17  ? 119 PHE A CA  1 
ATOM   925  C C   . PHE A 1 119 ? -5.786  7.623   -3.744  1.00 7.04  ? 119 PHE A C   1 
ATOM   926  O O   . PHE A 1 119 ? -5.452  8.730   -3.320  1.00 7.58  ? 119 PHE A O   1 
ATOM   927  C CB  . PHE A 1 119 ? -7.852  6.485   -3.050  1.00 5.43  ? 119 PHE A CB  1 
ATOM   928  C CG  . PHE A 1 119 ? -9.355  6.370   -3.077  1.00 6.19  ? 119 PHE A CG  1 
ATOM   929  C CD1 . PHE A 1 119 ? -10.159 7.481   -2.803  1.00 6.83  ? 119 PHE A CD1 1 
ATOM   930  C CD2 . PHE A 1 119 ? -9.962  5.140   -3.304  1.00 7.53  ? 119 PHE A CD2 1 
ATOM   931  C CE1 . PHE A 1 119 ? -11.551 7.360   -2.739  1.00 7.95  ? 119 PHE A CE1 1 
ATOM   932  C CE2 . PHE A 1 119 ? -11.344 5.010   -3.244  1.00 7.14  ? 119 PHE A CE2 1 
ATOM   933  C CZ  . PHE A 1 119 ? -12.137 6.121   -2.963  1.00 7.91  ? 119 PHE A CZ  1 
ATOM   934  N N   . PHE A 1 120 ? -4.931  6.604   -3.811  1.00 6.39  ? 120 PHE A N   1 
ATOM   935  C CA  . PHE A 1 120 ? -3.533  6.796   -3.457  1.00 6.43  ? 120 PHE A CA  1 
ATOM   936  C C   . PHE A 1 120 ? -2.661  5.832   -4.209  1.00 6.12  ? 120 PHE A C   1 
ATOM   937  O O   . PHE A 1 120 ? -3.116  4.776   -4.658  1.00 6.70  ? 120 PHE A O   1 
ATOM   938  C CB  . PHE A 1 120 ? -3.290  6.676   -1.921  1.00 6.06  ? 120 PHE A CB  1 
ATOM   939  C CG  . PHE A 1 120 ? -3.511  5.288   -1.316  1.00 6.59  ? 120 PHE A CG  1 
ATOM   940  C CD1 . PHE A 1 120 ? -2.650  4.214   -1.579  1.00 6.64  ? 120 PHE A CD1 1 
ATOM   941  C CD2 . PHE A 1 120 ? -4.526  5.094   -0.377  1.00 6.93  ? 120 PHE A CD2 1 
ATOM   942  C CE1 . PHE A 1 120 ? -2.803  2.985   -0.910  1.00 6.32  ? 120 PHE A CE1 1 
ATOM   943  C CE2 . PHE A 1 120 ? -4.677  3.874   0.284   1.00 7.32  ? 120 PHE A CE2 1 
ATOM   944  C CZ  . PHE A 1 120 ? -3.813  2.827   0.017   1.00 7.00  ? 120 PHE A CZ  1 
ATOM   945  N N   . CYS A 1 121 ? -1.411  6.239   -4.387  1.00 6.13  ? 121 CYS A N   1 
ATOM   946  C CA  . CYS A 1 121 ? -0.393  5.411   -5.016  1.00 5.89  ? 121 CYS A CA  1 
ATOM   947  C C   . CYS A 1 121 ? 0.902   5.826   -4.377  1.00 6.38  ? 121 CYS A C   1 
ATOM   948  O O   . CYS A 1 121 ? 1.281   6.998   -4.472  1.00 6.26  ? 121 CYS A O   1 
ATOM   949  C CB  . CYS A 1 121 ? -0.252  5.681   -6.519  1.00 7.52  ? 121 CYS A CB  1 
ATOM   950  S SG  . CYS A 1 121 ? 0.920   4.548   -7.376  1.00 8.63  ? 121 CYS A SG  1 
ATOM   951  N N   . TRP A 1 122 ? 1.572   4.898   -3.710  1.00 5.91  ? 122 TRP A N   1 
ATOM   952  C CA  . TRP A 1 122 ? 2.865   5.237   -3.131  1.00 6.27  ? 122 TRP A CA  1 
ATOM   953  C C   . TRP A 1 122 ? 3.846   4.104   -3.350  1.00 6.31  ? 122 TRP A C   1 
ATOM   954  O O   . TRP A 1 122 ? 3.447   2.945   -3.506  1.00 6.74  ? 122 TRP A O   1 
ATOM   955  C CB  . TRP A 1 122 ? 2.747   5.583   -1.634  1.00 6.47  ? 122 TRP A CB  1 
ATOM   956  C CG  . TRP A 1 122 ? 1.992   4.599   -0.776  1.00 6.83  ? 122 TRP A CG  1 
ATOM   957  C CD1 . TRP A 1 122 ? 0.671   4.667   -0.417  1.00 6.68  ? 122 TRP A CD1 1 
ATOM   958  C CD2 . TRP A 1 122 ? 2.514   3.414   -0.149  1.00 7.51  ? 122 TRP A CD2 1 
ATOM   959  N NE1 . TRP A 1 122 ? 0.345   3.612   0.390   1.00 6.97  ? 122 TRP A NE1 1 
ATOM   960  C CE2 . TRP A 1 122 ? 1.451   2.827   0.574   1.00 6.74  ? 122 TRP A CE2 1 
ATOM   961  C CE3 . TRP A 1 122 ? 3.773   2.790   -0.133  1.00 7.04  ? 122 TRP A CE3 1 
ATOM   962  C CZ2 . TRP A 1 122 ? 1.604   1.650   1.309   1.00 8.17  ? 122 TRP A CZ2 1 
ATOM   963  C CZ3 . TRP A 1 122 ? 3.925   1.616   0.602   1.00 7.82  ? 122 TRP A CZ3 1 
ATOM   964  C CH2 . TRP A 1 122 ? 2.843   1.062   1.314   1.00 7.01  ? 122 TRP A CH2 1 
ATOM   965  N N   . GLN A 1 123 ? 5.127   4.463   -3.370  1.00 6.52  ? 123 GLN A N   1 
ATOM   966  C CA  . GLN A 1 123 ? 6.241   3.541   -3.558  1.00 6.84  ? 123 GLN A CA  1 
ATOM   967  C C   . GLN A 1 123 ? 7.292   3.713   -2.480  1.00 6.78  ? 123 GLN A C   1 
ATOM   968  O O   . GLN A 1 123 ? 7.607   4.845   -2.084  1.00 6.74  ? 123 GLN A O   1 
ATOM   969  C CB  . GLN A 1 123 ? 6.919   3.776   -4.921  1.00 7.73  ? 123 GLN A CB  1 
ATOM   970  C CG  . GLN A 1 123 ? 6.118   3.227   -6.085  1.00 8.23  ? 123 GLN A CG  1 
ATOM   971  C CD  . GLN A 1 123 ? 6.666   3.584   -7.455  1.00 10.07 ? 123 GLN A CD  1 
ATOM   972  O OE1 . GLN A 1 123 ? 6.021   3.312   -8.472  1.00 12.12 ? 123 GLN A OE1 1 
ATOM   973  N NE2 . GLN A 1 123 ? 7.843   4.181   -7.498  1.00 10.98 ? 123 GLN A NE2 1 
ATOM   974  N N   . ILE A 1 124 ? 7.808   2.588   -1.992  1.00 6.47  ? 124 ILE A N   1 
ATOM   975  C CA  . ILE A 1 124 ? 8.909   2.592   -1.031  1.00 6.93  ? 124 ILE A CA  1 
ATOM   976  C C   . ILE A 1 124 ? 9.816   1.412   -1.339  1.00 7.84  ? 124 ILE A C   1 
ATOM   977  O O   . ILE A 1 124 ? 9.376   0.387   -1.877  1.00 8.31  ? 124 ILE A O   1 
ATOM   978  C CB  . ILE A 1 124 ? 8.479   2.445   0.462   1.00 7.37  ? 124 ILE A CB  1 
ATOM   979  C CG1 . ILE A 1 124 ? 7.818   1.086   0.703   1.00 8.14  ? 124 ILE A CG1 1 
ATOM   980  C CG2 . ILE A 1 124 ? 7.577   3.603   0.880   1.00 6.98  ? 124 ILE A CG2 1 
ATOM   981  C CD1 . ILE A 1 124 ? 7.430   0.840   2.170   1.00 9.77  ? 124 ILE A CD1 1 
ATOM   982  N N   . PRO A 1 125 ? 11.104  1.546   -1.026  1.00 7.97  ? 125 PRO A N   1 
ATOM   983  C CA  . PRO A 1 125 ? 12.022  0.443   -1.277  1.00 8.70  ? 125 PRO A CA  1 
ATOM   984  C C   . PRO A 1 125 ? 12.012  -0.529  -0.108  1.00 9.29  ? 125 PRO A C   1 
ATOM   985  O O   . PRO A 1 125 ? 11.921  -0.108  1.054   1.00 9.30  ? 125 PRO A O   1 
ATOM   986  C CB  . PRO A 1 125 ? 13.374  1.134   -1.379  1.00 8.60  ? 125 PRO A CB  1 
ATOM   987  C CG  . PRO A 1 125 ? 13.241  2.285   -0.403  1.00 9.98  ? 125 PRO A CG  1 
ATOM   988  C CD  . PRO A 1 125 ? 11.832  2.788   -0.705  1.00 9.13  ? 125 PRO A CD  1 
ATOM   989  N N   . ILE A 1 126 ? 12.078  -1.822  -0.400  1.00 9.43  ? 126 ILE A N   1 
ATOM   990  C CA  . ILE A 1 126 ? 12.226  -2.808  0.666   1.00 10.15 ? 126 ILE A CA  1 
ATOM   991  C C   . ILE A 1 126 ? 13.335  -3.768  0.262   1.00 10.77 ? 126 ILE A C   1 
ATOM   992  O O   . ILE A 1 126 ? 13.635  -3.939  -0.918  1.00 11.41 ? 126 ILE A O   1 
ATOM   993  C CB  . ILE A 1 126 ? 10.957  -3.649  0.980   1.00 11.07 ? 126 ILE A CB  1 
ATOM   994  C CG1 . ILE A 1 126 ? 10.683  -4.664  -0.130  1.00 11.48 ? 126 ILE A CG1 1 
ATOM   995  C CG2 . ILE A 1 126 ? 9.778   -2.734  1.259   1.00 11.26 ? 126 ILE A CG2 1 
ATOM   996  C CD1 . ILE A 1 126 ? 9.587   -5.673  0.243   1.00 12.57 ? 126 ILE A CD1 1 
ATOM   997  N N   . GLU A 1 127 ? 13.980  -4.358  1.254   1.00 10.22 ? 127 GLU A N   1 
ATOM   998  C CA  . GLU A 1 127 ? 15.019  -5.339  0.997   1.00 11.52 ? 127 GLU A CA  1 
ATOM   999  C C   . GLU A 1 127 ? 14.435  -6.658  1.443   1.00 11.86 ? 127 GLU A C   1 
ATOM   1000 O O   . GLU A 1 127 ? 14.103  -6.838  2.618   1.00 12.02 ? 127 GLU A O   1 
ATOM   1001 C CB  . GLU A 1 127 ? 16.260  -5.048  1.818   1.00 11.64 ? 127 GLU A CB  1 
ATOM   1002 C CG  . GLU A 1 127 ? 16.995  -3.824  1.398   1.00 14.07 ? 127 GLU A CG  1 
ATOM   1003 C CD  . GLU A 1 127 ? 17.919  -3.350  2.496   0.50 14.48 ? 127 GLU A CD  1 
ATOM   1004 O OE1 . GLU A 1 127 ? 18.688  -4.189  3.013   0.50 16.40 ? 127 GLU A OE1 1 
ATOM   1005 O OE2 . GLU A 1 127 ? 17.874  -2.153  2.847   0.50 15.16 ? 127 GLU A OE2 1 
ATOM   1006 N N   . VAL A 1 128 ? 14.275  -7.572  0.498   1.00 11.20 ? 128 VAL A N   1 
ATOM   1007 C CA  . VAL A 1 128 ? 13.750  -8.892  0.818   1.00 11.37 ? 128 VAL A CA  1 
ATOM   1008 C C   . VAL A 1 128 ? 14.909  -9.721  1.374   1.00 12.61 ? 128 VAL A C   1 
ATOM   1009 O O   . VAL A 1 128 ? 15.926  -9.914  0.710   1.00 11.85 ? 128 VAL A O   1 
ATOM   1010 C CB  . VAL A 1 128 ? 13.174  -9.584  -0.439  1.00 10.23 ? 128 VAL A CB  1 
ATOM   1011 C CG1 . VAL A 1 128 ? 12.722  -11.013 -0.098  1.00 11.05 ? 128 VAL A CG1 1 
ATOM   1012 C CG2 . VAL A 1 128 ? 12.000  -8.783  -0.972  1.00 10.73 ? 128 VAL A CG2 1 
ATOM   1013 N N   . GLU A 1 129 ? 14.769  -10.189 2.608   1.00 13.55 ? 129 GLU A N   1 
ATOM   1014 C CA  . GLU A 1 129 ? 15.819  -10.989 3.222   1.00 15.89 ? 129 GLU A CA  1 
ATOM   1015 C C   . GLU A 1 129 ? 15.417  -12.451 3.209   1.00 16.29 ? 129 GLU A C   1 
ATOM   1016 O O   . GLU A 1 129 ? 14.284  -12.795 3.551   1.00 15.80 ? 129 GLU A O   1 
ATOM   1017 C CB  . GLU A 1 129 ? 16.044  -10.541 4.660   1.00 16.99 ? 129 GLU A CB  1 
ATOM   1018 C CG  . GLU A 1 129 ? 16.385  -9.092  4.804   1.00 20.15 ? 129 GLU A CG  1 
ATOM   1019 C CD  . GLU A 1 129 ? 16.425  -8.697  6.249   1.00 22.53 ? 129 GLU A CD  1 
ATOM   1020 O OE1 . GLU A 1 129 ? 15.404  -8.900  6.947   1.00 24.12 ? 129 GLU A OE1 1 
ATOM   1021 O OE2 . GLU A 1 129 ? 17.479  -8.202  6.687   1.00 23.21 ? 129 GLU A OE2 1 
ATOM   1022 N N   . ALA A 1 130 ? 16.343  -13.311 2.805   1.00 17.58 ? 130 ALA A N   1 
ATOM   1023 C CA  . ALA A 1 130 ? 16.062  -14.733 2.748   1.00 18.70 ? 130 ALA A CA  1 
ATOM   1024 C C   . ALA A 1 130 ? 15.930  -15.278 4.165   1.00 19.81 ? 130 ALA A C   1 
ATOM   1025 O O   . ALA A 1 130 ? 16.608  -14.744 5.069   1.00 20.70 ? 130 ALA A O   1 
ATOM   1026 C CB  . ALA A 1 130 ? 17.185  -15.458 2.004   1.00 18.73 ? 130 ALA A CB  1 
HETATM 1027 C C1  . NAG B 2 .   ? -3.772  3.357   11.964  1.00 20.80 ? 402 NAG A C1  1 
HETATM 1028 C C2  . NAG B 2 .   ? -3.953  2.593   13.340  1.00 23.01 ? 402 NAG A C2  1 
HETATM 1029 C C3  . NAG B 2 .   ? -4.931  3.488   14.188  1.00 24.49 ? 402 NAG A C3  1 
HETATM 1030 C C4  . NAG B 2 .   ? -4.305  4.901   14.427  1.00 25.07 ? 402 NAG A C4  1 
HETATM 1031 C C5  . NAG B 2 .   ? -3.999  5.591   13.015  1.00 24.80 ? 402 NAG A C5  1 
HETATM 1032 C C6  . NAG B 2 .   ? -3.235  6.835   13.083  1.00 25.90 ? 402 NAG A C6  1 
HETATM 1033 C C7  . NAG B 2 .   ? -4.205  0.089   13.224  1.00 25.33 ? 402 NAG A C7  1 
HETATM 1034 C C8  . NAG B 2 .   ? -5.251  -0.916  13.108  1.00 26.73 ? 402 NAG A C8  1 
HETATM 1035 N N2  . NAG B 2 .   ? -4.669  1.351   13.037  1.00 24.18 ? 402 NAG A N2  1 
HETATM 1036 O O3  . NAG B 2 .   ? -5.128  2.788   15.429  1.00 25.28 ? 402 NAG A O3  1 
HETATM 1037 O O4  . NAG B 2 .   ? -5.306  5.699   15.098  1.00 26.35 ? 402 NAG A O4  1 
HETATM 1038 O O5  . NAG B 2 .   ? -3.160  4.614   12.217  1.00 22.67 ? 402 NAG A O5  1 
HETATM 1039 O O6  . NAG B 2 .   ? -3.420  7.582   11.926  1.00 28.71 ? 402 NAG A O6  1 
HETATM 1040 O O7  . NAG B 2 .   ? -3.092  -0.214  13.038  1.00 27.70 ? 402 NAG A O7  1 
HETATM 1041 P P   . PO4 C 3 .   ? -0.043  2.207   -12.112 1.00 10.91 ? 401 PO4 A P   1 
HETATM 1042 O O1  . PO4 C 3 .   ? 0.403   0.926   -12.806 1.00 17.98 ? 401 PO4 A O1  1 
HETATM 1043 O O2  . PO4 C 3 .   ? -1.354  1.956   -11.449 1.00 13.63 ? 401 PO4 A O2  1 
HETATM 1044 O O3  . PO4 C 3 .   ? 1.006   2.639   -11.094 1.00 17.20 ? 401 PO4 A O3  1 
HETATM 1045 O O4  . PO4 C 3 .   ? -0.179  3.304   -13.205 1.00 14.76 ? 401 PO4 A O4  1 
HETATM 1046 O O   . HOH D 4 .   ? -2.874  13.538  -3.948  1.00 10.33 ? 201 HOH A O   1 
HETATM 1047 O O   . HOH D 4 .   ? 12.678  -3.003  8.547   1.00 11.32 ? 202 HOH A O   1 
HETATM 1048 O O   . HOH D 4 .   ? -7.097  -4.282  0.779   1.00 11.19 ? 203 HOH A O   1 
HETATM 1049 O O   . HOH D 4 .   ? 14.278  -0.928  9.398   1.00 10.40 ? 204 HOH A O   1 
HETATM 1050 O O   . HOH D 4 .   ? -11.667 0.216   -8.060  1.00 11.27 ? 205 HOH A O   1 
HETATM 1051 O O   . HOH D 4 .   ? 10.629  5.110   9.557   1.00 8.49  ? 206 HOH A O   1 
HETATM 1052 O O   . HOH D 4 .   ? 11.419  1.832   2.735   1.00 12.20 ? 207 HOH A O   1 
HETATM 1053 O O   . HOH D 4 .   ? 1.693   11.955  -8.054  1.00 12.77 ? 208 HOH A O   1 
HETATM 1054 O O   . HOH D 4 .   ? 4.458   8.729   6.047   1.00 12.82 ? 209 HOH A O   1 
HETATM 1055 O O   . HOH D 4 .   ? 12.826  -1.656  -9.243  1.00 13.47 ? 210 HOH A O   1 
HETATM 1056 O O   . HOH D 4 .   ? -15.340 -2.444  -2.265  1.00 14.40 ? 211 HOH A O   1 
HETATM 1057 O O   . HOH D 4 .   ? -0.816  6.028   8.823   1.00 11.78 ? 212 HOH A O   1 
HETATM 1058 O O   . HOH D 4 .   ? 0.230   -1.416  -7.383  1.00 11.48 ? 213 HOH A O   1 
HETATM 1059 O O   . HOH D 4 .   ? -13.391 -0.905  -6.135  1.00 14.04 ? 214 HOH A O   1 
HETATM 1060 O O   . HOH D 4 .   ? 0.714   14.691  6.488   1.00 16.29 ? 215 HOH A O   1 
HETATM 1061 O O   . HOH D 4 .   ? -0.221  14.493  0.184   1.00 14.50 ? 216 HOH A O   1 
HETATM 1062 O O   . HOH D 4 .   ? -1.139  12.782  -1.866  1.00 13.10 ? 217 HOH A O   1 
HETATM 1063 O O   . HOH D 4 .   ? -10.760 4.322   8.305   1.00 15.27 ? 218 HOH A O   1 
HETATM 1064 O O   . HOH D 4 .   ? -1.617  -1.475  -10.919 1.00 17.52 ? 219 HOH A O   1 
HETATM 1065 O O   . HOH D 4 .   ? -12.094 6.972   -14.643 1.00 14.88 ? 220 HOH A O   1 
HETATM 1066 O O   . HOH D 4 .   ? 11.383  -7.263  3.085   1.00 15.34 ? 221 HOH A O   1 
HETATM 1067 O O   . HOH D 4 .   ? -6.830  -1.002  -7.551  1.00 14.13 ? 222 HOH A O   1 
HETATM 1068 O O   . HOH D 4 .   ? -2.124  -7.029  -4.981  1.00 15.39 ? 223 HOH A O   1 
HETATM 1069 O O   . HOH D 4 .   ? -13.650 4.425   8.036   1.00 15.96 ? 224 HOH A O   1 
HETATM 1070 O O   . HOH D 4 .   ? -15.903 7.013   -7.045  1.00 16.59 ? 225 HOH A O   1 
HETATM 1071 O O   . HOH D 4 .   ? 10.216  4.659   -6.494  1.00 17.24 ? 226 HOH A O   1 
HETATM 1072 O O   . HOH D 4 .   ? -17.139 -0.982  4.725   1.00 16.40 ? 227 HOH A O   1 
HETATM 1073 O O   . HOH D 4 .   ? -7.882  -1.662  -11.742 1.00 18.29 ? 228 HOH A O   1 
HETATM 1074 O O   . HOH D 4 .   ? -19.366 12.549  -0.212  1.00 17.36 ? 229 HOH A O   1 
HETATM 1075 O O   . HOH D 4 .   ? -6.321  -2.565  -9.724  1.00 16.54 ? 230 HOH A O   1 
HETATM 1076 O O   . HOH D 4 .   ? 1.976   -0.065  10.479  1.00 17.79 ? 231 HOH A O   1 
HETATM 1077 O O   . HOH D 4 .   ? -8.747  1.472   9.995   1.00 18.48 ? 232 HOH A O   1 
HETATM 1078 O O   . HOH D 4 .   ? -17.125 6.646   5.640   1.00 19.08 ? 233 HOH A O   1 
HETATM 1079 O O   . HOH D 4 .   ? -1.186  12.343  -9.137  1.00 17.24 ? 234 HOH A O   1 
HETATM 1080 O O   . HOH D 4 .   ? -12.915 7.233   -17.092 1.00 15.30 ? 235 HOH A O   1 
HETATM 1081 O O   . HOH D 4 .   ? 15.277  -3.914  -7.776  1.00 19.48 ? 236 HOH A O   1 
HETATM 1082 O O   . HOH D 4 .   ? 2.409   14.701  0.320   1.00 16.14 ? 237 HOH A O   1 
HETATM 1083 O O   . HOH D 4 .   ? -0.442  5.426   11.462  1.00 18.82 ? 238 HOH A O   1 
HETATM 1084 O O   . HOH D 4 .   ? -11.461 18.590  -1.332  1.00 20.90 ? 240 HOH A O   1 
HETATM 1085 O O   . HOH D 4 .   ? 14.478  -18.064 2.307   1.00 20.15 ? 241 HOH A O   1 
HETATM 1086 O O   . HOH D 4 .   ? -4.104  -2.804  -11.364 1.00 19.02 ? 242 HOH A O   1 
HETATM 1087 O O   . HOH D 4 .   ? 5.988   1.132   14.196  1.00 18.43 ? 243 HOH A O   1 
HETATM 1088 O O   . HOH D 4 .   ? 3.519   11.044  -9.952  1.00 19.23 ? 244 HOH A O   1 
HETATM 1089 O O   . HOH D 4 .   ? -10.840 14.893  6.899   1.00 24.41 ? 245 HOH A O   1 
HETATM 1090 O O   . HOH D 4 .   ? 8.582   5.894   -9.581  1.00 21.75 ? 246 HOH A O   1 
HETATM 1091 O O   . HOH D 4 .   ? 11.002  6.273   12.067  1.00 19.11 ? 247 HOH A O   1 
HETATM 1092 O O   . HOH D 4 .   ? 11.081  3.752   -3.941  1.00 21.55 ? 248 HOH A O   1 
HETATM 1093 O O   . HOH D 4 .   ? -17.753 12.973  -4.808  1.00 22.50 ? 249 HOH A O   1 
HETATM 1094 O O   . HOH D 4 .   ? 20.101  -2.830  4.397   1.00 18.60 ? 250 HOH A O   1 
HETATM 1095 O O   . HOH D 4 .   ? 5.922   9.924   -9.788  1.00 20.21 ? 251 HOH A O   1 
HETATM 1096 O O   . HOH D 4 .   ? 1.429   1.769   -15.471 1.00 20.47 ? 252 HOH A O   1 
HETATM 1097 O O   . HOH D 4 .   ? 13.828  3.188   -4.168  1.00 22.78 ? 253 HOH A O   1 
HETATM 1098 O O   . HOH D 4 .   ? 1.188   11.896  -1.609  1.00 20.10 ? 254 HOH A O   1 
HETATM 1099 O O   . HOH D 4 .   ? -13.167 9.175   -9.440  1.00 20.09 ? 255 HOH A O   1 
HETATM 1100 O O   . HOH D 4 .   ? 8.736   -22.419 -1.217  1.00 19.58 ? 256 HOH A O   1 
HETATM 1101 O O   . HOH D 4 .   ? 6.613   -20.549 -1.788  1.00 18.98 ? 257 HOH A O   1 
HETATM 1102 O O   . HOH D 4 .   ? -12.685 12.421  8.542   1.00 19.37 ? 258 HOH A O   1 
HETATM 1103 O O   . HOH D 4 .   ? -6.580  -5.344  -9.273  1.00 21.98 ? 259 HOH A O   1 
HETATM 1104 O O   . HOH D 4 .   ? -11.495 -6.580  -4.288  1.00 23.12 ? 260 HOH A O   1 
HETATM 1105 O O   . HOH D 4 .   ? 19.164  -3.752  10.870  1.00 22.49 ? 261 HOH A O   1 
HETATM 1106 O O   . HOH D 4 .   ? 3.961   -6.867  11.045  1.00 22.16 ? 262 HOH A O   1 
HETATM 1107 O O   . HOH D 4 .   ? -1.292  -7.685  -7.627  1.00 24.04 ? 263 HOH A O   1 
HETATM 1108 O O   . HOH D 4 .   ? 6.788   10.777  4.869   1.00 22.98 ? 264 HOH A O   1 
HETATM 1109 O O   . HOH D 4 .   ? -20.592 1.175   0.082   1.00 22.61 ? 265 HOH A O   1 
HETATM 1110 O O   . HOH D 4 .   ? 6.292   7.225   -9.546  1.00 22.25 ? 266 HOH A O   1 
HETATM 1111 O O   . HOH D 4 .   ? 15.057  -1.461  -7.768  1.00 23.12 ? 267 HOH A O   1 
HETATM 1112 O O   . HOH D 4 .   ? -14.597 9.058   -18.193 1.00 18.87 ? 268 HOH A O   1 
HETATM 1113 O O   . HOH D 4 .   ? 4.900   -11.471 10.660  1.00 22.78 ? 269 HOH A O   1 
HETATM 1114 O O   . HOH D 4 .   ? -6.395  18.022  5.835   1.00 22.95 ? 270 HOH A O   1 
HETATM 1115 O O   . HOH D 4 .   ? -11.593 -1.000  -10.397 1.00 21.79 ? 271 HOH A O   1 
HETATM 1116 O O   . HOH D 4 .   ? 3.734   -12.415 -8.842  1.00 24.19 ? 272 HOH A O   1 
HETATM 1117 O O   . HOH D 4 .   ? -6.490  -6.142  -6.620  1.00 21.70 ? 273 HOH A O   1 
HETATM 1118 O O   . HOH D 4 .   ? -17.483 -4.728  0.042   1.00 25.85 ? 274 HOH A O   1 
HETATM 1119 O O   . HOH D 4 .   ? 12.105  -19.108 3.385   1.00 26.03 ? 275 HOH A O   1 
HETATM 1120 O O   . HOH D 4 .   ? 3.688   14.699  2.610   1.00 25.41 ? 276 HOH A O   1 
HETATM 1121 O O   . HOH D 4 .   ? 9.822   8.698   8.073   1.00 22.56 ? 277 HOH A O   1 
HETATM 1122 O O   . HOH D 4 .   ? -15.190 -8.366  -1.002  1.00 26.05 ? 278 HOH A O   1 
HETATM 1123 O O   . HOH D 4 .   ? 18.942  -12.241 2.013   1.00 23.60 ? 279 HOH A O   1 
HETATM 1124 O O   . HOH D 4 .   ? 11.947  0.904   -9.805  1.00 25.99 ? 280 HOH A O   1 
HETATM 1125 O O   . HOH D 4 .   ? 3.388   -18.230 -0.862  1.00 26.39 ? 281 HOH A O   1 
HETATM 1126 O O   . HOH D 4 .   ? 9.649   -1.395  14.361  1.00 16.75 ? 282 HOH A O   1 
HETATM 1127 O O   . HOH D 4 .   ? 6.346   -17.750 0.931   1.00 20.16 ? 283 HOH A O   1 
HETATM 1128 O O   . HOH D 4 .   ? 3.009   -10.008 -0.981  1.00 22.65 ? 284 HOH A O   1 
HETATM 1129 O O   . HOH D 4 .   ? -12.788 -4.344  -3.993  1.00 26.01 ? 285 HOH A O   1 
HETATM 1130 O O   . HOH D 4 .   ? -12.793 -3.423  7.416   1.00 22.16 ? 286 HOH A O   1 
HETATM 1131 O O   . HOH D 4 .   ? -9.705  -10.026 -1.900  1.00 26.78 ? 287 HOH A O   1 
HETATM 1132 O O   . HOH D 4 .   ? -2.216  9.345   10.695  1.00 25.17 ? 288 HOH A O   1 
HETATM 1133 O O   . HOH D 4 .   ? -14.643 -1.507  7.269   1.00 26.07 ? 289 HOH A O   1 
HETATM 1134 O O   . HOH D 4 .   ? -1.086  -14.574 3.505   1.00 24.71 ? 290 HOH A O   1 
HETATM 1135 O O   . HOH D 4 .   ? 0.468   -1.387  -12.154 1.00 24.60 ? 291 HOH A O   1 
HETATM 1136 O O   . HOH D 4 .   ? 20.725  -8.571  -0.863  0.5  25.70 ? 292 HOH A O   1 
HETATM 1137 O O   . HOH D 4 .   ? -19.567 6.231   -7.474  1.00 27.47 ? 293 HOH A O   1 
HETATM 1138 O O   . HOH D 4 .   ? -18.728 14.466  2.030   1.00 28.70 ? 294 HOH A O   1 
HETATM 1139 O O   . HOH D 4 .   ? 2.837   -6.660  -13.259 1.00 25.73 ? 295 HOH A O   1 
HETATM 1140 O O   . HOH D 4 .   ? -13.735 2.527   10.113  1.00 23.85 ? 296 HOH A O   1 
HETATM 1141 O O   . HOH D 4 .   ? 2.209   7.288   13.507  1.00 26.93 ? 297 HOH A O   1 
HETATM 1142 O O   . HOH D 4 .   ? -2.447  -7.307  -10.029 1.00 24.91 ? 298 HOH A O   1 
HETATM 1143 O O   . HOH D 4 .   ? 20.003  -12.066 -3.557  1.00 28.44 ? 299 HOH A O   1 
HETATM 1144 O O   . HOH D 4 .   ? 0.054   2.583   12.422  1.00 28.48 ? 300 HOH A O   1 
HETATM 1145 O O   . HOH D 4 .   ? 12.237  5.126   14.164  1.00 27.51 ? 301 HOH A O   1 
HETATM 1146 O O   . HOH D 4 .   ? -0.521  -13.698 0.855   1.00 27.92 ? 302 HOH A O   1 
# 
